data_1Z2I
#
_entry.id   1Z2I
#
_cell.length_a   98.220
_cell.length_b   98.220
_cell.length_c   146.470
_cell.angle_alpha   90.00
_cell.angle_beta   90.00
_cell.angle_gamma   120.00
#
_symmetry.space_group_name_H-M   'P 31'
#
loop_
_entity.id
_entity.type
_entity.pdbx_description
1 polymer 'malate dehydrogenase'
2 non-polymer NICOTINAMIDE-ADENINE-DINUCLEOTIDE
3 water water
#
_entity_poly.entity_id   1
_entity_poly.type   'polypeptide(L)'
_entity_poly.pdbx_seq_one_letter_code
;MAHGNEKATVLARLDELERFCRAVFLAVGTDEETADAATRAMMHGTRLGVDSHGVRLLAHYVTALEGGRLNRRPQISRVS
GFGAVETIDADHAHGARATYAAMENAMALAEKFGIGAVAIRNSSHFGPAGAYALEAARQGYIGLAFCNSDSFVRLHDGAM
RFHGTNPIAVGVPAADDMPWLLDMATSAVPYNRVLLYRSLGQQLPQGVASDGDGVDTRDPNAVEMLAPVGGEFGFKGAAL
AGVVEIFSAVLTGMRLSFDLAPMGGPDFSTPRGLGAFVLALKPEAFLERDVFDESMKRYLEVLRGSPAREDCKVMAPGDR
EWAVAAKREREGAPVDPVTRAAFSELAEKFSVSPPTYH
;
_entity_poly.pdbx_strand_id   A,B,C,D
#
loop_
_chem_comp.id
_chem_comp.type
_chem_comp.name
_chem_comp.formula
NAD non-polymer NICOTINAMIDE-ADENINE-DINUCLEOTIDE 'C21 H27 N7 O14 P2'
#
# COMPACT_ATOMS: atom_id res chain seq x y z
N THR A 9 43.61 19.00 33.39
CA THR A 9 42.15 19.36 33.49
C THR A 9 41.67 19.28 34.94
N VAL A 10 40.75 20.17 35.30
CA VAL A 10 40.23 20.20 36.66
C VAL A 10 38.84 20.86 36.66
N LEU A 11 38.21 20.97 37.83
CA LEU A 11 36.86 21.56 37.93
C LEU A 11 36.82 22.98 38.49
N ALA A 12 35.73 23.67 38.20
CA ALA A 12 35.54 25.05 38.65
C ALA A 12 34.09 25.29 39.08
N ARG A 13 33.89 26.03 40.18
CA ARG A 13 32.55 26.34 40.67
C ARG A 13 31.85 27.29 39.70
N LEU A 14 30.54 27.10 39.52
CA LEU A 14 29.77 27.92 38.60
C LEU A 14 29.66 29.40 39.03
N ASP A 15 29.93 29.67 40.30
CA ASP A 15 29.89 31.04 40.80
C ASP A 15 31.27 31.64 40.62
N GLU A 16 32.28 30.79 40.79
CA GLU A 16 33.67 31.18 40.66
C GLU A 16 33.94 31.62 39.22
N LEU A 17 33.34 30.90 38.27
CA LEU A 17 33.49 31.20 36.84
C LEU A 17 32.62 32.38 36.46
N GLU A 18 31.44 32.43 37.06
CA GLU A 18 30.47 33.48 36.80
C GLU A 18 31.02 34.83 37.22
N ARG A 19 31.46 34.91 38.48
CA ARG A 19 31.99 36.15 39.03
C ARG A 19 33.21 36.61 38.26
N PHE A 20 34.00 35.64 37.81
CA PHE A 20 35.21 35.92 37.05
C PHE A 20 34.91 36.57 35.70
N CYS A 21 33.95 36.00 34.96
CA CYS A 21 33.59 36.53 33.65
C CYS A 21 33.06 37.95 33.74
N ARG A 22 32.22 38.18 34.75
CA ARG A 22 31.63 39.49 34.97
C ARG A 22 32.72 40.49 35.32
N ALA A 23 33.65 40.04 36.17
CA ALA A 23 34.76 40.87 36.62
C ALA A 23 35.61 41.33 35.44
N VAL A 24 35.89 40.40 34.53
CA VAL A 24 36.71 40.70 33.36
C VAL A 24 36.02 41.67 32.43
N PHE A 25 34.73 41.47 32.18
CA PHE A 25 33.97 42.37 31.29
C PHE A 25 33.98 43.80 31.79
N LEU A 26 33.79 43.97 33.09
CA LEU A 26 33.79 45.29 33.71
C LEU A 26 35.17 45.93 33.57
N ALA A 27 36.20 45.10 33.68
CA ALA A 27 37.59 45.53 33.58
C ALA A 27 37.92 46.06 32.18
N VAL A 28 37.19 45.54 31.19
CA VAL A 28 37.39 45.98 29.81
C VAL A 28 36.69 47.33 29.62
N GLY A 29 35.99 47.77 30.67
CA GLY A 29 35.28 49.04 30.61
C GLY A 29 33.91 48.89 30.02
N THR A 30 33.29 47.75 30.27
CA THR A 30 31.97 47.43 29.74
C THR A 30 30.84 47.85 30.70
N ASP A 31 29.63 47.97 30.14
CA ASP A 31 28.41 48.31 30.87
C ASP A 31 28.21 47.33 32.01
N GLU A 32 27.40 47.68 32.99
CA GLU A 32 27.17 46.73 34.07
C GLU A 32 26.17 45.69 33.58
N GLU A 33 25.24 46.13 32.74
CA GLU A 33 24.23 45.22 32.18
C GLU A 33 24.81 44.37 31.05
N THR A 34 25.81 44.92 30.34
CA THR A 34 26.47 44.20 29.24
C THR A 34 27.37 43.10 29.82
N ALA A 35 27.79 43.29 31.06
CA ALA A 35 28.65 42.33 31.75
C ALA A 35 27.81 41.19 32.32
N ASP A 36 26.63 41.55 32.83
CA ASP A 36 25.72 40.56 33.40
C ASP A 36 25.12 39.70 32.30
N ALA A 37 24.66 40.34 31.25
CA ALA A 37 24.06 39.65 30.11
C ALA A 37 25.02 38.72 29.40
N ALA A 38 26.27 39.16 29.22
CA ALA A 38 27.29 38.36 28.54
C ALA A 38 27.80 37.17 29.36
N THR A 39 27.71 37.28 30.68
CA THR A 39 28.15 36.21 31.56
C THR A 39 27.03 35.17 31.73
N ARG A 40 25.78 35.60 31.60
CA ARG A 40 24.64 34.69 31.72
C ARG A 40 24.58 33.75 30.53
N ALA A 41 24.83 34.31 29.35
CA ALA A 41 24.82 33.56 28.11
C ALA A 41 25.87 32.47 28.14
N MET A 42 27.07 32.82 28.61
CA MET A 42 28.17 31.88 28.71
C MET A 42 27.98 30.89 29.84
N MET A 43 27.48 31.37 30.99
CA MET A 43 27.22 30.49 32.12
C MET A 43 26.12 29.50 31.75
N HIS A 44 25.22 29.94 30.87
CA HIS A 44 24.12 29.10 30.40
C HIS A 44 24.71 27.92 29.67
N GLY A 45 25.60 28.20 28.73
CA GLY A 45 26.25 27.14 27.97
C GLY A 45 27.13 26.22 28.80
N THR A 46 27.85 26.79 29.74
CA THR A 46 28.73 26.03 30.61
C THR A 46 27.95 25.14 31.57
N ARG A 47 26.83 25.66 32.07
CA ARG A 47 26.00 24.89 33.00
C ARG A 47 25.25 23.76 32.28
N LEU A 48 24.81 24.01 31.05
CA LEU A 48 24.08 23.02 30.28
C LEU A 48 24.93 22.07 29.45
N GLY A 49 26.26 22.15 29.59
CA GLY A 49 27.13 21.26 28.86
C GLY A 49 27.43 21.61 27.41
N VAL A 50 26.86 22.69 26.91
CA VAL A 50 27.14 23.13 25.54
C VAL A 50 28.35 24.08 25.63
N ASP A 51 29.49 23.47 25.96
CA ASP A 51 30.76 24.16 26.14
C ASP A 51 31.27 24.91 24.93
N SER A 52 30.78 24.52 23.76
CA SER A 52 31.18 25.19 22.51
C SER A 52 30.79 26.66 22.60
N HIS A 53 29.76 26.92 23.39
CA HIS A 53 29.25 28.27 23.60
C HIS A 53 29.21 28.62 25.08
N GLY A 54 30.22 28.16 25.82
CA GLY A 54 30.30 28.44 27.25
C GLY A 54 31.25 29.56 27.59
N VAL A 55 32.00 29.40 28.68
CA VAL A 55 32.95 30.43 29.11
C VAL A 55 34.23 30.49 28.28
N ARG A 56 34.42 29.52 27.41
CA ARG A 56 35.60 29.51 26.56
C ARG A 56 35.46 30.63 25.53
N LEU A 57 34.27 31.22 25.46
CA LEU A 57 34.01 32.31 24.53
C LEU A 57 34.43 33.65 25.07
N LEU A 58 34.84 33.68 26.34
CA LEU A 58 35.27 34.92 27.01
C LEU A 58 36.42 35.54 26.24
N ALA A 59 37.41 34.70 25.94
CA ALA A 59 38.61 35.13 25.23
C ALA A 59 38.26 35.90 23.98
N HIS A 60 37.30 35.41 23.23
CA HIS A 60 36.88 36.07 22.00
C HIS A 60 36.13 37.40 22.22
N TYR A 61 35.22 37.41 23.19
CA TYR A 61 34.45 38.60 23.48
C TYR A 61 35.29 39.78 23.94
N VAL A 62 36.25 39.54 24.82
CA VAL A 62 37.11 40.63 25.27
C VAL A 62 37.93 41.17 24.08
N THR A 63 38.26 40.28 23.15
CA THR A 63 39.03 40.65 21.96
C THR A 63 38.18 41.49 21.01
N ALA A 64 36.90 41.13 20.91
CA ALA A 64 35.98 41.87 20.05
C ALA A 64 35.66 43.23 20.66
N LEU A 65 35.62 43.28 21.99
CA LEU A 65 35.33 44.52 22.72
C LEU A 65 36.51 45.48 22.62
N GLU A 66 37.70 45.00 22.97
CA GLU A 66 38.91 45.80 22.91
C GLU A 66 39.23 46.24 21.49
N GLY A 67 38.92 45.37 20.53
CA GLY A 67 39.15 45.67 19.13
C GLY A 67 38.21 46.78 18.67
N GLY A 68 37.03 46.81 19.26
CA GLY A 68 36.04 47.81 18.91
C GLY A 68 34.85 47.26 18.18
N ARG A 69 34.84 45.95 17.91
CA ARG A 69 33.73 45.32 17.22
C ARG A 69 32.47 45.37 18.08
N LEU A 70 32.62 45.02 19.35
CA LEU A 70 31.48 45.05 20.28
C LEU A 70 31.50 46.31 21.12
N ASN A 71 30.40 47.07 21.09
CA ASN A 71 30.26 48.31 21.87
C ASN A 71 30.20 47.98 23.37
N ARG A 72 31.04 48.64 24.15
CA ARG A 72 31.10 48.42 25.59
C ARG A 72 29.89 49.02 26.31
N ARG A 73 29.35 50.10 25.74
CA ARG A 73 28.20 50.76 26.35
C ARG A 73 27.11 51.05 25.33
N PRO A 74 26.43 49.98 24.87
CA PRO A 74 25.35 50.03 23.89
C PRO A 74 24.07 50.73 24.35
N GLN A 75 23.50 51.52 23.46
CA GLN A 75 22.27 52.24 23.73
C GLN A 75 21.15 51.57 22.93
N ILE A 76 20.61 50.49 23.51
CA ILE A 76 19.53 49.74 22.87
C ILE A 76 18.27 50.60 22.75
N SER A 77 17.77 50.78 21.53
CA SER A 77 16.57 51.58 21.31
C SER A 77 15.62 51.03 20.24
N ARG A 78 14.32 51.29 20.40
CA ARG A 78 13.34 50.81 19.44
C ARG A 78 13.11 51.84 18.35
N VAL A 79 13.51 51.48 17.13
CA VAL A 79 13.33 52.36 15.98
C VAL A 79 11.84 52.50 15.64
N SER A 80 11.06 51.46 15.88
CA SER A 80 9.62 51.48 15.62
C SER A 80 8.91 50.36 16.37
N GLY A 81 7.60 50.27 16.16
CA GLY A 81 6.83 49.24 16.82
C GLY A 81 5.39 49.61 17.09
N PHE A 82 4.48 48.76 16.63
CA PHE A 82 3.06 48.97 16.83
C PHE A 82 2.40 47.63 17.15
N GLY A 83 1.47 47.65 18.08
CA GLY A 83 0.81 46.42 18.46
C GLY A 83 1.75 45.60 19.31
N ALA A 84 1.83 44.30 19.01
CA ALA A 84 2.70 43.41 19.77
C ALA A 84 4.06 43.16 19.12
N VAL A 85 4.48 44.06 18.24
CA VAL A 85 5.77 43.93 17.59
C VAL A 85 6.57 45.24 17.69
N GLU A 86 7.85 45.14 17.39
CA GLU A 86 8.77 46.28 17.40
C GLU A 86 10.15 45.84 16.99
N THR A 87 10.87 46.73 16.32
CA THR A 87 12.23 46.44 15.90
C THR A 87 13.18 47.23 16.82
N ILE A 88 14.13 46.53 17.40
CA ILE A 88 15.10 47.11 18.31
C ILE A 88 16.48 47.25 17.68
N ASP A 89 17.11 48.40 17.90
CA ASP A 89 18.45 48.64 17.39
C ASP A 89 19.41 48.56 18.58
N ALA A 90 20.10 47.44 18.67
CA ALA A 90 21.03 47.17 19.76
C ALA A 90 22.25 48.11 19.89
N ASP A 91 22.51 48.90 18.85
CA ASP A 91 23.65 49.82 18.84
C ASP A 91 24.99 49.07 18.90
N HIS A 92 25.09 48.01 18.11
CA HIS A 92 26.31 47.18 18.03
C HIS A 92 26.66 46.51 19.36
N ALA A 93 25.64 46.25 20.17
CA ALA A 93 25.80 45.62 21.47
C ALA A 93 26.25 44.16 21.44
N HIS A 94 26.74 43.65 22.58
CA HIS A 94 27.13 42.25 22.55
C HIS A 94 25.84 41.46 22.38
N GLY A 95 25.88 40.40 21.60
CA GLY A 95 24.71 39.59 21.35
C GLY A 95 23.80 39.31 22.53
N ALA A 96 24.37 38.81 23.62
CA ALA A 96 23.60 38.50 24.82
C ALA A 96 22.85 39.70 25.37
N ARG A 97 23.48 40.86 25.34
CA ARG A 97 22.86 42.08 25.85
C ARG A 97 21.70 42.52 24.95
N ALA A 98 21.91 42.45 23.65
CA ALA A 98 20.91 42.84 22.67
C ALA A 98 19.71 41.90 22.63
N THR A 99 19.94 40.63 22.90
CA THR A 99 18.87 39.64 22.84
C THR A 99 18.15 39.41 24.17
N TYR A 100 18.87 39.56 25.29
CA TYR A 100 18.26 39.40 26.61
C TYR A 100 17.30 40.56 26.82
N ALA A 101 17.67 41.71 26.25
CA ALA A 101 16.88 42.93 26.33
C ALA A 101 15.67 42.82 25.43
N ALA A 102 15.86 42.27 24.24
CA ALA A 102 14.76 42.11 23.29
C ALA A 102 13.73 41.10 23.82
N MET A 103 14.20 40.10 24.56
CA MET A 103 13.32 39.08 25.10
C MET A 103 12.45 39.59 26.25
N GLU A 104 13.01 40.43 27.12
CA GLU A 104 12.22 40.99 28.22
C GLU A 104 11.13 41.90 27.64
N ASN A 105 11.38 42.41 26.44
CA ASN A 105 10.42 43.27 25.74
C ASN A 105 9.34 42.41 25.10
N ALA A 106 9.75 41.29 24.51
CA ALA A 106 8.82 40.38 23.87
C ALA A 106 7.92 39.78 24.94
N MET A 107 8.45 39.58 26.14
CA MET A 107 7.68 39.04 27.25
C MET A 107 6.70 40.09 27.71
N ALA A 108 7.16 41.33 27.76
CA ALA A 108 6.33 42.46 28.16
C ALA A 108 5.17 42.65 27.20
N LEU A 109 5.44 42.50 25.91
CA LEU A 109 4.42 42.63 24.88
C LEU A 109 3.46 41.45 24.91
N ALA A 110 3.97 40.29 25.32
CA ALA A 110 3.16 39.08 25.41
C ALA A 110 2.18 39.17 26.56
N GLU A 111 2.59 39.85 27.63
CA GLU A 111 1.74 40.02 28.79
C GLU A 111 0.59 40.96 28.43
N LYS A 112 0.80 41.77 27.40
CA LYS A 112 -0.21 42.73 26.98
C LYS A 112 -1.03 42.31 25.74
N PHE A 113 -0.44 41.48 24.88
CA PHE A 113 -1.15 41.05 23.67
C PHE A 113 -1.20 39.54 23.43
N GLY A 114 -0.77 38.75 24.40
CA GLY A 114 -0.78 37.31 24.24
C GLY A 114 0.51 36.82 23.59
N ILE A 115 1.07 37.65 22.72
CA ILE A 115 2.33 37.35 22.03
C ILE A 115 3.21 38.58 21.91
N GLY A 116 4.49 38.35 21.69
CA GLY A 116 5.44 39.44 21.53
C GLY A 116 6.53 39.02 20.58
N ALA A 117 6.71 39.80 19.53
CA ALA A 117 7.75 39.53 18.54
C ALA A 117 8.64 40.77 18.45
N VAL A 118 9.96 40.57 18.46
CA VAL A 118 10.88 41.68 18.37
C VAL A 118 12.03 41.42 17.39
N ALA A 119 12.21 42.34 16.45
CA ALA A 119 13.27 42.23 15.46
C ALA A 119 14.48 42.92 16.07
N ILE A 120 15.63 42.25 16.07
CA ILE A 120 16.85 42.81 16.64
C ILE A 120 17.78 43.31 15.54
N ARG A 121 18.24 44.55 15.67
CA ARG A 121 19.14 45.15 14.70
C ARG A 121 20.51 45.45 15.29
N ASN A 122 21.52 45.52 14.42
CA ASN A 122 22.90 45.82 14.79
C ASN A 122 23.35 45.11 16.05
N SER A 123 23.28 43.79 16.01
CA SER A 123 23.68 42.99 17.16
C SER A 123 24.94 42.23 16.81
N SER A 124 25.23 41.19 17.59
CA SER A 124 26.41 40.38 17.36
C SER A 124 26.20 38.96 17.90
N HIS A 125 27.23 38.13 17.80
CA HIS A 125 27.17 36.75 18.28
C HIS A 125 26.60 36.70 19.68
N PHE A 126 25.56 35.89 19.88
CA PHE A 126 24.93 35.80 21.19
C PHE A 126 25.11 34.49 21.93
N GLY A 127 26.13 33.73 21.58
CA GLY A 127 26.36 32.47 22.27
C GLY A 127 25.22 31.51 22.02
N PRO A 128 24.83 30.70 23.02
CA PRO A 128 23.74 29.74 22.83
C PRO A 128 22.36 30.41 22.70
N ALA A 129 21.66 30.07 21.63
CA ALA A 129 20.33 30.61 21.35
C ALA A 129 19.32 30.24 22.43
N GLY A 130 19.55 29.10 23.09
CA GLY A 130 18.66 28.66 24.15
C GLY A 130 18.66 29.52 25.39
N ALA A 131 19.68 30.35 25.56
CA ALA A 131 19.79 31.21 26.72
C ALA A 131 18.56 32.10 26.85
N TYR A 132 18.16 32.69 25.73
CA TYR A 132 17.02 33.60 25.67
C TYR A 132 15.71 32.87 25.68
N ALA A 133 15.66 31.74 24.97
CA ALA A 133 14.46 30.94 24.91
C ALA A 133 14.14 30.41 26.30
N LEU A 134 15.18 29.92 26.99
CA LEU A 134 15.05 29.38 28.33
C LEU A 134 14.64 30.45 29.33
N GLU A 135 14.99 31.70 29.02
CA GLU A 135 14.65 32.81 29.89
C GLU A 135 13.14 33.02 29.94
N ALA A 136 12.51 32.95 28.77
CA ALA A 136 11.07 33.12 28.66
C ALA A 136 10.35 31.97 29.36
N ALA A 137 10.90 30.77 29.24
CA ALA A 137 10.33 29.58 29.87
C ALA A 137 10.36 29.71 31.38
N ARG A 138 11.46 30.23 31.90
CA ARG A 138 11.61 30.44 33.34
C ARG A 138 10.57 31.48 33.77
N GLN A 139 10.22 32.36 32.86
CA GLN A 139 9.23 33.40 33.11
C GLN A 139 7.79 32.97 32.86
N GLY A 140 7.61 31.77 32.30
CA GLY A 140 6.27 31.27 32.06
C GLY A 140 5.70 31.51 30.68
N TYR A 141 6.56 31.86 29.74
CA TYR A 141 6.12 32.08 28.37
C TYR A 141 6.81 31.06 27.49
N ILE A 142 6.40 31.02 26.23
CA ILE A 142 7.03 30.14 25.26
C ILE A 142 7.91 31.06 24.43
N GLY A 143 9.22 30.83 24.54
CA GLY A 143 10.16 31.72 23.83
C GLY A 143 10.82 31.10 22.62
N LEU A 144 11.03 31.93 21.60
CA LEU A 144 11.66 31.52 20.35
C LEU A 144 12.86 32.42 20.12
N ALA A 145 13.89 31.87 19.49
CA ALA A 145 15.10 32.62 19.19
C ALA A 145 15.70 32.18 17.87
N PHE A 146 15.82 33.14 16.95
CA PHE A 146 16.39 32.91 15.63
C PHE A 146 17.56 33.87 15.41
N CYS A 147 18.53 33.43 14.61
CA CYS A 147 19.69 34.25 14.27
C CYS A 147 20.51 33.53 13.22
N ASN A 148 21.31 34.30 12.49
CA ASN A 148 22.16 33.75 11.46
C ASN A 148 23.62 34.03 11.79
N SER A 149 24.50 33.73 10.85
CA SER A 149 25.92 33.94 11.02
C SER A 149 26.58 33.87 9.66
N ASP A 150 27.90 34.01 9.61
CA ASP A 150 28.59 33.93 8.33
C ASP A 150 28.45 32.52 7.77
N SER A 151 28.26 32.43 6.46
CA SER A 151 28.06 31.18 5.76
C SER A 151 29.00 30.03 6.12
N PHE A 152 28.41 28.87 6.38
CA PHE A 152 29.14 27.65 6.74
C PHE A 152 28.48 26.41 6.18
N VAL A 153 27.15 26.43 6.09
CA VAL A 153 26.41 25.27 5.60
C VAL A 153 25.86 25.41 4.20
N ARG A 154 26.00 24.34 3.42
CA ARG A 154 25.52 24.32 2.04
C ARG A 154 24.03 23.98 1.96
N LEU A 155 23.45 24.18 0.79
CA LEU A 155 22.05 23.86 0.55
C LEU A 155 22.05 22.37 0.20
N HIS A 156 20.87 21.73 0.17
CA HIS A 156 20.84 20.33 -0.23
C HIS A 156 21.35 20.31 -1.67
N ASP A 157 22.33 19.43 -1.95
CA ASP A 157 22.93 19.33 -3.28
C ASP A 157 23.74 20.59 -3.64
N GLY A 158 24.20 21.33 -2.64
CA GLY A 158 24.97 22.54 -2.89
C GLY A 158 26.48 22.30 -2.94
N ALA A 159 27.22 23.25 -3.51
CA ALA A 159 28.68 23.14 -3.60
C ALA A 159 29.35 24.41 -3.09
N MET A 160 28.81 24.99 -2.02
CA MET A 160 29.34 26.22 -1.42
C MET A 160 28.68 26.50 -0.08
N ARG A 161 29.41 27.14 0.84
CA ARG A 161 28.86 27.53 2.12
C ARG A 161 27.76 28.53 1.79
N PHE A 162 26.57 28.33 2.32
CA PHE A 162 25.47 29.22 2.02
C PHE A 162 24.85 29.87 3.25
N HIS A 163 24.19 29.07 4.07
CA HIS A 163 23.55 29.58 5.28
C HIS A 163 24.55 29.50 6.43
N GLY A 164 24.26 30.22 7.51
CA GLY A 164 25.11 30.14 8.68
C GLY A 164 24.65 28.89 9.43
N THR A 165 25.02 28.69 10.68
CA THR A 165 24.56 27.47 11.34
C THR A 165 23.17 27.76 11.90
N ASN A 166 22.63 28.92 11.51
CA ASN A 166 21.31 29.43 11.83
C ASN A 166 20.54 28.58 12.83
N PRO A 167 20.77 28.80 14.13
CA PRO A 167 20.10 28.03 15.18
C PRO A 167 18.61 28.34 15.42
N ILE A 168 17.95 27.38 16.06
CA ILE A 168 16.53 27.48 16.43
C ILE A 168 16.44 27.10 17.91
N ALA A 169 15.85 27.96 18.71
CA ALA A 169 15.69 27.68 20.13
C ALA A 169 14.25 27.93 20.58
N VAL A 170 13.65 26.93 21.21
CA VAL A 170 12.29 27.05 21.71
C VAL A 170 12.24 26.57 23.15
N GLY A 171 11.78 27.44 24.04
CA GLY A 171 11.69 27.10 25.46
C GLY A 171 10.25 27.14 25.94
N VAL A 172 9.79 26.03 26.51
CA VAL A 172 8.42 25.96 26.98
C VAL A 172 8.42 25.64 28.48
N PRO A 173 7.61 26.38 29.27
CA PRO A 173 7.50 26.17 30.71
C PRO A 173 7.05 24.76 31.03
N ALA A 174 7.61 24.18 32.09
CA ALA A 174 7.22 22.85 32.50
C ALA A 174 6.08 22.97 33.52
N ALA A 175 6.25 22.35 34.67
CA ALA A 175 5.24 22.40 35.73
C ALA A 175 5.96 22.42 37.08
N ASP A 176 6.55 21.29 37.43
CA ASP A 176 7.29 21.16 38.68
C ASP A 176 8.68 20.62 38.37
N ASP A 177 9.18 20.99 37.20
CA ASP A 177 10.51 20.59 36.77
C ASP A 177 11.07 21.59 35.77
N MET A 178 12.21 21.27 35.19
CA MET A 178 12.87 22.16 34.25
C MET A 178 12.10 22.27 32.95
N PRO A 179 12.08 23.47 32.35
CA PRO A 179 11.40 23.78 31.09
C PRO A 179 11.86 22.92 29.91
N TRP A 180 10.94 22.74 28.97
CA TRP A 180 11.21 21.99 27.75
C TRP A 180 12.07 22.91 26.88
N LEU A 181 13.29 22.51 26.55
CA LEU A 181 14.16 23.36 25.75
C LEU A 181 14.85 22.73 24.54
N LEU A 182 14.65 23.36 23.40
CA LEU A 182 15.26 23.00 22.12
C LEU A 182 16.18 24.13 21.67
N ASP A 183 17.43 23.74 21.46
CA ASP A 183 18.51 24.62 21.04
C ASP A 183 19.33 23.81 20.06
N MET A 184 19.16 24.09 18.78
CA MET A 184 19.85 23.35 17.74
C MET A 184 20.18 24.08 16.45
N ALA A 185 21.39 23.90 15.95
CA ALA A 185 21.81 24.55 14.73
C ALA A 185 21.03 23.85 13.63
N THR A 186 20.73 24.54 12.54
CA THR A 186 20.00 23.90 11.45
C THR A 186 20.85 22.87 10.73
N SER A 187 22.17 22.98 10.84
CA SER A 187 23.07 22.02 10.23
C SER A 187 23.10 20.79 11.13
N ALA A 188 23.44 19.64 10.56
CA ALA A 188 23.50 18.40 11.34
C ALA A 188 24.29 18.58 12.64
N VAL A 189 25.47 19.16 12.53
CA VAL A 189 26.33 19.37 13.68
C VAL A 189 26.95 20.76 13.56
N PRO A 190 27.32 21.40 14.67
CA PRO A 190 27.92 22.74 14.63
C PRO A 190 29.35 22.73 14.05
N TYR A 191 29.82 23.90 13.64
CA TYR A 191 31.14 24.01 13.02
C TYR A 191 32.34 23.64 13.89
N ASN A 192 32.32 24.04 15.16
CA ASN A 192 33.42 23.72 16.07
C ASN A 192 33.74 22.23 16.12
N ARG A 193 32.77 21.41 15.75
CA ARG A 193 32.94 19.97 15.74
C ARG A 193 33.98 19.51 14.73
N VAL A 194 34.10 20.23 13.62
CA VAL A 194 35.09 19.86 12.59
C VAL A 194 36.47 20.22 13.12
N LEU A 195 36.55 21.35 13.83
CA LEU A 195 37.80 21.82 14.41
C LEU A 195 38.30 20.84 15.45
N LEU A 196 37.36 20.33 16.25
CA LEU A 196 37.69 19.37 17.29
C LEU A 196 38.20 18.07 16.68
N TYR A 197 37.48 17.55 15.71
CA TYR A 197 37.87 16.31 15.04
C TYR A 197 39.17 16.47 14.27
N ARG A 198 39.38 17.66 13.68
CA ARG A 198 40.60 17.95 12.95
C ARG A 198 41.76 17.96 13.95
N SER A 199 41.49 18.45 15.16
CA SER A 199 42.47 18.52 16.22
C SER A 199 42.86 17.14 16.72
N LEU A 200 41.86 16.28 16.90
CA LEU A 200 42.10 14.92 17.40
C LEU A 200 42.53 13.97 16.29
N GLY A 201 42.38 14.39 15.04
CA GLY A 201 42.76 13.56 13.91
C GLY A 201 41.80 12.42 13.60
N GLN A 202 40.55 12.58 14.04
CA GLN A 202 39.53 11.56 13.82
C GLN A 202 38.54 11.96 12.72
N GLN A 203 37.88 10.97 12.12
CA GLN A 203 36.92 11.27 11.08
C GLN A 203 35.54 11.61 11.62
N LEU A 204 34.89 12.55 10.97
CA LEU A 204 33.57 13.01 11.35
C LEU A 204 32.50 11.96 11.05
N PRO A 205 31.29 12.13 11.61
CA PRO A 205 30.23 11.18 11.33
C PRO A 205 29.81 11.39 9.89
N GLN A 206 29.22 10.37 9.29
CA GLN A 206 28.78 10.46 7.90
C GLN A 206 27.66 11.48 7.73
N GLY A 207 27.71 12.25 6.65
CA GLY A 207 26.69 13.22 6.34
C GLY A 207 26.67 14.55 7.08
N VAL A 208 27.74 14.88 7.82
CA VAL A 208 27.79 16.14 8.56
C VAL A 208 28.51 17.26 7.81
N ALA A 209 29.39 16.88 6.89
CA ALA A 209 30.15 17.87 6.12
C ALA A 209 30.44 17.43 4.68
N SER A 210 30.87 18.38 3.87
CA SER A 210 31.18 18.13 2.48
C SER A 210 32.48 18.82 2.08
N ASP A 211 33.11 18.35 1.02
CA ASP A 211 34.34 18.96 0.53
C ASP A 211 33.96 20.16 -0.34
N GLY A 212 34.92 20.68 -1.10
CA GLY A 212 34.63 21.82 -1.95
C GLY A 212 33.74 21.53 -3.14
N ASP A 213 33.59 20.25 -3.48
CA ASP A 213 32.76 19.85 -4.61
C ASP A 213 31.31 19.57 -4.21
N GLY A 214 31.01 19.73 -2.93
CA GLY A 214 29.66 19.49 -2.45
C GLY A 214 29.41 18.05 -2.06
N VAL A 215 30.39 17.19 -2.28
CA VAL A 215 30.28 15.78 -1.91
C VAL A 215 30.80 15.53 -0.50
N ASP A 216 29.96 14.91 0.31
CA ASP A 216 30.28 14.61 1.69
C ASP A 216 31.63 13.96 1.90
N THR A 217 32.18 14.16 3.09
CA THR A 217 33.47 13.61 3.48
C THR A 217 33.50 13.47 5.00
N ARG A 218 34.16 12.43 5.49
CA ARG A 218 34.27 12.23 6.92
C ARG A 218 35.63 12.73 7.42
N ASP A 219 36.45 13.22 6.48
CA ASP A 219 37.78 13.75 6.81
C ASP A 219 37.63 15.23 7.17
N PRO A 220 37.88 15.57 8.45
CA PRO A 220 37.76 16.95 8.90
C PRO A 220 38.71 17.94 8.22
N ASN A 221 39.74 17.43 7.56
CA ASN A 221 40.70 18.30 6.86
C ASN A 221 40.22 18.66 5.46
N ALA A 222 39.37 17.79 4.91
CA ALA A 222 38.81 18.00 3.57
C ALA A 222 37.52 18.83 3.57
N VAL A 223 36.95 19.04 4.75
CA VAL A 223 35.71 19.79 4.90
C VAL A 223 35.83 21.26 4.50
N GLU A 224 34.84 21.74 3.77
CA GLU A 224 34.84 23.13 3.32
C GLU A 224 33.46 23.74 3.50
N MET A 225 32.57 22.98 4.12
CA MET A 225 31.19 23.42 4.37
C MET A 225 30.45 22.35 5.14
N LEU A 226 29.49 22.78 5.97
CA LEU A 226 28.68 21.86 6.76
C LEU A 226 27.43 21.46 6.00
N ALA A 227 26.92 20.26 6.28
CA ALA A 227 25.73 19.77 5.62
C ALA A 227 24.47 20.03 6.45
N PRO A 228 23.33 20.27 5.79
CA PRO A 228 22.05 20.53 6.43
C PRO A 228 21.54 19.30 7.18
N VAL A 229 20.72 19.51 8.20
CA VAL A 229 20.18 18.38 8.96
C VAL A 229 19.13 17.68 8.09
N GLY A 230 19.19 16.35 8.07
CA GLY A 230 18.26 15.57 7.27
C GLY A 230 18.88 14.57 6.33
N GLY A 231 20.18 14.70 6.07
CA GLY A 231 20.88 13.78 5.18
C GLY A 231 20.34 13.79 3.75
N GLU A 232 19.81 12.65 3.30
CA GLU A 232 19.25 12.56 1.96
C GLU A 232 18.07 13.54 1.86
N PHE A 233 17.48 13.83 3.01
CA PHE A 233 16.36 14.76 3.10
C PHE A 233 16.87 16.03 3.78
N GLY A 234 18.12 16.37 3.48
CA GLY A 234 18.73 17.55 4.06
C GLY A 234 18.05 18.82 3.59
N PHE A 235 17.27 18.72 2.51
CA PHE A 235 16.56 19.87 1.97
C PHE A 235 15.57 20.45 2.97
N LYS A 236 15.20 19.63 3.95
CA LYS A 236 14.29 20.08 5.01
C LYS A 236 15.09 20.90 6.01
N GLY A 237 16.33 20.47 6.23
CA GLY A 237 17.21 21.17 7.15
C GLY A 237 17.62 22.51 6.58
N ALA A 238 17.75 22.55 5.26
CA ALA A 238 18.13 23.76 4.54
C ALA A 238 16.96 24.75 4.46
N ALA A 239 15.75 24.21 4.46
CA ALA A 239 14.53 24.99 4.39
C ALA A 239 14.28 25.62 5.77
N LEU A 240 14.72 24.92 6.81
CA LEU A 240 14.58 25.41 8.18
C LEU A 240 15.56 26.56 8.42
N ALA A 241 16.76 26.43 7.85
CA ALA A 241 17.77 27.45 7.95
C ALA A 241 17.25 28.68 7.20
N GLY A 242 16.32 28.43 6.28
CA GLY A 242 15.74 29.51 5.50
C GLY A 242 14.74 30.33 6.29
N VAL A 243 13.92 29.66 7.11
CA VAL A 243 12.93 30.38 7.92
C VAL A 243 13.62 31.30 8.92
N VAL A 244 14.72 30.83 9.50
CA VAL A 244 15.47 31.61 10.46
C VAL A 244 16.16 32.76 9.74
N GLU A 245 16.58 32.51 8.51
CA GLU A 245 17.27 33.53 7.70
C GLU A 245 16.32 34.67 7.39
N ILE A 246 15.06 34.32 7.15
CA ILE A 246 14.04 35.30 6.85
C ILE A 246 13.71 36.13 8.09
N PHE A 247 13.58 35.49 9.24
CA PHE A 247 13.28 36.19 10.48
C PHE A 247 14.48 36.99 11.00
N SER A 248 15.67 36.45 10.81
CA SER A 248 16.90 37.07 11.28
C SER A 248 17.53 38.13 10.38
N ALA A 249 17.29 38.05 9.07
CA ALA A 249 17.90 39.00 8.13
C ALA A 249 16.95 39.80 7.24
N VAL A 250 16.06 39.12 6.52
CA VAL A 250 15.15 39.84 5.63
C VAL A 250 14.13 40.67 6.43
N LEU A 251 13.76 40.16 7.61
CA LEU A 251 12.77 40.83 8.46
C LEU A 251 13.37 41.84 9.44
N THR A 252 14.69 41.88 9.53
CA THR A 252 15.37 42.81 10.42
C THR A 252 16.09 43.91 9.65
N GLY A 253 16.39 43.65 8.38
CA GLY A 253 17.10 44.61 7.56
C GLY A 253 18.60 44.37 7.59
N MET A 254 19.04 43.43 8.42
CA MET A 254 20.45 43.08 8.54
C MET A 254 20.91 42.19 7.40
N ARG A 255 22.22 42.06 7.23
CA ARG A 255 22.80 41.26 6.16
C ARG A 255 22.51 39.76 6.25
N LEU A 256 22.33 39.13 5.09
CA LEU A 256 22.09 37.69 5.01
C LEU A 256 23.41 36.98 5.29
N SER A 257 23.36 35.69 5.62
CA SER A 257 24.56 34.90 5.95
C SER A 257 25.79 35.15 5.07
N PHE A 258 25.61 34.97 3.76
CA PHE A 258 26.70 35.13 2.80
C PHE A 258 27.24 36.54 2.65
N ASP A 259 26.53 37.51 3.22
CA ASP A 259 26.95 38.90 3.17
C ASP A 259 27.66 39.33 4.44
N LEU A 260 27.50 38.54 5.50
CA LEU A 260 28.10 38.83 6.80
C LEU A 260 29.61 38.61 6.81
N ALA A 261 30.28 39.40 7.65
CA ALA A 261 31.73 39.31 7.80
C ALA A 261 32.01 38.10 8.70
N PRO A 262 33.25 37.58 8.67
CA PRO A 262 33.65 36.43 9.49
C PRO A 262 33.47 36.64 10.98
N MET A 263 33.28 35.52 11.70
CA MET A 263 33.11 35.55 13.15
C MET A 263 34.50 35.64 13.80
N GLY A 264 35.50 35.16 13.07
CA GLY A 264 36.86 35.21 13.57
C GLY A 264 37.55 36.48 13.12
N GLY A 265 38.87 36.54 13.32
CA GLY A 265 39.62 37.72 12.91
C GLY A 265 39.83 37.81 11.41
N PRO A 266 40.78 38.64 10.95
CA PRO A 266 41.66 39.51 11.72
C PRO A 266 40.97 40.80 12.19
N ASP A 267 39.87 41.13 11.52
CA ASP A 267 39.12 42.33 11.87
C ASP A 267 38.32 42.07 13.14
N PHE A 268 38.61 42.85 14.18
CA PHE A 268 37.91 42.76 15.45
C PHE A 268 37.48 44.16 15.81
N SER A 269 37.46 45.04 14.82
CA SER A 269 37.09 46.43 15.00
C SER A 269 35.81 46.83 14.28
N THR A 270 35.68 46.42 13.02
CA THR A 270 34.49 46.75 12.24
C THR A 270 33.32 45.85 12.65
N PRO A 271 32.20 46.47 13.06
CA PRO A 271 30.99 45.78 13.49
C PRO A 271 30.36 44.97 12.36
N ARG A 272 29.86 43.79 12.70
CA ARG A 272 29.24 42.89 11.72
C ARG A 272 27.78 43.23 11.34
N GLY A 273 27.04 43.85 12.26
CA GLY A 273 25.65 44.19 12.00
C GLY A 273 24.77 42.97 11.86
N LEU A 274 24.83 42.11 12.87
CA LEU A 274 24.08 40.87 12.88
C LEU A 274 22.64 41.09 13.30
N GLY A 275 21.73 40.33 12.69
CA GLY A 275 20.33 40.44 13.02
C GLY A 275 19.86 39.20 13.77
N ALA A 276 18.75 39.34 14.48
CA ALA A 276 18.19 38.23 15.24
C ALA A 276 16.69 38.46 15.41
N PHE A 277 15.99 37.47 15.96
CA PHE A 277 14.57 37.58 16.16
C PHE A 277 14.14 36.88 17.45
N VAL A 278 13.28 37.53 18.21
CA VAL A 278 12.78 36.99 19.48
C VAL A 278 11.24 36.92 19.49
N LEU A 279 10.69 35.88 20.12
CA LEU A 279 9.24 35.71 20.17
C LEU A 279 8.77 35.15 21.51
N ALA A 280 7.62 35.62 22.01
CA ALA A 280 7.08 35.17 23.28
C ALA A 280 5.57 34.88 23.25
N LEU A 281 5.18 33.75 23.85
CA LEU A 281 3.79 33.34 23.91
C LEU A 281 3.27 33.29 25.34
N LYS A 282 2.09 33.84 25.55
CA LYS A 282 1.47 33.82 26.87
C LYS A 282 0.45 32.68 26.85
N PRO A 283 0.79 31.53 27.47
CA PRO A 283 -0.11 30.37 27.50
C PRO A 283 -1.52 30.68 28.02
N GLU A 284 -1.59 31.59 28.98
CA GLU A 284 -2.86 32.00 29.58
C GLU A 284 -3.76 32.76 28.63
N ALA A 285 -3.21 33.21 27.51
CA ALA A 285 -4.00 33.94 26.53
C ALA A 285 -4.76 33.00 25.59
N PHE A 286 -4.40 31.72 25.62
CA PHE A 286 -5.04 30.71 24.78
C PHE A 286 -5.93 29.77 25.59
N LEU A 287 -5.46 29.39 26.76
CA LEU A 287 -6.21 28.49 27.62
C LEU A 287 -5.91 28.59 29.11
N GLU A 288 -6.62 27.78 29.88
CA GLU A 288 -6.44 27.71 31.32
C GLU A 288 -5.04 27.15 31.54
N ARG A 289 -4.23 27.82 32.34
CA ARG A 289 -2.87 27.36 32.61
C ARG A 289 -2.86 25.98 33.25
N ASP A 290 -3.95 25.64 33.95
CA ASP A 290 -4.03 24.35 34.63
C ASP A 290 -4.15 23.21 33.62
N VAL A 291 -4.76 23.50 32.47
CA VAL A 291 -4.91 22.48 31.42
C VAL A 291 -3.68 22.45 30.50
N PHE A 292 -2.85 23.49 30.58
CA PHE A 292 -1.64 23.59 29.78
C PHE A 292 -0.52 22.78 30.44
N ASP A 293 -0.46 22.86 31.77
CA ASP A 293 0.54 22.15 32.56
C ASP A 293 0.27 20.66 32.65
N GLU A 294 -1.01 20.30 32.74
CA GLU A 294 -1.39 18.91 32.84
C GLU A 294 -1.10 18.19 31.51
N SER A 295 -1.26 18.92 30.41
CA SER A 295 -1.00 18.36 29.07
C SER A 295 0.50 18.24 28.85
N MET A 296 1.24 19.25 29.29
CA MET A 296 2.68 19.24 29.15
C MET A 296 3.24 18.14 30.05
N LYS A 297 2.68 18.03 31.25
CA LYS A 297 3.12 17.02 32.21
C LYS A 297 2.92 15.63 31.65
N ARG A 298 1.74 15.39 31.08
CA ARG A 298 1.43 14.10 30.49
C ARG A 298 2.30 13.83 29.27
N TYR A 299 2.50 14.88 28.48
CA TYR A 299 3.33 14.78 27.28
C TYR A 299 4.75 14.30 27.61
N LEU A 300 5.36 14.88 28.63
CA LEU A 300 6.71 14.52 29.06
C LEU A 300 6.76 13.20 29.82
N GLU A 301 5.72 12.92 30.59
CA GLU A 301 5.64 11.68 31.36
C GLU A 301 5.69 10.50 30.40
N VAL A 302 4.87 10.57 29.36
CA VAL A 302 4.76 9.52 28.36
C VAL A 302 6.02 9.42 27.50
N LEU A 303 6.57 10.57 27.12
CA LEU A 303 7.77 10.62 26.28
C LEU A 303 8.92 9.89 26.93
N ARG A 304 9.27 10.31 28.13
CA ARG A 304 10.37 9.71 28.87
C ARG A 304 10.10 8.25 29.21
N GLY A 305 8.83 7.88 29.27
CA GLY A 305 8.49 6.50 29.57
C GLY A 305 8.34 5.62 28.35
N SER A 306 8.46 6.25 27.17
CA SER A 306 8.34 5.56 25.89
C SER A 306 9.39 4.46 25.72
N PRO A 307 9.05 3.39 24.97
CA PRO A 307 9.96 2.28 24.73
C PRO A 307 11.15 2.74 23.89
N ALA A 308 12.33 2.23 24.21
CA ALA A 308 13.55 2.59 23.50
C ALA A 308 14.20 1.40 22.80
N ARG A 309 15.22 1.68 22.01
CA ARG A 309 15.97 0.66 21.28
C ARG A 309 16.87 -0.10 22.26
N GLU A 310 17.71 -0.99 21.75
CA GLU A 310 18.62 -1.75 22.62
C GLU A 310 19.64 -0.88 23.34
N ASP A 311 19.60 -0.92 24.67
CA ASP A 311 20.51 -0.15 25.52
C ASP A 311 20.50 1.35 25.24
N CYS A 312 19.38 1.84 24.74
CA CYS A 312 19.24 3.26 24.44
C CYS A 312 18.27 3.88 25.43
N LYS A 313 18.13 5.20 25.33
CA LYS A 313 17.23 5.92 26.20
C LYS A 313 16.60 7.05 25.40
N VAL A 314 15.33 7.29 25.67
CA VAL A 314 14.61 8.36 24.99
C VAL A 314 14.53 9.53 25.95
N MET A 315 14.56 10.75 25.40
CA MET A 315 14.47 11.94 26.23
C MET A 315 13.91 13.12 25.45
N ALA A 316 13.37 14.09 26.16
CA ALA A 316 12.82 15.28 25.55
C ALA A 316 13.93 16.30 25.34
N PRO A 317 13.69 17.32 24.51
CA PRO A 317 14.71 18.34 24.26
C PRO A 317 15.04 19.10 25.56
N GLY A 318 16.31 19.08 25.93
CA GLY A 318 16.72 19.76 27.14
C GLY A 318 17.02 18.79 28.26
N ASP A 319 16.52 17.56 28.15
CA ASP A 319 16.74 16.54 29.16
C ASP A 319 18.22 16.22 29.37
N ARG A 320 19.00 16.23 28.29
CA ARG A 320 20.42 15.95 28.37
C ARG A 320 21.15 17.12 29.04
N GLU A 321 20.63 18.32 28.83
CA GLU A 321 21.18 19.54 29.40
C GLU A 321 20.88 19.70 30.90
N TRP A 322 19.76 19.14 31.34
CA TRP A 322 19.38 19.23 32.75
C TRP A 322 20.09 18.17 33.59
N ALA A 323 20.66 17.16 32.91
CA ALA A 323 21.39 16.09 33.59
C ALA A 323 22.82 16.55 33.88
N VAL A 324 23.40 17.32 32.96
CA VAL A 324 24.75 17.82 33.16
C VAL A 324 24.68 19.10 34.00
N ALA A 325 23.54 19.77 33.93
CA ALA A 325 23.35 21.01 34.68
C ALA A 325 23.35 20.69 36.15
N ALA A 326 22.69 19.60 36.52
CA ALA A 326 22.61 19.15 37.90
C ALA A 326 23.99 18.69 38.37
N LYS A 327 24.73 18.04 37.48
CA LYS A 327 26.06 17.56 37.81
C LYS A 327 27.02 18.74 38.03
N ARG A 328 26.87 19.79 37.23
CA ARG A 328 27.74 20.96 37.34
C ARG A 328 27.33 21.90 38.48
N GLU A 329 26.21 21.60 39.13
CA GLU A 329 25.75 22.40 40.25
C GLU A 329 26.56 22.01 41.47
N ARG A 330 26.69 20.71 41.71
CA ARG A 330 27.43 20.21 42.85
C ARG A 330 28.90 19.93 42.57
N GLU A 331 29.17 19.17 41.52
CA GLU A 331 30.54 18.82 41.16
C GLU A 331 31.33 19.99 40.58
N GLY A 332 30.68 20.77 39.73
CA GLY A 332 31.35 21.91 39.10
C GLY A 332 31.68 21.66 37.63
N ALA A 333 31.93 22.72 36.89
CA ALA A 333 32.25 22.63 35.46
C ALA A 333 33.72 22.32 35.20
N PRO A 334 34.00 21.36 34.31
CA PRO A 334 35.40 21.04 34.03
C PRO A 334 36.03 22.10 33.14
N VAL A 335 37.26 22.48 33.48
CA VAL A 335 38.02 23.46 32.72
C VAL A 335 39.34 22.77 32.36
N ASP A 336 39.62 22.67 31.07
CA ASP A 336 40.84 22.02 30.62
C ASP A 336 42.05 22.93 30.91
N PRO A 337 43.27 22.37 30.82
CA PRO A 337 44.48 23.14 31.08
C PRO A 337 44.70 24.40 30.25
N VAL A 338 44.44 24.33 28.94
CA VAL A 338 44.66 25.51 28.09
C VAL A 338 43.66 26.65 28.27
N THR A 339 42.43 26.33 28.67
CA THR A 339 41.43 27.38 28.90
C THR A 339 41.70 28.04 30.25
N ARG A 340 42.19 27.25 31.19
CA ARG A 340 42.52 27.72 32.53
C ARG A 340 43.71 28.67 32.47
N ALA A 341 44.64 28.38 31.57
CA ALA A 341 45.84 29.19 31.38
C ALA A 341 45.49 30.53 30.75
N ALA A 342 44.41 30.56 29.99
CA ALA A 342 43.96 31.79 29.35
C ALA A 342 43.31 32.66 30.41
N PHE A 343 42.70 32.00 31.41
CA PHE A 343 42.05 32.70 32.51
C PHE A 343 43.09 33.38 33.38
N SER A 344 44.23 32.73 33.56
CA SER A 344 45.34 33.26 34.36
C SER A 344 45.94 34.52 33.77
N GLU A 345 46.10 34.58 32.46
CA GLU A 345 46.69 35.77 31.85
C GLU A 345 45.66 36.88 31.70
N LEU A 346 44.38 36.51 31.69
CA LEU A 346 43.30 37.48 31.60
C LEU A 346 43.16 38.10 32.98
N ALA A 347 43.44 37.27 33.99
CA ALA A 347 43.38 37.68 35.38
C ALA A 347 44.56 38.63 35.65
N GLU A 348 45.72 38.27 35.13
CA GLU A 348 46.95 39.05 35.28
C GLU A 348 46.80 40.39 34.61
N LYS A 349 46.28 40.36 33.38
CA LYS A 349 46.08 41.53 32.54
C LYS A 349 45.11 42.58 33.10
N PHE A 350 43.93 42.14 33.54
CA PHE A 350 42.92 43.05 34.05
C PHE A 350 42.86 43.23 35.56
N SER A 351 43.78 42.57 36.27
CA SER A 351 43.86 42.66 37.73
C SER A 351 42.62 42.12 38.46
N VAL A 352 42.14 40.96 38.03
CA VAL A 352 40.98 40.33 38.66
C VAL A 352 41.36 38.95 39.17
N SER A 353 40.71 38.50 40.24
CA SER A 353 40.99 37.20 40.82
C SER A 353 40.56 36.06 39.91
N PRO A 354 41.44 35.07 39.71
CA PRO A 354 41.13 33.91 38.85
C PRO A 354 40.22 32.94 39.60
N PRO A 355 39.51 32.09 38.85
CA PRO A 355 38.62 31.13 39.51
C PRO A 355 39.37 30.13 40.39
N THR A 356 38.89 29.88 41.60
CA THR A 356 39.51 28.89 42.48
C THR A 356 39.12 27.53 41.85
N TYR A 357 40.00 26.54 41.93
CA TYR A 357 39.79 25.23 41.31
C TYR A 357 39.76 24.03 42.27
N HIS A 358 39.70 22.82 41.71
CA HIS A 358 39.73 21.50 42.42
C HIS A 358 39.27 20.32 41.56
N THR B 9 -3.85 5.66 -17.32
CA THR B 9 -3.58 7.00 -16.70
C THR B 9 -3.84 8.10 -17.72
N VAL B 10 -4.26 9.27 -17.25
CA VAL B 10 -4.57 10.35 -18.16
C VAL B 10 -4.58 11.71 -17.46
N LEU B 11 -4.77 12.81 -18.20
CA LEU B 11 -4.76 14.16 -17.62
C LEU B 11 -6.13 14.80 -17.37
N ALA B 12 -6.16 15.75 -16.45
CA ALA B 12 -7.40 16.46 -16.11
C ALA B 12 -7.13 17.94 -15.84
N ARG B 13 -8.05 18.79 -16.31
CA ARG B 13 -7.95 20.23 -16.12
C ARG B 13 -8.15 20.57 -14.65
N LEU B 14 -7.36 21.51 -14.15
CA LEU B 14 -7.45 21.94 -12.76
C LEU B 14 -8.80 22.56 -12.39
N ASP B 15 -9.54 23.05 -13.39
CA ASP B 15 -10.86 23.64 -13.13
C ASP B 15 -11.88 22.53 -13.15
N GLU B 16 -11.62 21.54 -13.99
CA GLU B 16 -12.49 20.38 -14.16
C GLU B 16 -12.49 19.55 -12.90
N LEU B 17 -11.33 19.44 -12.26
CA LEU B 17 -11.17 18.69 -11.02
C LEU B 17 -11.70 19.50 -9.84
N GLU B 18 -11.49 20.80 -9.92
CA GLU B 18 -11.91 21.75 -8.91
C GLU B 18 -13.43 21.79 -8.79
N ARG B 19 -14.08 22.11 -9.90
CA ARG B 19 -15.53 22.18 -9.95
C ARG B 19 -16.18 20.87 -9.54
N PHE B 20 -15.49 19.76 -9.84
CA PHE B 20 -15.97 18.42 -9.51
C PHE B 20 -15.96 18.16 -8.00
N CYS B 21 -14.84 18.45 -7.36
CA CYS B 21 -14.71 18.24 -5.92
C CYS B 21 -15.74 19.06 -5.14
N ARG B 22 -15.95 20.32 -5.56
CA ARG B 22 -16.89 21.22 -4.93
C ARG B 22 -18.31 20.72 -5.13
N ALA B 23 -18.60 20.23 -6.32
CA ALA B 23 -19.92 19.71 -6.64
C ALA B 23 -20.26 18.51 -5.75
N VAL B 24 -19.30 17.62 -5.56
CA VAL B 24 -19.49 16.43 -4.74
C VAL B 24 -19.76 16.78 -3.28
N PHE B 25 -18.96 17.70 -2.73
CA PHE B 25 -19.12 18.11 -1.34
C PHE B 25 -20.51 18.68 -1.10
N LEU B 26 -20.97 19.52 -2.03
CA LEU B 26 -22.29 20.13 -1.94
C LEU B 26 -23.37 19.06 -1.97
N ALA B 27 -23.13 18.02 -2.77
CA ALA B 27 -24.05 16.90 -2.93
C ALA B 27 -24.15 16.10 -1.65
N VAL B 28 -23.07 16.09 -0.87
CA VAL B 28 -23.05 15.37 0.40
C VAL B 28 -23.85 16.19 1.43
N GLY B 29 -24.30 17.38 1.02
CA GLY B 29 -25.08 18.24 1.89
C GLY B 29 -24.18 19.07 2.79
N THR B 30 -23.03 19.45 2.25
CA THR B 30 -22.04 20.23 2.97
C THR B 30 -22.24 21.74 2.76
N ASP B 31 -21.65 22.53 3.66
CA ASP B 31 -21.70 23.99 3.64
C ASP B 31 -21.15 24.49 2.32
N GLU B 32 -21.46 25.74 1.96
CA GLU B 32 -20.93 26.27 0.72
C GLU B 32 -19.46 26.67 0.97
N GLU B 33 -19.19 27.17 2.17
CA GLU B 33 -17.83 27.56 2.53
C GLU B 33 -16.96 26.34 2.85
N THR B 34 -17.58 25.27 3.35
CA THR B 34 -16.86 24.03 3.67
C THR B 34 -16.45 23.32 2.38
N ALA B 35 -17.26 23.51 1.34
CA ALA B 35 -17.01 22.89 0.05
C ALA B 35 -15.91 23.64 -0.68
N ASP B 36 -15.90 24.97 -0.55
CA ASP B 36 -14.89 25.80 -1.18
C ASP B 36 -13.53 25.62 -0.52
N ALA B 37 -13.53 25.57 0.81
CA ALA B 37 -12.31 25.40 1.58
C ALA B 37 -11.69 24.01 1.39
N ALA B 38 -12.53 22.98 1.40
CA ALA B 38 -12.06 21.61 1.24
C ALA B 38 -11.47 21.32 -0.15
N THR B 39 -11.99 22.01 -1.16
CA THR B 39 -11.53 21.85 -2.54
C THR B 39 -10.24 22.65 -2.79
N ARG B 40 -10.07 23.76 -2.06
CA ARG B 40 -8.87 24.58 -2.21
C ARG B 40 -7.64 23.85 -1.69
N ALA B 41 -7.80 23.19 -0.55
CA ALA B 41 -6.71 22.43 0.07
C ALA B 41 -6.25 21.27 -0.81
N MET B 42 -7.20 20.60 -1.46
CA MET B 42 -6.90 19.48 -2.35
C MET B 42 -6.38 19.98 -3.70
N MET B 43 -6.93 21.08 -4.20
CA MET B 43 -6.46 21.63 -5.47
C MET B 43 -5.04 22.16 -5.25
N HIS B 44 -4.76 22.62 -4.04
CA HIS B 44 -3.44 23.12 -3.67
C HIS B 44 -2.46 21.97 -3.80
N GLY B 45 -2.79 20.84 -3.18
CA GLY B 45 -1.94 19.66 -3.22
C GLY B 45 -1.73 19.12 -4.62
N THR B 46 -2.81 19.06 -5.39
CA THR B 46 -2.77 18.58 -6.76
C THR B 46 -2.02 19.52 -7.70
N ARG B 47 -2.17 20.82 -7.50
CA ARG B 47 -1.50 21.79 -8.34
C ARG B 47 -0.01 21.83 -8.07
N LEU B 48 0.37 21.65 -6.81
CA LEU B 48 1.77 21.68 -6.42
C LEU B 48 2.50 20.34 -6.45
N GLY B 49 1.85 19.32 -6.99
CA GLY B 49 2.50 18.03 -7.09
C GLY B 49 2.54 17.18 -5.84
N VAL B 50 2.00 17.69 -4.74
CA VAL B 50 1.96 16.91 -3.50
C VAL B 50 0.63 16.14 -3.54
N ASP B 51 0.58 15.20 -4.46
CA ASP B 51 -0.60 14.36 -4.70
C ASP B 51 -1.03 13.48 -3.55
N SER B 52 -0.12 13.25 -2.61
CA SER B 52 -0.45 12.46 -1.43
C SER B 52 -1.63 13.16 -0.73
N HIS B 53 -1.63 14.48 -0.80
CA HIS B 53 -2.67 15.31 -0.20
C HIS B 53 -3.42 16.13 -1.24
N GLY B 54 -3.66 15.51 -2.40
CA GLY B 54 -4.37 16.16 -3.48
C GLY B 54 -5.83 15.76 -3.54
N VAL B 55 -6.37 15.66 -4.76
CA VAL B 55 -7.77 15.30 -4.96
C VAL B 55 -8.10 13.84 -4.71
N ARG B 56 -7.09 13.02 -4.46
CA ARG B 56 -7.30 11.62 -4.16
C ARG B 56 -7.86 11.50 -2.73
N LEU B 57 -7.82 12.60 -2.00
CA LEU B 57 -8.34 12.64 -0.64
C LEU B 57 -9.86 12.84 -0.61
N LEU B 58 -10.45 13.13 -1.78
CA LEU B 58 -11.88 13.36 -1.89
C LEU B 58 -12.66 12.17 -1.38
N ALA B 59 -12.21 10.99 -1.77
CA ALA B 59 -12.85 9.74 -1.38
C ALA B 59 -12.99 9.62 0.13
N HIS B 60 -11.91 9.97 0.84
CA HIS B 60 -11.90 9.89 2.28
C HIS B 60 -12.82 10.90 2.97
N TYR B 61 -12.74 12.14 2.53
CA TYR B 61 -13.54 13.21 3.10
C TYR B 61 -15.04 12.99 3.00
N VAL B 62 -15.51 12.48 1.86
CA VAL B 62 -16.94 12.21 1.70
C VAL B 62 -17.36 11.07 2.63
N THR B 63 -16.45 10.14 2.90
CA THR B 63 -16.71 9.00 3.78
C THR B 63 -16.73 9.47 5.23
N ALA B 64 -15.84 10.41 5.56
CA ALA B 64 -15.78 10.96 6.90
C ALA B 64 -16.99 11.84 7.14
N LEU B 65 -17.43 12.55 6.09
CA LEU B 65 -18.60 13.41 6.17
C LEU B 65 -19.88 12.60 6.34
N GLU B 66 -20.09 11.64 5.44
CA GLU B 66 -21.27 10.79 5.50
C GLU B 66 -21.29 9.95 6.76
N GLY B 67 -20.10 9.55 7.22
CA GLY B 67 -19.99 8.76 8.43
C GLY B 67 -20.38 9.54 9.66
N GLY B 68 -20.15 10.85 9.62
CA GLY B 68 -20.48 11.69 10.75
C GLY B 68 -19.26 12.28 11.43
N ARG B 69 -18.08 11.81 11.04
CA ARG B 69 -16.86 12.30 11.62
C ARG B 69 -16.71 13.80 11.36
N LEU B 70 -16.91 14.19 10.10
CA LEU B 70 -16.80 15.59 9.73
C LEU B 70 -18.18 16.25 9.65
N ASN B 71 -18.33 17.37 10.34
CA ASN B 71 -19.58 18.12 10.38
C ASN B 71 -19.76 18.84 9.04
N ARG B 72 -20.91 18.64 8.41
CA ARG B 72 -21.21 19.27 7.12
C ARG B 72 -21.42 20.78 7.26
N ARG B 73 -21.98 21.21 8.38
CA ARG B 73 -22.24 22.62 8.60
C ARG B 73 -21.66 23.12 9.93
N PRO B 74 -20.32 23.22 9.99
CA PRO B 74 -19.59 23.68 11.17
C PRO B 74 -19.78 25.13 11.52
N GLN B 75 -19.95 25.37 12.81
CA GLN B 75 -20.13 26.72 13.33
C GLN B 75 -18.84 27.10 14.04
N ILE B 76 -17.92 27.70 13.29
CA ILE B 76 -16.62 28.12 13.80
C ILE B 76 -16.77 29.33 14.72
N SER B 77 -16.35 29.18 15.97
CA SER B 77 -16.46 30.27 16.92
C SER B 77 -15.27 30.42 17.85
N ARG B 78 -15.01 31.65 18.27
CA ARG B 78 -13.89 31.93 19.18
C ARG B 78 -14.30 31.83 20.64
N VAL B 79 -13.76 30.82 21.32
CA VAL B 79 -14.03 30.60 22.73
C VAL B 79 -13.44 31.71 23.60
N SER B 80 -12.31 32.27 23.17
CA SER B 80 -11.65 33.35 23.88
C SER B 80 -10.67 34.10 22.98
N GLY B 81 -9.96 35.06 23.55
CA GLY B 81 -9.01 35.82 22.79
C GLY B 81 -8.86 37.26 23.23
N PHE B 82 -7.62 37.66 23.45
CA PHE B 82 -7.31 39.03 23.85
C PHE B 82 -6.02 39.44 23.16
N GLY B 83 -5.98 40.69 22.72
CA GLY B 83 -4.81 41.18 22.03
C GLY B 83 -4.71 40.62 20.63
N ALA B 84 -3.57 40.03 20.29
CA ALA B 84 -3.36 39.46 18.98
C ALA B 84 -3.52 37.94 18.95
N VAL B 85 -4.11 37.38 19.98
CA VAL B 85 -4.32 35.93 20.03
C VAL B 85 -5.79 35.58 20.29
N GLU B 86 -6.14 34.33 19.98
CA GLU B 86 -7.48 33.81 20.20
C GLU B 86 -7.54 32.32 19.86
N THR B 87 -8.38 31.60 20.60
CA THR B 87 -8.56 30.18 20.37
C THR B 87 -9.94 30.02 19.70
N ILE B 88 -9.95 29.30 18.58
CA ILE B 88 -11.16 29.06 17.79
C ILE B 88 -11.62 27.60 17.87
N ASP B 89 -12.93 27.41 18.06
CA ASP B 89 -13.49 26.07 18.11
C ASP B 89 -14.18 25.86 16.77
N ALA B 90 -13.59 25.02 15.93
CA ALA B 90 -14.10 24.72 14.60
C ALA B 90 -15.41 23.94 14.53
N ASP B 91 -15.87 23.41 15.65
CA ASP B 91 -17.12 22.66 15.70
C ASP B 91 -17.06 21.37 14.85
N HIS B 92 -15.95 20.65 14.98
CA HIS B 92 -15.70 19.40 14.26
C HIS B 92 -15.70 19.58 12.73
N ALA B 93 -15.37 20.79 12.30
CA ALA B 93 -15.31 21.14 10.88
C ALA B 93 -14.26 20.37 10.12
N HIS B 94 -14.30 20.47 8.79
CA HIS B 94 -13.33 19.83 7.93
C HIS B 94 -12.06 20.68 8.08
N GLY B 95 -10.94 20.01 8.35
CA GLY B 95 -9.69 20.72 8.55
C GLY B 95 -9.45 21.98 7.74
N ALA B 96 -9.63 21.89 6.43
CA ALA B 96 -9.41 23.03 5.56
C ALA B 96 -10.31 24.21 5.90
N ARG B 97 -11.55 23.92 6.26
CA ARG B 97 -12.51 24.97 6.62
C ARG B 97 -12.07 25.61 7.93
N ALA B 98 -11.74 24.77 8.90
CA ALA B 98 -11.32 25.21 10.21
C ALA B 98 -10.02 26.01 10.22
N THR B 99 -9.10 25.62 9.35
CA THR B 99 -7.81 26.28 9.27
C THR B 99 -7.76 27.47 8.31
N TYR B 100 -8.59 27.47 7.27
CA TYR B 100 -8.60 28.59 6.33
C TYR B 100 -9.26 29.78 7.02
N ALA B 101 -10.17 29.47 7.94
CA ALA B 101 -10.88 30.48 8.70
C ALA B 101 -9.98 31.02 9.78
N ALA B 102 -9.22 30.13 10.41
CA ALA B 102 -8.29 30.52 11.46
C ALA B 102 -7.21 31.45 10.92
N MET B 103 -6.79 31.21 9.67
CA MET B 103 -5.76 32.02 9.05
C MET B 103 -6.25 33.41 8.64
N GLU B 104 -7.47 33.51 8.15
CA GLU B 104 -8.01 34.81 7.74
C GLU B 104 -8.12 35.69 8.99
N ASN B 105 -8.25 35.04 10.15
CA ASN B 105 -8.35 35.72 11.43
C ASN B 105 -6.97 36.15 11.90
N ALA B 106 -6.00 35.26 11.73
CA ALA B 106 -4.62 35.52 12.12
C ALA B 106 -4.06 36.66 11.28
N MET B 107 -4.54 36.77 10.04
CA MET B 107 -4.10 37.85 9.14
C MET B 107 -4.76 39.15 9.59
N ALA B 108 -6.02 39.04 10.01
CA ALA B 108 -6.81 40.19 10.47
C ALA B 108 -6.17 40.78 11.72
N LEU B 109 -5.71 39.91 12.61
CA LEU B 109 -5.06 40.33 13.84
C LEU B 109 -3.68 40.90 13.53
N ALA B 110 -3.01 40.35 12.52
CA ALA B 110 -1.68 40.80 12.12
C ALA B 110 -1.74 42.20 11.54
N GLU B 111 -2.87 42.51 10.90
CA GLU B 111 -3.06 43.83 10.31
C GLU B 111 -3.28 44.84 11.42
N LYS B 112 -3.71 44.35 12.59
CA LYS B 112 -3.98 45.22 13.72
C LYS B 112 -2.88 45.25 14.79
N PHE B 113 -2.11 44.17 14.91
CA PHE B 113 -1.07 44.08 15.93
C PHE B 113 0.30 43.65 15.42
N GLY B 114 0.45 43.61 14.09
CA GLY B 114 1.73 43.19 13.52
C GLY B 114 1.87 41.68 13.42
N ILE B 115 1.20 40.97 14.33
CA ILE B 115 1.21 39.50 14.36
C ILE B 115 -0.18 38.98 14.74
N GLY B 116 -0.40 37.70 14.46
CA GLY B 116 -1.67 37.07 14.79
C GLY B 116 -1.44 35.59 14.97
N ALA B 117 -1.83 35.08 16.13
CA ALA B 117 -1.69 33.66 16.44
C ALA B 117 -3.07 33.14 16.82
N VAL B 118 -3.48 32.01 16.25
CA VAL B 118 -4.79 31.43 16.55
C VAL B 118 -4.72 29.95 16.82
N ALA B 119 -5.15 29.54 18.02
CA ALA B 119 -5.19 28.14 18.39
C ALA B 119 -6.46 27.60 17.76
N ILE B 120 -6.42 26.39 17.22
CA ILE B 120 -7.58 25.78 16.60
C ILE B 120 -8.04 24.56 17.39
N ARG B 121 -9.32 24.53 17.73
CA ARG B 121 -9.91 23.43 18.50
C ARG B 121 -10.94 22.65 17.69
N ASN B 122 -11.14 21.39 18.09
CA ASN B 122 -12.10 20.50 17.45
C ASN B 122 -12.08 20.58 15.93
N SER B 123 -10.94 20.24 15.34
CA SER B 123 -10.79 20.27 13.90
C SER B 123 -10.55 18.87 13.37
N SER B 124 -10.06 18.79 12.14
CA SER B 124 -9.77 17.52 11.52
C SER B 124 -8.61 17.63 10.55
N HIS B 125 -8.32 16.54 9.85
CA HIS B 125 -7.24 16.48 8.87
C HIS B 125 -7.43 17.63 7.89
N PHE B 126 -6.38 18.43 7.70
CA PHE B 126 -6.51 19.56 6.80
C PHE B 126 -5.72 19.46 5.49
N GLY B 127 -5.37 18.25 5.08
CA GLY B 127 -4.61 18.11 3.86
C GLY B 127 -3.22 18.72 3.98
N PRO B 128 -2.73 19.39 2.93
CA PRO B 128 -1.40 19.99 2.97
C PRO B 128 -1.31 21.22 3.89
N ALA B 129 -0.35 21.22 4.79
CA ALA B 129 -0.18 22.32 5.73
C ALA B 129 0.13 23.62 5.00
N GLY B 130 0.83 23.50 3.87
CA GLY B 130 1.21 24.67 3.10
C GLY B 130 0.06 25.45 2.49
N ALA B 131 -1.13 24.85 2.46
CA ALA B 131 -2.30 25.51 1.88
C ALA B 131 -2.61 26.82 2.57
N TYR B 132 -2.57 26.78 3.89
CA TYR B 132 -2.87 27.94 4.73
C TYR B 132 -1.68 28.88 4.83
N ALA B 133 -0.48 28.31 4.86
CA ALA B 133 0.75 29.08 4.92
C ALA B 133 0.88 29.90 3.64
N LEU B 134 0.62 29.25 2.50
CA LEU B 134 0.69 29.88 1.19
C LEU B 134 -0.41 30.94 1.03
N GLU B 135 -1.48 30.79 1.80
CA GLU B 135 -2.59 31.73 1.75
C GLU B 135 -2.15 33.08 2.31
N ALA B 136 -1.45 33.03 3.45
CA ALA B 136 -0.96 34.24 4.10
C ALA B 136 0.06 34.93 3.21
N ALA B 137 0.92 34.15 2.58
CA ALA B 137 1.95 34.67 1.70
C ALA B 137 1.32 35.41 0.51
N ARG B 138 0.26 34.83 -0.04
CA ARG B 138 -0.45 35.43 -1.17
C ARG B 138 -1.06 36.76 -0.73
N GLN B 139 -1.36 36.85 0.56
CA GLN B 139 -1.94 38.04 1.13
C GLN B 139 -0.90 39.06 1.60
N GLY B 140 0.37 38.68 1.60
CA GLY B 140 1.43 39.59 2.00
C GLY B 140 1.90 39.45 3.44
N TYR B 141 1.58 38.32 4.06
CA TYR B 141 2.01 38.07 5.43
C TYR B 141 2.78 36.75 5.37
N ILE B 142 3.49 36.55 6.47
CA ILE B 142 4.31 35.38 6.74
C ILE B 142 3.39 34.45 7.51
N GLY B 143 3.03 33.32 6.90
CA GLY B 143 2.14 32.39 7.55
C GLY B 143 2.81 31.14 8.06
N LEU B 144 2.35 30.67 9.22
CA LEU B 144 2.87 29.46 9.85
C LEU B 144 1.70 28.51 10.03
N ALA B 145 1.97 27.22 10.03
CA ALA B 145 0.92 26.24 10.22
C ALA B 145 1.48 24.97 10.86
N PHE B 146 0.93 24.63 12.02
CA PHE B 146 1.35 23.43 12.75
C PHE B 146 0.14 22.57 13.01
N CYS B 147 0.38 21.27 13.17
CA CYS B 147 -0.69 20.34 13.48
C CYS B 147 -0.08 18.97 13.74
N ASN B 148 -0.85 18.11 14.39
CA ASN B 148 -0.41 16.76 14.66
C ASN B 148 -1.38 15.75 14.06
N SER B 149 -1.14 14.48 14.35
CA SER B 149 -1.98 13.41 13.85
C SER B 149 -1.72 12.16 14.69
N ASP B 150 -2.41 11.08 14.39
CA ASP B 150 -2.20 9.86 15.16
C ASP B 150 -0.73 9.43 15.02
N SER B 151 -0.19 8.88 16.10
CA SER B 151 1.20 8.44 16.16
C SER B 151 1.69 7.56 15.00
N PHE B 152 2.82 7.95 14.44
CA PHE B 152 3.46 7.24 13.34
C PHE B 152 4.98 7.26 13.43
N VAL B 153 5.54 8.39 13.88
CA VAL B 153 6.99 8.54 13.98
C VAL B 153 7.57 8.35 15.37
N ARG B 154 8.67 7.60 15.45
CA ARG B 154 9.35 7.34 16.70
C ARG B 154 10.25 8.51 17.10
N LEU B 155 10.75 8.44 18.33
CA LEU B 155 11.67 9.47 18.84
C LEU B 155 13.05 8.98 18.40
N HIS B 156 14.09 9.80 18.60
CA HIS B 156 15.42 9.34 18.22
C HIS B 156 15.71 8.23 19.22
N ASP B 157 16.10 7.06 18.72
CA ASP B 157 16.40 5.89 19.54
C ASP B 157 15.14 5.29 20.16
N GLY B 158 13.98 5.54 19.55
CA GLY B 158 12.73 5.00 20.08
C GLY B 158 12.33 3.64 19.52
N ALA B 159 11.39 2.98 20.17
CA ALA B 159 10.89 1.68 19.74
C ALA B 159 9.36 1.65 19.74
N MET B 160 8.75 2.74 19.30
CA MET B 160 7.29 2.85 19.25
C MET B 160 6.90 4.10 18.46
N ARG B 161 5.70 4.06 17.86
CA ARG B 161 5.21 5.22 17.12
C ARG B 161 4.92 6.28 18.19
N PHE B 162 5.47 7.48 18.08
CA PHE B 162 5.25 8.45 19.14
C PHE B 162 4.52 9.70 18.63
N HIS B 163 5.19 10.50 17.82
CA HIS B 163 4.58 11.71 17.29
C HIS B 163 3.87 11.38 16.00
N GLY B 164 3.01 12.30 15.54
CA GLY B 164 2.35 12.12 14.27
C GLY B 164 3.37 12.57 13.21
N THR B 165 2.97 12.78 11.97
CA THR B 165 3.96 13.24 11.01
C THR B 165 4.12 14.76 11.14
N ASN B 166 3.50 15.27 12.19
CA ASN B 166 3.51 16.67 12.60
C ASN B 166 4.23 17.62 11.65
N PRO B 167 3.52 18.12 10.62
CA PRO B 167 4.11 19.03 9.63
C PRO B 167 4.36 20.48 10.07
N ILE B 168 5.26 21.13 9.35
CA ILE B 168 5.60 22.53 9.56
C ILE B 168 5.48 23.21 8.20
N ALA B 169 4.74 24.31 8.13
CA ALA B 169 4.56 25.04 6.89
C ALA B 169 4.78 26.54 7.08
N VAL B 170 5.71 27.10 6.32
CA VAL B 170 6.00 28.53 6.41
C VAL B 170 5.92 29.14 5.01
N GLY B 171 5.11 30.20 4.88
CA GLY B 171 4.97 30.85 3.60
C GLY B 171 5.36 32.31 3.69
N VAL B 172 6.29 32.73 2.84
CA VAL B 172 6.74 34.11 2.84
C VAL B 172 6.51 34.76 1.48
N PRO B 173 5.96 35.98 1.49
CA PRO B 173 5.69 36.72 0.25
C PRO B 173 6.97 36.92 -0.54
N ALA B 174 6.88 36.87 -1.86
CA ALA B 174 8.04 37.09 -2.71
C ALA B 174 8.09 38.56 -3.10
N ALA B 175 8.22 38.83 -4.39
CA ALA B 175 8.27 40.19 -4.91
C ALA B 175 7.51 40.24 -6.23
N ASP B 176 8.10 39.64 -7.25
CA ASP B 176 7.47 39.58 -8.56
C ASP B 176 7.44 38.15 -9.04
N ASP B 177 7.32 37.23 -8.08
CA ASP B 177 7.25 35.81 -8.36
C ASP B 177 6.47 35.10 -7.25
N MET B 178 6.47 33.77 -7.31
CA MET B 178 5.76 32.96 -6.33
C MET B 178 6.43 33.00 -4.96
N PRO B 179 5.62 33.01 -3.89
CA PRO B 179 6.07 33.06 -2.50
C PRO B 179 6.99 31.93 -2.10
N TRP B 180 7.83 32.20 -1.11
CA TRP B 180 8.75 31.21 -0.55
C TRP B 180 7.89 30.23 0.21
N LEU B 181 7.96 28.92 0.00
CA LEU B 181 7.04 28.05 0.74
C LEU B 181 7.63 26.73 1.23
N LEU B 182 7.58 26.52 2.55
CA LEU B 182 8.07 25.29 3.15
C LEU B 182 6.87 24.52 3.69
N ASP B 183 6.77 23.25 3.30
CA ASP B 183 5.67 22.40 3.73
C ASP B 183 6.33 21.03 3.86
N MET B 184 6.62 20.63 5.09
CA MET B 184 7.30 19.37 5.35
C MET B 184 6.88 18.56 6.55
N ALA B 185 6.85 17.24 6.47
CA ALA B 185 6.52 16.50 7.69
C ALA B 185 7.80 16.50 8.51
N THR B 186 7.70 16.37 9.83
CA THR B 186 8.91 16.36 10.64
C THR B 186 9.66 15.04 10.52
N SER B 187 8.97 13.99 10.06
CA SER B 187 9.63 12.71 9.85
C SER B 187 10.36 12.84 8.51
N ALA B 188 11.36 11.99 8.29
CA ALA B 188 12.12 12.03 7.05
C ALA B 188 11.22 12.06 5.81
N VAL B 189 10.30 11.11 5.74
CA VAL B 189 9.39 11.03 4.63
C VAL B 189 7.97 10.76 5.18
N PRO B 190 6.92 11.18 4.45
CA PRO B 190 5.55 10.95 4.92
C PRO B 190 5.17 9.46 4.95
N TYR B 191 4.06 9.14 5.62
CA TYR B 191 3.62 7.75 5.75
C TYR B 191 3.15 7.06 4.47
N ASN B 192 2.46 7.78 3.59
CA ASN B 192 1.98 7.19 2.35
C ASN B 192 3.10 6.59 1.51
N ARG B 193 4.33 7.04 1.76
CA ARG B 193 5.51 6.57 1.06
C ARG B 193 5.79 5.09 1.33
N VAL B 194 5.52 4.61 2.54
CA VAL B 194 5.75 3.20 2.86
C VAL B 194 4.69 2.33 2.18
N LEU B 195 3.47 2.89 2.08
CA LEU B 195 2.35 2.20 1.44
C LEU B 195 2.64 2.06 -0.04
N LEU B 196 3.19 3.12 -0.61
CA LEU B 196 3.54 3.15 -2.03
C LEU B 196 4.65 2.13 -2.32
N TYR B 197 5.72 2.16 -1.54
CA TYR B 197 6.81 1.23 -1.74
C TYR B 197 6.40 -0.21 -1.46
N ARG B 198 5.49 -0.39 -0.52
CA ARG B 198 4.98 -1.72 -0.18
C ARG B 198 4.17 -2.24 -1.39
N SER B 199 3.44 -1.32 -2.01
CA SER B 199 2.61 -1.60 -3.19
C SER B 199 3.46 -2.01 -4.39
N LEU B 200 4.58 -1.30 -4.58
CA LEU B 200 5.48 -1.56 -5.69
C LEU B 200 6.46 -2.69 -5.37
N GLY B 201 6.58 -3.05 -4.09
CA GLY B 201 7.48 -4.11 -3.68
C GLY B 201 8.95 -3.72 -3.62
N GLN B 202 9.20 -2.41 -3.56
CA GLN B 202 10.56 -1.89 -3.52
C GLN B 202 10.98 -1.46 -2.10
N GLN B 203 12.30 -1.46 -1.85
CA GLN B 203 12.79 -1.07 -0.53
C GLN B 203 12.87 0.45 -0.38
N LEU B 204 12.58 0.92 0.83
CA LEU B 204 12.60 2.34 1.16
C LEU B 204 14.02 2.86 1.30
N PRO B 205 14.20 4.19 1.22
CA PRO B 205 15.54 4.76 1.37
C PRO B 205 16.03 4.47 2.78
N GLN B 206 17.34 4.50 2.97
CA GLN B 206 17.91 4.22 4.29
C GLN B 206 17.66 5.37 5.28
N GLY B 207 17.19 4.93 6.45
CA GLY B 207 16.86 5.77 7.60
C GLY B 207 15.51 6.47 7.65
N VAL B 208 14.56 6.04 6.82
CA VAL B 208 13.24 6.67 6.82
C VAL B 208 12.21 5.97 7.70
N ALA B 209 12.46 4.69 8.00
CA ALA B 209 11.55 3.92 8.84
C ALA B 209 12.26 2.87 9.66
N SER B 210 11.55 2.31 10.63
CA SER B 210 12.11 1.31 11.53
C SER B 210 11.11 0.18 11.77
N ASP B 211 11.61 -0.96 12.22
CA ASP B 211 10.75 -2.09 12.51
C ASP B 211 10.14 -1.92 13.92
N GLY B 212 9.61 -3.00 14.48
CA GLY B 212 9.02 -2.92 15.80
C GLY B 212 10.01 -2.75 16.94
N ASP B 213 11.27 -3.09 16.69
CA ASP B 213 12.33 -2.99 17.69
C ASP B 213 13.04 -1.64 17.69
N GLY B 214 12.60 -0.72 16.83
CA GLY B 214 13.22 0.59 16.76
C GLY B 214 14.43 0.65 15.82
N VAL B 215 14.82 -0.50 15.27
CA VAL B 215 15.95 -0.55 14.35
C VAL B 215 15.47 -0.35 12.91
N ASP B 216 16.10 0.59 12.21
CA ASP B 216 15.75 0.92 10.83
C ASP B 216 15.67 -0.27 9.91
N THR B 217 14.89 -0.09 8.84
CA THR B 217 14.70 -1.14 7.85
C THR B 217 14.27 -0.49 6.54
N ARG B 218 14.75 -1.05 5.44
CA ARG B 218 14.39 -0.53 4.13
C ARG B 218 13.27 -1.35 3.52
N ASP B 219 12.80 -2.36 4.25
CA ASP B 219 11.70 -3.20 3.80
C ASP B 219 10.37 -2.60 4.23
N PRO B 220 9.58 -2.09 3.27
CA PRO B 220 8.29 -1.48 3.59
C PRO B 220 7.29 -2.40 4.32
N ASN B 221 7.53 -3.71 4.29
CA ASN B 221 6.64 -4.65 4.96
C ASN B 221 6.99 -4.81 6.42
N ALA B 222 8.24 -4.52 6.76
CA ALA B 222 8.72 -4.64 8.13
C ALA B 222 8.55 -3.36 8.95
N VAL B 223 8.26 -2.26 8.27
CA VAL B 223 8.09 -0.96 8.93
C VAL B 223 6.89 -0.91 9.89
N GLU B 224 7.14 -0.39 11.08
CA GLU B 224 6.11 -0.25 12.09
C GLU B 224 6.08 1.16 12.65
N MET B 225 6.93 2.02 12.10
CA MET B 225 7.04 3.42 12.52
C MET B 225 8.00 4.17 11.61
N LEU B 226 7.75 5.46 11.44
CA LEU B 226 8.60 6.31 10.62
C LEU B 226 9.71 6.90 11.47
N ALA B 227 10.85 7.18 10.86
CA ALA B 227 11.97 7.76 11.59
C ALA B 227 11.99 9.28 11.43
N PRO B 228 12.45 10.00 12.47
CA PRO B 228 12.54 11.46 12.49
C PRO B 228 13.57 11.96 11.45
N VAL B 229 13.40 13.20 11.00
CA VAL B 229 14.31 13.77 10.03
C VAL B 229 15.63 14.11 10.73
N GLY B 230 16.75 13.75 10.12
CA GLY B 230 18.05 14.04 10.72
C GLY B 230 18.97 12.82 10.80
N GLY B 231 18.39 11.62 10.73
CA GLY B 231 19.17 10.40 10.80
C GLY B 231 19.84 10.16 12.14
N GLU B 232 21.17 10.16 12.15
CA GLU B 232 21.94 9.97 13.38
C GLU B 232 21.62 11.13 14.32
N PHE B 233 21.24 12.26 13.72
CA PHE B 233 20.88 13.45 14.46
C PHE B 233 19.37 13.62 14.35
N GLY B 234 18.66 12.48 14.33
CA GLY B 234 17.23 12.49 14.21
C GLY B 234 16.56 13.14 15.40
N PHE B 235 17.29 13.25 16.50
CA PHE B 235 16.76 13.87 17.70
C PHE B 235 16.36 15.31 17.45
N LYS B 236 16.94 15.93 16.42
CA LYS B 236 16.60 17.29 16.06
C LYS B 236 15.24 17.30 15.37
N GLY B 237 14.99 16.27 14.56
CA GLY B 237 13.73 16.16 13.88
C GLY B 237 12.62 15.82 14.86
N ALA B 238 12.96 15.03 15.87
CA ALA B 238 12.01 14.63 16.91
C ALA B 238 11.67 15.82 17.78
N ALA B 239 12.65 16.71 17.95
CA ALA B 239 12.48 17.91 18.73
C ALA B 239 11.58 18.89 18.01
N LEU B 240 11.67 18.89 16.68
CA LEU B 240 10.86 19.77 15.87
C LEU B 240 9.41 19.28 15.90
N ALA B 241 9.24 17.96 15.94
CA ALA B 241 7.91 17.37 16.01
C ALA B 241 7.33 17.68 17.38
N GLY B 242 8.20 18.07 18.30
CA GLY B 242 7.80 18.41 19.65
C GLY B 242 7.22 19.81 19.71
N VAL B 243 7.86 20.75 19.02
CA VAL B 243 7.41 22.13 19.03
C VAL B 243 6.01 22.24 18.43
N VAL B 244 5.78 21.49 17.36
CA VAL B 244 4.49 21.49 16.70
C VAL B 244 3.44 20.83 17.58
N GLU B 245 3.85 19.81 18.33
CA GLU B 245 2.98 19.08 19.24
C GLU B 245 2.50 20.01 20.36
N ILE B 246 3.39 20.89 20.79
CA ILE B 246 3.09 21.84 21.85
C ILE B 246 2.12 22.92 21.36
N PHE B 247 2.35 23.43 20.16
CA PHE B 247 1.49 24.44 19.58
C PHE B 247 0.16 23.86 19.09
N SER B 248 0.16 22.58 18.74
CA SER B 248 -1.02 21.92 18.23
C SER B 248 -1.90 21.16 19.22
N ALA B 249 -1.32 20.71 20.34
CA ALA B 249 -2.08 19.95 21.33
C ALA B 249 -2.07 20.51 22.75
N VAL B 250 -0.89 20.81 23.29
CA VAL B 250 -0.86 21.34 24.66
C VAL B 250 -1.38 22.78 24.71
N LEU B 251 -1.15 23.55 23.65
CA LEU B 251 -1.60 24.94 23.62
C LEU B 251 -3.03 25.14 23.09
N THR B 252 -3.66 24.06 22.63
CA THR B 252 -5.01 24.13 22.11
C THR B 252 -5.99 23.39 23.00
N GLY B 253 -5.48 22.43 23.77
CA GLY B 253 -6.33 21.65 24.65
C GLY B 253 -6.72 20.31 24.05
N MET B 254 -6.40 20.11 22.77
CA MET B 254 -6.71 18.87 22.08
C MET B 254 -5.75 17.74 22.44
N ARG B 255 -6.11 16.52 22.08
CA ARG B 255 -5.30 15.34 22.39
C ARG B 255 -3.95 15.30 21.68
N LEU B 256 -2.97 14.72 22.37
CA LEU B 256 -1.63 14.58 21.83
C LEU B 256 -1.65 13.45 20.81
N SER B 257 -0.62 13.36 19.98
CA SER B 257 -0.53 12.34 18.93
C SER B 257 -0.94 10.93 19.33
N PHE B 258 -0.30 10.41 20.37
CA PHE B 258 -0.57 9.06 20.87
C PHE B 258 -1.95 8.89 21.50
N ASP B 259 -2.67 10.00 21.68
CA ASP B 259 -4.01 9.98 22.26
C ASP B 259 -5.09 10.12 21.18
N LEU B 260 -4.69 10.54 19.98
CA LEU B 260 -5.62 10.72 18.88
C LEU B 260 -6.07 9.40 18.26
N ALA B 261 -7.28 9.41 17.72
CA ALA B 261 -7.84 8.23 17.06
C ALA B 261 -7.25 8.12 15.66
N PRO B 262 -7.30 6.93 15.06
CA PRO B 262 -6.77 6.70 13.71
C PRO B 262 -7.34 7.63 12.66
N MET B 263 -6.57 7.87 11.61
CA MET B 263 -7.01 8.72 10.52
C MET B 263 -7.87 7.87 9.60
N GLY B 264 -7.62 6.56 9.60
CA GLY B 264 -8.38 5.66 8.76
C GLY B 264 -9.60 5.14 9.50
N GLY B 265 -10.25 4.14 8.92
CA GLY B 265 -11.43 3.57 9.54
C GLY B 265 -11.08 2.67 10.71
N PRO B 266 -12.00 1.82 11.18
CA PRO B 266 -13.37 1.64 10.66
C PRO B 266 -14.32 2.76 11.09
N ASP B 267 -13.98 3.43 12.19
CA ASP B 267 -14.81 4.51 12.72
C ASP B 267 -14.69 5.76 11.84
N PHE B 268 -15.81 6.16 11.26
CA PHE B 268 -15.86 7.35 10.43
C PHE B 268 -16.99 8.22 10.96
N SER B 269 -17.39 7.95 12.19
CA SER B 269 -18.48 8.66 12.84
C SER B 269 -18.07 9.49 14.06
N THR B 270 -17.24 8.91 14.93
CA THR B 270 -16.79 9.61 16.12
C THR B 270 -15.70 10.61 15.76
N PRO B 271 -15.91 11.90 16.06
CA PRO B 271 -14.95 12.97 15.78
C PRO B 271 -13.61 12.76 16.52
N ARG B 272 -12.51 13.09 15.85
CA ARG B 272 -11.17 12.94 16.40
C ARG B 272 -10.70 14.06 17.34
N GLY B 273 -11.26 15.26 17.16
CA GLY B 273 -10.90 16.40 18.00
C GLY B 273 -9.44 16.80 17.81
N LEU B 274 -9.07 17.04 16.57
CA LEU B 274 -7.72 17.40 16.20
C LEU B 274 -7.44 18.89 16.44
N GLY B 275 -6.23 19.19 16.90
CA GLY B 275 -5.87 20.57 17.14
C GLY B 275 -4.85 21.05 16.12
N ALA B 276 -4.74 22.37 15.96
CA ALA B 276 -3.81 22.96 15.02
C ALA B 276 -3.44 24.37 15.50
N PHE B 277 -2.52 25.02 14.80
CA PHE B 277 -2.09 26.35 15.17
C PHE B 277 -1.74 27.15 13.92
N VAL B 278 -2.17 28.40 13.89
CA VAL B 278 -1.89 29.30 12.75
C VAL B 278 -1.21 30.58 13.24
N LEU B 279 -0.32 31.14 12.41
CA LEU B 279 0.42 32.34 12.77
C LEU B 279 0.67 33.25 11.55
N ALA B 280 0.53 34.56 11.74
CA ALA B 280 0.75 35.53 10.66
C ALA B 280 1.61 36.71 11.07
N LEU B 281 2.53 37.11 10.20
CA LEU B 281 3.41 38.24 10.45
C LEU B 281 3.16 39.33 9.42
N LYS B 282 3.12 40.57 9.87
CA LYS B 282 2.91 41.71 8.99
C LYS B 282 4.30 42.35 8.82
N PRO B 283 4.98 42.08 7.70
CA PRO B 283 6.31 42.61 7.39
C PRO B 283 6.45 44.11 7.59
N GLU B 284 5.38 44.84 7.26
CA GLU B 284 5.36 46.29 7.38
C GLU B 284 5.38 46.81 8.80
N ALA B 285 5.15 45.92 9.76
CA ALA B 285 5.16 46.31 11.17
C ALA B 285 6.58 46.28 11.75
N PHE B 286 7.51 45.68 11.01
CA PHE B 286 8.89 45.59 11.43
C PHE B 286 9.79 46.52 10.61
N LEU B 287 9.57 46.55 9.30
CA LEU B 287 10.36 47.39 8.41
C LEU B 287 9.67 47.86 7.15
N GLU B 288 10.39 48.69 6.39
CA GLU B 288 9.91 49.22 5.12
C GLU B 288 9.74 48.02 4.18
N ARG B 289 8.56 47.90 3.57
CA ARG B 289 8.30 46.78 2.68
C ARG B 289 9.26 46.74 1.49
N ASP B 290 9.77 47.89 1.10
CA ASP B 290 10.70 47.97 -0.01
C ASP B 290 12.03 47.32 0.33
N VAL B 291 12.43 47.39 1.60
CA VAL B 291 13.68 46.79 2.04
C VAL B 291 13.51 45.30 2.37
N PHE B 292 12.26 44.87 2.50
CA PHE B 292 11.94 43.47 2.78
C PHE B 292 12.00 42.67 1.49
N ASP B 293 11.44 43.25 0.43
CA ASP B 293 11.39 42.61 -0.87
C ASP B 293 12.74 42.56 -1.58
N GLU B 294 13.56 43.58 -1.38
CA GLU B 294 14.88 43.63 -2.00
C GLU B 294 15.77 42.58 -1.33
N SER B 295 15.56 42.37 -0.03
CA SER B 295 16.34 41.40 0.74
C SER B 295 15.94 40.00 0.31
N MET B 296 14.62 39.80 0.20
CA MET B 296 14.06 38.52 -0.21
C MET B 296 14.51 38.23 -1.63
N LYS B 297 14.41 39.25 -2.48
CA LYS B 297 14.80 39.14 -3.88
C LYS B 297 16.27 38.72 -4.01
N ARG B 298 17.13 39.39 -3.26
CA ARG B 298 18.55 39.09 -3.27
C ARG B 298 18.79 37.69 -2.72
N TYR B 299 18.09 37.36 -1.64
CA TYR B 299 18.19 36.08 -0.98
C TYR B 299 17.92 34.93 -1.96
N LEU B 300 16.87 35.07 -2.74
CA LEU B 300 16.47 34.06 -3.71
C LEU B 300 17.34 34.02 -4.96
N GLU B 301 17.73 35.20 -5.44
CA GLU B 301 18.58 35.35 -6.61
C GLU B 301 19.86 34.56 -6.37
N VAL B 302 20.46 34.80 -5.20
CA VAL B 302 21.71 34.15 -4.79
C VAL B 302 21.58 32.66 -4.55
N LEU B 303 20.48 32.26 -3.89
CA LEU B 303 20.24 30.86 -3.58
C LEU B 303 20.18 29.99 -4.83
N ARG B 304 19.32 30.38 -5.76
CA ARG B 304 19.15 29.66 -7.01
C ARG B 304 20.40 29.71 -7.90
N GLY B 305 21.18 30.76 -7.74
CA GLY B 305 22.40 30.93 -8.52
C GLY B 305 23.63 30.30 -7.88
N SER B 306 23.45 29.75 -6.68
CA SER B 306 24.51 29.09 -5.91
C SER B 306 25.07 27.86 -6.65
N PRO B 307 26.36 27.56 -6.45
CA PRO B 307 27.02 26.41 -7.08
C PRO B 307 26.36 25.11 -6.59
N ALA B 308 26.24 24.15 -7.49
CA ALA B 308 25.65 22.86 -7.15
C ALA B 308 26.65 21.72 -7.32
N ARG B 309 26.25 20.52 -6.90
CA ARG B 309 27.09 19.34 -7.01
C ARG B 309 27.03 18.85 -8.46
N GLU B 310 27.64 17.69 -8.73
CA GLU B 310 27.63 17.15 -10.08
C GLU B 310 26.25 16.80 -10.60
N ASP B 311 25.86 17.48 -11.68
CA ASP B 311 24.56 17.28 -12.32
C ASP B 311 23.38 17.47 -11.37
N CYS B 312 23.57 18.34 -10.39
CA CYS B 312 22.53 18.64 -9.41
C CYS B 312 22.05 20.06 -9.58
N LYS B 313 21.01 20.41 -8.82
CA LYS B 313 20.45 21.74 -8.87
C LYS B 313 20.01 22.17 -7.48
N VAL B 314 20.24 23.43 -7.16
CA VAL B 314 19.86 23.99 -5.87
C VAL B 314 18.60 24.81 -6.08
N MET B 315 17.73 24.77 -5.08
CA MET B 315 16.47 25.52 -5.15
C MET B 315 15.94 25.86 -3.78
N ALA B 316 15.10 26.89 -3.73
CA ALA B 316 14.50 27.32 -2.47
C ALA B 316 13.26 26.48 -2.19
N PRO B 317 12.73 26.55 -0.96
CA PRO B 317 11.52 25.78 -0.62
C PRO B 317 10.35 26.29 -1.44
N GLY B 318 9.67 25.39 -2.14
CA GLY B 318 8.55 25.79 -2.96
C GLY B 318 8.88 25.81 -4.44
N ASP B 319 10.16 25.92 -4.79
CA ASP B 319 10.61 25.96 -6.18
C ASP B 319 10.22 24.73 -6.99
N ARG B 320 10.26 23.57 -6.36
CA ARG B 320 9.90 22.32 -7.04
C ARG B 320 8.39 22.32 -7.30
N GLU B 321 7.63 22.87 -6.35
CA GLU B 321 6.18 22.95 -6.43
C GLU B 321 5.70 23.94 -7.48
N TRP B 322 6.45 25.02 -7.67
CA TRP B 322 6.09 26.03 -8.66
C TRP B 322 6.41 25.56 -10.06
N ALA B 323 7.32 24.59 -10.16
CA ALA B 323 7.70 24.03 -11.44
C ALA B 323 6.61 23.09 -11.95
N VAL B 324 6.06 22.27 -11.05
CA VAL B 324 5.00 21.34 -11.41
C VAL B 324 3.67 22.08 -11.50
N ALA B 325 3.53 23.16 -10.72
CA ALA B 325 2.31 23.95 -10.73
C ALA B 325 2.11 24.56 -12.10
N ALA B 326 3.18 25.12 -12.64
CA ALA B 326 3.15 25.75 -13.96
C ALA B 326 2.84 24.73 -15.06
N LYS B 327 3.35 23.52 -14.89
CA LYS B 327 3.12 22.43 -15.83
C LYS B 327 1.66 21.97 -15.77
N ARG B 328 1.11 21.90 -14.57
CA ARG B 328 -0.28 21.49 -14.40
C ARG B 328 -1.25 22.61 -14.76
N GLU B 329 -0.73 23.80 -15.01
CA GLU B 329 -1.59 24.93 -15.39
C GLU B 329 -2.00 24.74 -16.84
N ARG B 330 -1.03 24.43 -17.69
CA ARG B 330 -1.29 24.24 -19.11
C ARG B 330 -1.58 22.78 -19.50
N GLU B 331 -0.70 21.87 -19.10
CA GLU B 331 -0.84 20.46 -19.42
C GLU B 331 -1.97 19.75 -18.65
N GLY B 332 -2.16 20.10 -17.38
CA GLY B 332 -3.19 19.48 -16.58
C GLY B 332 -2.62 18.47 -15.61
N ALA B 333 -3.40 18.10 -14.60
CA ALA B 333 -2.95 17.15 -13.58
C ALA B 333 -3.21 15.69 -13.96
N PRO B 334 -2.22 14.82 -13.77
CA PRO B 334 -2.41 13.42 -14.10
C PRO B 334 -3.30 12.71 -13.08
N VAL B 335 -4.22 11.92 -13.60
CA VAL B 335 -5.14 11.14 -12.77
C VAL B 335 -5.02 9.69 -13.24
N ASP B 336 -4.53 8.83 -12.35
CA ASP B 336 -4.36 7.44 -12.71
C ASP B 336 -5.71 6.77 -12.93
N PRO B 337 -5.72 5.55 -13.51
CA PRO B 337 -6.95 4.82 -13.78
C PRO B 337 -7.86 4.51 -12.58
N VAL B 338 -7.28 4.08 -11.46
CA VAL B 338 -8.10 3.74 -10.29
C VAL B 338 -8.73 4.93 -9.54
N THR B 339 -8.10 6.09 -9.58
CA THR B 339 -8.65 7.28 -8.93
C THR B 339 -9.74 7.85 -9.83
N ARG B 340 -9.56 7.68 -11.14
CA ARG B 340 -10.53 8.15 -12.13
C ARG B 340 -11.82 7.34 -12.02
N ALA B 341 -11.66 6.06 -11.72
CA ALA B 341 -12.78 5.14 -11.57
C ALA B 341 -13.59 5.48 -10.32
N ALA B 342 -12.89 6.01 -9.32
CA ALA B 342 -13.54 6.40 -8.08
C ALA B 342 -14.34 7.67 -8.34
N PHE B 343 -13.84 8.50 -9.27
CA PHE B 343 -14.52 9.73 -9.63
C PHE B 343 -15.81 9.45 -10.39
N SER B 344 -15.81 8.36 -11.16
CA SER B 344 -16.98 7.95 -11.94
C SER B 344 -18.13 7.42 -11.09
N GLU B 345 -17.82 6.65 -10.04
CA GLU B 345 -18.87 6.12 -9.17
C GLU B 345 -19.35 7.16 -8.17
N LEU B 346 -18.51 8.17 -7.93
CA LEU B 346 -18.87 9.26 -7.04
C LEU B 346 -19.81 10.17 -7.84
N ALA B 347 -19.52 10.30 -9.12
CA ALA B 347 -20.32 11.11 -10.03
C ALA B 347 -21.68 10.45 -10.23
N GLU B 348 -21.67 9.12 -10.31
CA GLU B 348 -22.88 8.33 -10.50
C GLU B 348 -23.76 8.44 -9.25
N LYS B 349 -23.13 8.24 -8.09
CA LYS B 349 -23.79 8.28 -6.79
C LYS B 349 -24.43 9.62 -6.43
N PHE B 350 -23.70 10.72 -6.63
CA PHE B 350 -24.20 12.04 -6.29
C PHE B 350 -24.84 12.85 -7.41
N SER B 351 -24.91 12.26 -8.60
CA SER B 351 -25.52 12.92 -9.77
C SER B 351 -24.78 14.18 -10.19
N VAL B 352 -23.46 14.10 -10.25
CA VAL B 352 -22.64 15.23 -10.66
C VAL B 352 -21.80 14.83 -11.86
N SER B 353 -21.52 15.79 -12.74
CA SER B 353 -20.72 15.52 -13.92
C SER B 353 -19.26 15.22 -13.57
N PRO B 354 -18.70 14.15 -14.14
CA PRO B 354 -17.31 13.75 -13.89
C PRO B 354 -16.37 14.68 -14.65
N PRO B 355 -15.09 14.72 -14.24
CA PRO B 355 -14.14 15.59 -14.94
C PRO B 355 -13.88 15.13 -16.36
N THR B 356 -13.86 16.08 -17.30
CA THR B 356 -13.55 15.76 -18.68
C THR B 356 -12.03 15.50 -18.69
N TYR B 357 -11.60 14.51 -19.47
CA TYR B 357 -10.18 14.11 -19.56
C TYR B 357 -9.56 14.32 -20.96
N HIS B 358 -8.25 14.02 -21.09
CA HIS B 358 -7.48 14.04 -22.35
C HIS B 358 -6.02 13.57 -22.20
N THR C 9 8.08 8.80 -14.23
CA THR C 9 7.81 7.52 -14.97
C THR C 9 8.31 7.60 -16.42
N VAL C 10 8.80 6.49 -16.94
CA VAL C 10 9.32 6.46 -18.30
C VAL C 10 9.27 5.01 -18.82
N LEU C 11 9.70 4.80 -20.07
CA LEU C 11 9.66 3.45 -20.67
C LEU C 11 11.01 2.73 -20.75
N ALA C 12 10.95 1.42 -20.89
CA ALA C 12 12.15 0.59 -20.98
C ALA C 12 11.97 -0.53 -22.01
N ARG C 13 13.02 -0.80 -22.79
CA ARG C 13 12.97 -1.86 -23.79
C ARG C 13 12.90 -3.23 -23.11
N LEU C 14 12.14 -4.14 -23.71
CA LEU C 14 11.96 -5.47 -23.13
C LEU C 14 13.25 -6.30 -23.11
N ASP C 15 14.23 -5.91 -23.93
CA ASP C 15 15.51 -6.61 -23.97
C ASP C 15 16.43 -5.99 -22.94
N GLU C 16 16.26 -4.68 -22.78
CA GLU C 16 17.05 -3.90 -21.84
C GLU C 16 16.74 -4.36 -20.43
N LEU C 17 15.46 -4.65 -20.17
CA LEU C 17 15.01 -5.11 -18.87
C LEU C 17 15.35 -6.57 -18.67
N GLU C 18 15.23 -7.32 -19.76
CA GLU C 18 15.50 -8.76 -19.74
C GLU C 18 16.96 -9.03 -19.43
N ARG C 19 17.85 -8.40 -20.19
CA ARG C 19 19.29 -8.58 -20.02
C ARG C 19 19.73 -8.13 -18.63
N PHE C 20 19.07 -7.09 -18.12
CA PHE C 20 19.37 -6.55 -16.80
C PHE C 20 19.03 -7.54 -15.69
N CYS C 21 17.84 -8.12 -15.75
CA CYS C 21 17.40 -9.08 -14.73
C CYS C 21 18.32 -10.30 -14.69
N ARG C 22 18.67 -10.80 -15.86
CA ARG C 22 19.54 -11.96 -15.98
C ARG C 22 20.92 -11.62 -15.42
N ALA C 23 21.40 -10.43 -15.76
CA ALA C 23 22.71 -9.97 -15.31
C ALA C 23 22.77 -9.93 -13.80
N VAL C 24 21.71 -9.41 -13.17
CA VAL C 24 21.65 -9.31 -11.73
C VAL C 24 21.61 -10.67 -11.04
N PHE C 25 20.83 -11.58 -11.58
CA PHE C 25 20.74 -12.93 -10.99
C PHE C 25 22.09 -13.64 -11.00
N LEU C 26 22.81 -13.52 -12.10
CA LEU C 26 24.13 -14.14 -12.23
C LEU C 26 25.09 -13.51 -11.21
N ALA C 27 24.94 -12.21 -11.01
CA ALA C 27 25.77 -11.45 -10.08
C ALA C 27 25.57 -11.90 -8.64
N VAL C 28 24.38 -12.42 -8.35
CA VAL C 28 24.07 -12.91 -7.02
C VAL C 28 24.71 -14.29 -6.85
N GLY C 29 25.31 -14.80 -7.94
CA GLY C 29 25.95 -16.10 -7.90
C GLY C 29 24.97 -17.22 -8.18
N THR C 30 23.99 -16.92 -9.03
CA THR C 30 22.95 -17.88 -9.38
C THR C 30 23.30 -18.71 -10.62
N ASP C 31 22.62 -19.84 -10.76
CA ASP C 31 22.77 -20.78 -11.89
C ASP C 31 22.55 -20.01 -13.18
N GLU C 32 22.99 -20.57 -14.30
CA GLU C 32 22.75 -19.88 -15.57
C GLU C 32 21.30 -20.15 -15.98
N GLU C 33 20.82 -21.35 -15.66
CA GLU C 33 19.45 -21.73 -15.98
C GLU C 33 18.45 -21.10 -15.01
N THR C 34 18.89 -20.87 -13.77
CA THR C 34 18.05 -20.25 -12.74
C THR C 34 17.89 -18.76 -13.04
N ALA C 35 18.84 -18.20 -13.77
CA ALA C 35 18.80 -16.80 -14.15
C ALA C 35 17.92 -16.60 -15.37
N ASP C 36 17.97 -17.55 -16.29
CA ASP C 36 17.17 -17.48 -17.51
C ASP C 36 15.70 -17.74 -17.17
N ALA C 37 15.45 -18.78 -16.37
CA ALA C 37 14.10 -19.13 -15.97
C ALA C 37 13.42 -18.04 -15.14
N ALA C 38 14.16 -17.41 -14.24
CA ALA C 38 13.62 -16.36 -13.38
C ALA C 38 13.34 -15.04 -14.11
N THR C 39 14.08 -14.81 -15.19
CA THR C 39 13.90 -13.60 -15.98
C THR C 39 12.76 -13.76 -16.97
N ARG C 40 12.52 -15.00 -17.41
CA ARG C 40 11.43 -15.27 -18.35
C ARG C 40 10.08 -15.09 -17.69
N ALA C 41 9.98 -15.57 -16.46
CA ALA C 41 8.76 -15.48 -15.67
C ALA C 41 8.37 -14.03 -15.45
N MET C 42 9.36 -13.21 -15.10
CA MET C 42 9.15 -11.78 -14.87
C MET C 42 8.92 -11.03 -16.18
N MET C 43 9.68 -11.38 -17.21
CA MET C 43 9.51 -10.74 -18.51
C MET C 43 8.14 -11.09 -19.07
N HIS C 44 7.64 -12.27 -18.70
CA HIS C 44 6.32 -12.73 -19.12
C HIS C 44 5.29 -11.78 -18.55
N GLY C 45 5.38 -11.54 -17.24
CA GLY C 45 4.44 -10.64 -16.57
C GLY C 45 4.53 -9.21 -17.05
N THR C 46 5.73 -8.73 -17.29
CA THR C 46 5.95 -7.36 -17.74
C THR C 46 5.48 -7.16 -19.18
N ARG C 47 5.68 -8.18 -20.01
CA ARG C 47 5.25 -8.09 -21.40
C ARG C 47 3.73 -8.18 -21.55
N LEU C 48 3.10 -9.00 -20.71
CA LEU C 48 1.65 -9.18 -20.76
C LEU C 48 0.85 -8.20 -19.90
N GLY C 49 1.51 -7.22 -19.30
CA GLY C 49 0.82 -6.23 -18.50
C GLY C 49 0.46 -6.62 -17.07
N VAL C 50 0.77 -7.84 -16.66
CA VAL C 50 0.50 -8.27 -15.29
C VAL C 50 1.75 -7.88 -14.46
N ASP C 51 1.93 -6.57 -14.32
CA ASP C 51 3.06 -5.98 -13.60
C ASP C 51 3.19 -6.38 -12.15
N SER C 52 2.10 -6.84 -11.56
CA SER C 52 2.11 -7.28 -10.16
C SER C 52 3.12 -8.42 -10.04
N HIS C 53 3.30 -9.14 -11.14
CA HIS C 53 4.21 -10.27 -11.19
C HIS C 53 5.25 -10.09 -12.31
N GLY C 54 5.67 -8.84 -12.51
CA GLY C 54 6.65 -8.53 -13.55
C GLY C 54 8.07 -8.40 -13.02
N VAL C 55 8.82 -7.43 -13.54
CA VAL C 55 10.19 -7.22 -13.11
C VAL C 55 10.33 -6.51 -11.76
N ARG C 56 9.22 -6.03 -11.23
CA ARG C 56 9.24 -5.39 -9.93
C ARG C 56 9.49 -6.44 -8.85
N LEU C 57 9.42 -7.70 -9.25
CA LEU C 57 9.64 -8.81 -8.33
C LEU C 57 11.13 -9.14 -8.18
N LEU C 58 11.96 -8.49 -8.99
CA LEU C 58 13.41 -8.71 -8.96
C LEU C 58 13.96 -8.42 -7.56
N ALA C 59 13.55 -7.27 -7.04
CA ALA C 59 13.98 -6.82 -5.72
C ALA C 59 13.79 -7.89 -4.68
N HIS C 60 12.64 -8.55 -4.72
CA HIS C 60 12.32 -9.60 -3.76
C HIS C 60 13.14 -10.88 -3.94
N TYR C 61 13.29 -11.31 -5.19
CA TYR C 61 14.04 -12.51 -5.50
C TYR C 61 15.50 -12.46 -5.10
N VAL C 62 16.17 -11.34 -5.38
CA VAL C 62 17.57 -11.20 -4.99
C VAL C 62 17.68 -11.24 -3.47
N THR C 63 16.66 -10.74 -2.79
CA THR C 63 16.63 -10.70 -1.32
C THR C 63 16.43 -12.11 -0.77
N ALA C 64 15.61 -12.89 -1.45
CA ALA C 64 15.32 -14.25 -1.03
C ALA C 64 16.53 -15.15 -1.31
N LEU C 65 17.25 -14.84 -2.39
CA LEU C 65 18.45 -15.58 -2.78
C LEU C 65 19.59 -15.29 -1.80
N GLU C 66 19.89 -14.01 -1.61
CA GLU C 66 20.95 -13.59 -0.71
C GLU C 66 20.67 -14.01 0.71
N GLY C 67 19.39 -13.99 1.09
CA GLY C 67 19.00 -14.38 2.42
C GLY C 67 19.20 -15.87 2.63
N GLY C 68 19.06 -16.63 1.55
CA GLY C 68 19.23 -18.06 1.61
C GLY C 68 17.96 -18.85 1.41
N ARG C 69 16.83 -18.15 1.28
CA ARG C 69 15.55 -18.81 1.07
C ARG C 69 15.53 -19.54 -0.27
N LEU C 70 16.00 -18.88 -1.32
CA LEU C 70 16.04 -19.48 -2.64
C LEU C 70 17.45 -19.98 -2.97
N ASN C 71 17.57 -21.27 -3.29
CA ASN C 71 18.85 -21.89 -3.65
C ASN C 71 19.34 -21.32 -4.98
N ARG C 72 20.58 -20.85 -5.00
CA ARG C 72 21.18 -20.27 -6.21
C ARG C 72 21.53 -21.35 -7.24
N ARG C 73 21.83 -22.55 -6.77
CA ARG C 73 22.18 -23.65 -7.66
C ARG C 73 21.44 -24.93 -7.32
N PRO C 74 20.12 -24.94 -7.61
CA PRO C 74 19.21 -26.06 -7.35
C PRO C 74 19.46 -27.30 -8.20
N GLN C 75 19.37 -28.45 -7.54
CA GLN C 75 19.56 -29.73 -8.20
C GLN C 75 18.19 -30.42 -8.34
N ILE C 76 17.46 -30.02 -9.38
CA ILE C 76 16.13 -30.56 -9.65
C ILE C 76 16.21 -32.06 -9.96
N SER C 77 15.50 -32.89 -9.19
CA SER C 77 15.52 -34.33 -9.40
C SER C 77 14.16 -35.01 -9.18
N ARG C 78 13.93 -36.08 -9.92
CA ARG C 78 12.67 -36.83 -9.79
C ARG C 78 12.78 -37.91 -8.74
N VAL C 79 12.03 -37.74 -7.65
CA VAL C 79 12.03 -38.71 -6.57
C VAL C 79 11.37 -40.03 -7.02
N SER C 80 10.39 -39.92 -7.92
CA SER C 80 9.69 -41.09 -8.46
C SER C 80 8.96 -40.75 -9.75
N GLY C 81 8.25 -41.74 -10.28
CA GLY C 81 7.51 -41.52 -11.50
C GLY C 81 7.35 -42.75 -12.36
N PHE C 82 6.10 -43.06 -12.71
CA PHE C 82 5.80 -44.21 -13.54
C PHE C 82 4.69 -43.82 -14.51
N GLY C 83 4.81 -44.27 -15.75
CA GLY C 83 3.82 -43.93 -16.74
C GLY C 83 4.02 -42.49 -17.17
N ALA C 84 2.92 -41.74 -17.25
CA ALA C 84 2.98 -40.35 -17.66
C ALA C 84 3.01 -39.36 -16.50
N VAL C 85 3.38 -39.83 -15.33
CA VAL C 85 3.47 -38.97 -14.15
C VAL C 85 4.83 -39.11 -13.46
N GLU C 86 5.11 -38.16 -12.56
CA GLU C 86 6.35 -38.15 -11.79
C GLU C 86 6.37 -36.95 -10.85
N THR C 87 6.96 -37.13 -9.69
CA THR C 87 7.08 -36.05 -8.73
C THR C 87 8.53 -35.56 -8.75
N ILE C 88 8.69 -34.24 -8.93
CA ILE C 88 10.00 -33.61 -9.00
C ILE C 88 10.33 -32.82 -7.74
N ASP C 89 11.56 -32.97 -7.26
CA ASP C 89 12.02 -32.24 -6.09
C ASP C 89 12.96 -31.15 -6.57
N ALA C 90 12.44 -29.93 -6.60
CA ALA C 90 13.18 -28.76 -7.07
C ALA C 90 14.43 -28.37 -6.27
N ASP C 91 14.60 -28.93 -5.08
CA ASP C 91 15.75 -28.63 -4.22
C ASP C 91 15.75 -27.16 -3.78
N HIS C 92 14.58 -26.66 -3.39
CA HIS C 92 14.40 -25.29 -2.93
C HIS C 92 14.72 -24.24 -4.00
N ALA C 93 14.54 -24.62 -5.27
CA ALA C 93 14.80 -23.76 -6.41
C ALA C 93 13.87 -22.57 -6.47
N HIS C 94 14.21 -21.61 -7.32
CA HIS C 94 13.36 -20.45 -7.53
C HIS C 94 12.19 -20.97 -8.34
N GLY C 95 10.97 -20.62 -7.93
CA GLY C 95 9.75 -21.06 -8.57
C GLY C 95 9.80 -21.24 -10.07
N ALA C 96 10.21 -20.21 -10.79
CA ALA C 96 10.29 -20.26 -12.25
C ALA C 96 11.18 -21.40 -12.75
N ARG C 97 12.30 -21.61 -12.09
CA ARG C 97 13.23 -22.66 -12.46
C ARG C 97 12.62 -24.05 -12.22
N ALA C 98 11.99 -24.21 -11.07
CA ALA C 98 11.37 -25.47 -10.69
C ALA C 98 10.15 -25.84 -11.53
N THR C 99 9.43 -24.83 -12.01
CA THR C 99 8.23 -25.05 -12.78
C THR C 99 8.46 -25.08 -14.29
N TYR C 100 9.43 -24.33 -14.79
CA TYR C 100 9.74 -24.34 -16.21
C TYR C 100 10.36 -25.69 -16.55
N ALA C 101 11.07 -26.25 -15.58
CA ALA C 101 11.72 -27.54 -15.73
C ALA C 101 10.69 -28.65 -15.65
N ALA C 102 9.72 -28.51 -14.75
CA ALA C 102 8.67 -29.51 -14.60
C ALA C 102 7.77 -29.53 -15.85
N MET C 103 7.58 -28.37 -16.47
CA MET C 103 6.74 -28.27 -17.66
C MET C 103 7.39 -28.91 -18.89
N GLU C 104 8.70 -28.75 -19.06
CA GLU C 104 9.37 -29.36 -20.20
C GLU C 104 9.31 -30.89 -20.05
N ASN C 105 9.18 -31.35 -18.81
CA ASN C 105 9.08 -32.77 -18.51
C ASN C 105 7.66 -33.27 -18.78
N ALA C 106 6.68 -32.45 -18.42
CA ALA C 106 5.29 -32.80 -18.64
C ALA C 106 5.03 -32.82 -20.14
N MET C 107 5.72 -31.96 -20.88
CA MET C 107 5.57 -31.90 -22.33
C MET C 107 6.21 -33.15 -22.91
N ALA C 108 7.36 -33.52 -22.36
CA ALA C 108 8.10 -34.71 -22.80
C ALA C 108 7.26 -35.97 -22.57
N LEU C 109 6.58 -36.03 -21.43
CA LEU C 109 5.74 -37.17 -21.10
C LEU C 109 4.48 -37.19 -21.96
N ALA C 110 4.03 -36.00 -22.35
CA ALA C 110 2.83 -35.85 -23.18
C ALA C 110 3.11 -36.33 -24.60
N GLU C 111 4.34 -36.12 -25.05
CA GLU C 111 4.74 -36.55 -26.39
C GLU C 111 4.81 -38.07 -26.43
N LYS C 112 4.97 -38.68 -25.26
CA LYS C 112 5.06 -40.14 -25.17
C LYS C 112 3.77 -40.84 -24.72
N PHE C 113 2.93 -40.16 -23.94
CA PHE C 113 1.69 -40.77 -23.45
C PHE C 113 0.40 -39.99 -23.72
N GLY C 114 0.48 -38.91 -24.51
CA GLY C 114 -0.70 -38.11 -24.77
C GLY C 114 -0.89 -37.03 -23.72
N ILE C 115 -0.48 -37.33 -22.49
CA ILE C 115 -0.56 -36.40 -21.36
C ILE C 115 0.66 -36.51 -20.47
N GLY C 116 0.88 -35.45 -19.69
CA GLY C 116 1.99 -35.43 -18.77
C GLY C 116 1.63 -34.64 -17.55
N ALA C 117 1.75 -35.26 -16.38
CA ALA C 117 1.45 -34.59 -15.12
C ALA C 117 2.69 -34.68 -14.24
N VAL C 118 3.07 -33.56 -13.63
CA VAL C 118 4.24 -33.54 -12.76
C VAL C 118 3.98 -32.81 -11.46
N ALA C 119 4.28 -33.47 -10.35
CA ALA C 119 4.11 -32.89 -9.02
C ALA C 119 5.42 -32.21 -8.68
N ILE C 120 5.38 -30.95 -8.27
CA ILE C 120 6.59 -30.21 -7.94
C ILE C 120 6.76 -30.10 -6.42
N ARG C 121 7.95 -30.46 -5.96
CA ARG C 121 8.26 -30.41 -4.53
C ARG C 121 9.35 -29.38 -4.21
N ASN C 122 9.35 -28.92 -2.96
CA ASN C 122 10.33 -27.95 -2.47
C ASN C 122 10.63 -26.84 -3.45
N SER C 123 9.59 -26.10 -3.83
CA SER C 123 9.75 -25.02 -4.77
C SER C 123 9.50 -23.70 -4.05
N SER C 124 9.23 -22.65 -4.81
CA SER C 124 8.97 -21.34 -4.25
C SER C 124 8.10 -20.51 -5.18
N HIS C 125 7.83 -19.26 -4.80
CA HIS C 125 7.00 -18.36 -5.61
C HIS C 125 7.47 -18.37 -7.05
N PHE C 126 6.54 -18.62 -7.98
CA PHE C 126 6.92 -18.68 -9.38
C PHE C 126 6.37 -17.56 -10.25
N GLY C 127 6.03 -16.42 -9.65
CA GLY C 127 5.53 -15.32 -10.43
C GLY C 127 4.21 -15.66 -11.11
N PRO C 128 3.98 -15.20 -12.34
CA PRO C 128 2.72 -15.51 -13.03
C PRO C 128 2.59 -16.98 -13.44
N ALA C 129 1.50 -17.61 -13.02
CA ALA C 129 1.23 -19.01 -13.35
C ALA C 129 1.13 -19.24 -14.84
N GLY C 130 0.69 -18.22 -15.57
CA GLY C 130 0.54 -18.32 -17.02
C GLY C 130 1.84 -18.50 -17.79
N ALA C 131 2.96 -18.16 -17.16
CA ALA C 131 4.26 -18.27 -17.80
C ALA C 131 4.51 -19.70 -18.29
N TYR C 132 4.21 -20.66 -17.42
CA TYR C 132 4.40 -22.07 -17.71
C TYR C 132 3.32 -22.63 -18.62
N ALA C 133 2.09 -22.20 -18.38
CA ALA C 133 0.97 -22.66 -19.18
C ALA C 133 1.17 -22.18 -20.62
N LEU C 134 1.57 -20.91 -20.76
CA LEU C 134 1.80 -20.31 -22.08
C LEU C 134 2.98 -20.98 -22.79
N GLU C 135 3.89 -21.54 -22.02
CA GLU C 135 5.04 -22.22 -22.58
C GLU C 135 4.62 -23.46 -23.35
N ALA C 136 3.72 -24.23 -22.75
CA ALA C 136 3.20 -25.44 -23.36
C ALA C 136 2.42 -25.10 -24.62
N ALA C 137 1.67 -24.01 -24.57
CA ALA C 137 0.86 -23.56 -25.71
C ALA C 137 1.76 -23.20 -26.88
N ARG C 138 2.87 -22.53 -26.58
CA ARG C 138 3.83 -22.14 -27.61
C ARG C 138 4.42 -23.41 -28.22
N GLN C 139 4.47 -24.47 -27.41
CA GLN C 139 4.99 -25.76 -27.84
C GLN C 139 3.94 -26.65 -28.50
N GLY C 140 2.69 -26.22 -28.49
CA GLY C 140 1.64 -27.00 -29.12
C GLY C 140 0.87 -27.96 -28.24
N TYR C 141 1.00 -27.79 -26.93
CA TYR C 141 0.30 -28.63 -25.98
C TYR C 141 -0.49 -27.70 -25.08
N ILE C 142 -1.52 -28.31 -24.50
CA ILE C 142 -2.42 -27.67 -23.55
C ILE C 142 -1.72 -27.77 -22.20
N GLY C 143 -1.41 -26.63 -21.61
CA GLY C 143 -0.73 -26.64 -20.33
C GLY C 143 -1.57 -26.13 -19.19
N LEU C 144 -1.37 -26.74 -18.02
CA LEU C 144 -2.08 -26.38 -16.79
C LEU C 144 -1.04 -26.06 -15.72
N ALA C 145 -1.37 -25.13 -14.85
CA ALA C 145 -0.47 -24.74 -13.77
C ALA C 145 -1.25 -24.40 -12.51
N PHE C 146 -0.96 -25.13 -11.44
CA PHE C 146 -1.59 -24.94 -10.14
C PHE C 146 -0.52 -24.70 -9.08
N CYS C 147 -0.87 -23.91 -8.07
CA CYS C 147 0.03 -23.63 -6.94
C CYS C 147 -0.72 -22.88 -5.87
N ASN C 148 -0.21 -22.95 -4.65
CA ASN C 148 -0.81 -22.26 -3.54
C ASN C 148 0.16 -21.24 -2.97
N SER C 149 -0.20 -20.65 -1.85
CA SER C 149 0.62 -19.66 -1.18
C SER C 149 0.12 -19.50 0.24
N ASP C 150 0.73 -18.59 1.00
CA ASP C 150 0.29 -18.37 2.38
C ASP C 150 -1.14 -17.80 2.37
N SER C 151 -1.95 -18.27 3.30
CA SER C 151 -3.36 -17.86 3.43
C SER C 151 -3.64 -16.38 3.28
N PHE C 152 -4.62 -16.07 2.44
CA PHE C 152 -5.05 -14.69 2.19
C PHE C 152 -6.55 -14.61 1.95
N VAL C 153 -7.12 -15.65 1.33
CA VAL C 153 -8.54 -15.65 1.01
C VAL C 153 -9.37 -16.55 1.91
N ARG C 154 -10.53 -16.03 2.31
CA ARG C 154 -11.46 -16.75 3.16
C ARG C 154 -12.35 -17.70 2.37
N LEU C 155 -13.05 -18.58 3.07
CA LEU C 155 -13.98 -19.51 2.44
C LEU C 155 -15.27 -18.69 2.28
N HIS C 156 -16.27 -19.26 1.60
CA HIS C 156 -17.54 -18.54 1.45
C HIS C 156 -18.14 -18.55 2.84
N ASP C 157 -18.47 -17.38 3.39
CA ASP C 157 -19.03 -17.23 4.73
C ASP C 157 -17.95 -17.47 5.79
N GLY C 158 -16.67 -17.28 5.43
CA GLY C 158 -15.59 -17.48 6.38
C GLY C 158 -15.20 -16.22 7.13
N ALA C 159 -14.48 -16.38 8.23
CA ALA C 159 -14.03 -15.26 9.04
C ALA C 159 -12.53 -15.35 9.33
N MET C 160 -11.76 -15.82 8.34
CA MET C 160 -10.30 -15.98 8.47
C MET C 160 -9.62 -16.27 7.15
N ARG C 161 -8.38 -15.81 6.97
CA ARG C 161 -7.67 -16.12 5.73
C ARG C 161 -7.52 -17.63 5.71
N PHE C 162 -7.88 -18.27 4.60
CA PHE C 162 -7.80 -19.72 4.53
C PHE C 162 -6.93 -20.23 3.39
N HIS C 163 -7.38 -20.02 2.16
CA HIS C 163 -6.62 -20.46 0.99
C HIS C 163 -5.74 -19.36 0.50
N GLY C 164 -4.65 -19.71 -0.20
CA GLY C 164 -3.79 -18.68 -0.78
C GLY C 164 -4.57 -18.08 -1.94
N THR C 165 -3.93 -17.31 -2.80
CA THR C 165 -4.63 -16.76 -3.95
C THR C 165 -4.69 -17.83 -5.05
N ASN C 166 -4.23 -19.03 -4.68
CA ASN C 166 -4.22 -20.23 -5.50
C ASN C 166 -4.64 -20.02 -6.94
N PRO C 167 -3.71 -19.61 -7.80
CA PRO C 167 -4.01 -19.37 -9.21
C PRO C 167 -4.24 -20.60 -10.09
N ILE C 168 -4.90 -20.36 -11.22
CA ILE C 168 -5.21 -21.38 -12.23
C ILE C 168 -4.76 -20.80 -13.56
N ALA C 169 -3.93 -21.55 -14.28
CA ALA C 169 -3.47 -21.10 -15.58
C ALA C 169 -3.61 -22.21 -16.63
N VAL C 170 -4.29 -21.89 -17.73
CA VAL C 170 -4.49 -22.86 -18.81
C VAL C 170 -4.11 -22.19 -20.13
N GLY C 171 -3.19 -22.81 -20.86
CA GLY C 171 -2.75 -22.29 -22.13
C GLY C 171 -3.04 -23.26 -23.26
N VAL C 172 -3.77 -22.80 -24.26
CA VAL C 172 -4.11 -23.66 -25.38
C VAL C 172 -3.58 -23.06 -26.69
N PRO C 173 -2.96 -23.89 -27.54
CA PRO C 173 -2.41 -23.45 -28.81
C PRO C 173 -3.49 -22.86 -29.70
N ALA C 174 -3.14 -21.81 -30.44
CA ALA C 174 -4.09 -21.18 -31.35
C ALA C 174 -3.93 -21.83 -32.72
N ALA C 175 -3.73 -21.00 -33.74
CA ALA C 175 -3.55 -21.50 -35.11
C ALA C 175 -2.54 -20.60 -35.82
N ASP C 176 -2.98 -19.38 -36.11
CA ASP C 176 -2.12 -18.40 -36.76
C ASP C 176 -2.13 -17.11 -35.95
N ASP C 177 -2.26 -17.27 -34.63
CA ASP C 177 -2.25 -16.15 -33.71
C ASP C 177 -1.79 -16.62 -32.33
N MET C 178 -1.87 -15.72 -31.35
CA MET C 178 -1.44 -16.01 -30.00
C MET C 178 -2.33 -17.03 -29.32
N PRO C 179 -1.74 -17.92 -28.51
CA PRO C 179 -2.45 -18.96 -27.76
C PRO C 179 -3.51 -18.44 -26.82
N TRP C 180 -4.51 -19.28 -26.58
CA TRP C 180 -5.61 -18.99 -25.67
C TRP C 180 -4.97 -19.04 -24.25
N LEU C 181 -5.12 -18.03 -23.41
CA LEU C 181 -4.42 -18.13 -22.14
C LEU C 181 -5.24 -17.60 -20.95
N LEU C 182 -5.44 -18.46 -19.96
CA LEU C 182 -6.15 -18.09 -18.73
C LEU C 182 -5.17 -18.22 -17.57
N ASP C 183 -5.05 -17.10 -16.87
CA ASP C 183 -4.18 -16.92 -15.72
C ASP C 183 -4.97 -16.08 -14.74
N MET C 184 -5.49 -16.73 -13.71
CA MET C 184 -6.32 -16.05 -12.72
C MET C 184 -6.22 -16.54 -11.31
N ALA C 185 -6.22 -15.69 -10.31
CA ALA C 185 -6.20 -16.15 -8.93
C ALA C 185 -7.62 -16.64 -8.64
N THR C 186 -7.78 -17.57 -7.72
CA THR C 186 -9.12 -18.04 -7.42
C THR C 186 -9.93 -16.99 -6.68
N SER C 187 -9.24 -16.04 -6.05
CA SER C 187 -9.93 -14.96 -5.37
C SER C 187 -10.36 -13.94 -6.41
N ALA C 188 -11.40 -13.18 -6.11
CA ALA C 188 -11.90 -12.19 -7.05
C ALA C 188 -10.78 -11.33 -7.64
N VAL C 189 -9.92 -10.81 -6.77
CA VAL C 189 -8.82 -9.96 -7.20
C VAL C 189 -7.58 -10.35 -6.38
N PRO C 190 -6.38 -10.14 -6.91
CA PRO C 190 -5.14 -10.48 -6.18
C PRO C 190 -4.88 -9.58 -4.97
N TYR C 191 -4.02 -10.03 -4.07
CA TYR C 191 -3.72 -9.26 -2.86
C TYR C 191 -3.08 -7.90 -3.04
N ASN C 192 -2.12 -7.80 -3.96
CA ASN C 192 -1.44 -6.52 -4.21
C ASN C 192 -2.42 -5.38 -4.51
N ARG C 193 -3.62 -5.73 -4.95
CA ARG C 193 -4.65 -4.75 -5.26
C ARG C 193 -5.10 -3.97 -4.02
N VAL C 194 -5.11 -4.62 -2.86
CA VAL C 194 -5.51 -3.95 -1.62
C VAL C 194 -4.41 -2.97 -1.23
N LEU C 195 -3.16 -3.38 -1.44
CA LEU C 195 -2.00 -2.57 -1.12
C LEU C 195 -2.00 -1.31 -1.99
N LEU C 196 -2.35 -1.48 -3.26
CA LEU C 196 -2.39 -0.37 -4.20
C LEU C 196 -3.48 0.61 -3.80
N TYR C 197 -4.68 0.11 -3.54
CA TYR C 197 -5.80 0.96 -3.15
C TYR C 197 -5.55 1.63 -1.80
N ARG C 198 -4.88 0.92 -0.90
CA ARG C 198 -4.54 1.46 0.42
C ARG C 198 -3.56 2.61 0.20
N SER C 199 -2.67 2.44 -0.77
CA SER C 199 -1.66 3.44 -1.10
C SER C 199 -2.29 4.69 -1.70
N LEU C 200 -3.24 4.50 -2.60
CA LEU C 200 -3.91 5.62 -3.25
C LEU C 200 -5.03 6.20 -2.40
N GLY C 201 -5.42 5.48 -1.35
CA GLY C 201 -6.49 5.95 -0.46
C GLY C 201 -7.89 5.82 -1.05
N GLN C 202 -8.05 4.91 -2.00
CA GLN C 202 -9.34 4.68 -2.64
C GLN C 202 -10.00 3.39 -2.16
N GLN C 203 -11.32 3.31 -2.28
CA GLN C 203 -12.04 2.12 -1.85
C GLN C 203 -12.06 1.03 -2.92
N LEU C 204 -11.92 -0.20 -2.47
CA LEU C 204 -11.92 -1.36 -3.34
C LEU C 204 -13.29 -1.63 -3.94
N PRO C 205 -13.37 -2.50 -4.96
CA PRO C 205 -14.67 -2.80 -5.56
C PRO C 205 -15.43 -3.66 -4.56
N GLN C 206 -16.74 -3.65 -4.67
CA GLN C 206 -17.56 -4.42 -3.74
C GLN C 206 -17.43 -5.94 -3.90
N GLY C 207 -17.24 -6.61 -2.77
CA GLY C 207 -17.13 -8.07 -2.78
C GLY C 207 -15.75 -8.66 -3.02
N VAL C 208 -14.70 -7.85 -2.98
CA VAL C 208 -13.34 -8.35 -3.20
C VAL C 208 -12.59 -8.68 -1.90
N ALA C 209 -13.00 -8.05 -0.81
CA ALA C 209 -12.34 -8.28 0.47
C ALA C 209 -13.30 -8.20 1.66
N SER C 210 -12.83 -8.67 2.82
CA SER C 210 -13.63 -8.68 4.03
C SER C 210 -12.80 -8.23 5.22
N ASP C 211 -13.47 -7.75 6.27
CA ASP C 211 -12.77 -7.34 7.48
C ASP C 211 -12.45 -8.58 8.32
N GLY C 212 -12.07 -8.37 9.58
CA GLY C 212 -11.77 -9.51 10.43
C GLY C 212 -12.98 -10.35 10.83
N ASP C 213 -14.18 -9.79 10.69
CA ASP C 213 -15.39 -10.50 11.06
C ASP C 213 -15.97 -11.32 9.90
N GLY C 214 -15.30 -11.27 8.75
CA GLY C 214 -15.79 -12.01 7.59
C GLY C 214 -16.76 -11.24 6.74
N VAL C 215 -17.14 -10.04 7.19
CA VAL C 215 -18.06 -9.20 6.44
C VAL C 215 -17.30 -8.26 5.51
N ASP C 216 -17.69 -8.29 4.24
CA ASP C 216 -17.05 -7.49 3.22
C ASP C 216 -16.88 -6.02 3.56
N THR C 217 -15.90 -5.41 2.93
CA THR C 217 -15.59 -4.00 3.14
C THR C 217 -14.90 -3.46 1.89
N ARG C 218 -15.15 -2.21 1.55
CA ARG C 218 -14.53 -1.60 0.38
C ARG C 218 -13.34 -0.74 0.83
N ASP C 219 -13.13 -0.67 2.13
CA ASP C 219 -12.03 0.10 2.72
C ASP C 219 -10.79 -0.78 2.77
N PRO C 220 -9.77 -0.44 1.95
CA PRO C 220 -8.53 -1.22 1.92
C PRO C 220 -7.78 -1.30 3.25
N ASN C 221 -8.08 -0.39 4.18
CA ASN C 221 -7.41 -0.38 5.48
C ASN C 221 -8.06 -1.35 6.46
N ALA C 222 -9.34 -1.63 6.22
CA ALA C 222 -10.10 -2.54 7.07
C ALA C 222 -9.97 -4.02 6.64
N VAL C 223 -9.45 -4.24 5.44
CA VAL C 223 -9.28 -5.57 4.89
C VAL C 223 -8.33 -6.48 5.66
N GLU C 224 -8.76 -7.71 5.91
CA GLU C 224 -7.95 -8.65 6.63
C GLU C 224 -7.93 -10.00 5.95
N MET C 225 -8.56 -10.07 4.78
CA MET C 225 -8.65 -11.29 3.99
C MET C 225 -9.35 -10.99 2.67
N LEU C 226 -8.99 -11.74 1.63
CA LEU C 226 -9.59 -11.58 0.31
C LEU C 226 -10.79 -12.51 0.17
N ALA C 227 -11.75 -12.10 -0.67
CA ALA C 227 -12.94 -12.91 -0.89
C ALA C 227 -12.83 -13.78 -2.13
N PRO C 228 -13.45 -14.96 -2.11
CA PRO C 228 -13.45 -15.91 -3.23
C PRO C 228 -14.19 -15.34 -4.44
N VAL C 229 -13.83 -15.79 -5.64
CA VAL C 229 -14.51 -15.33 -6.85
C VAL C 229 -15.91 -15.93 -6.90
N GLY C 230 -16.89 -15.10 -7.22
CA GLY C 230 -18.26 -15.57 -7.29
C GLY C 230 -19.27 -14.75 -6.48
N GLY C 231 -18.78 -13.92 -5.56
CA GLY C 231 -19.66 -13.11 -4.74
C GLY C 231 -20.59 -13.92 -3.85
N GLU C 232 -21.90 -13.78 -4.09
CA GLU C 232 -22.89 -14.52 -3.31
C GLU C 232 -22.68 -16.02 -3.58
N PHE C 233 -22.09 -16.32 -4.73
CA PHE C 233 -21.80 -17.68 -5.12
C PHE C 233 -20.28 -17.87 -5.04
N GLY C 234 -19.68 -17.22 -4.05
CA GLY C 234 -18.26 -17.30 -3.86
C GLY C 234 -17.81 -18.68 -3.48
N PHE C 235 -18.76 -19.52 -3.05
CA PHE C 235 -18.46 -20.89 -2.68
C PHE C 235 -17.91 -21.70 -3.84
N LYS C 236 -18.15 -21.22 -5.05
CA LYS C 236 -17.64 -21.87 -6.25
C LYS C 236 -16.17 -21.48 -6.40
N GLY C 237 -15.87 -20.23 -6.06
CA GLY C 237 -14.51 -19.73 -6.15
C GLY C 237 -13.65 -20.36 -5.10
N ALA C 238 -14.26 -20.67 -3.94
CA ALA C 238 -13.56 -21.31 -2.84
C ALA C 238 -13.34 -22.79 -3.10
N ALA C 239 -14.22 -23.39 -3.90
CA ALA C 239 -14.15 -24.79 -4.26
C ALA C 239 -13.07 -24.96 -5.32
N LEU C 240 -12.87 -23.92 -6.13
CA LEU C 240 -11.85 -23.94 -7.16
C LEU C 240 -10.47 -23.81 -6.51
N ALA C 241 -10.38 -23.00 -5.47
CA ALA C 241 -9.13 -22.80 -4.75
C ALA C 241 -8.82 -24.12 -4.06
N GLY C 242 -9.85 -24.94 -3.88
CA GLY C 242 -9.67 -26.23 -3.25
C GLY C 242 -9.04 -27.25 -4.18
N VAL C 243 -9.45 -27.26 -5.45
CA VAL C 243 -8.90 -28.20 -6.41
C VAL C 243 -7.41 -27.95 -6.61
N VAL C 244 -7.02 -26.68 -6.64
CA VAL C 244 -5.63 -26.31 -6.81
C VAL C 244 -4.85 -26.67 -5.55
N GLU C 245 -5.51 -26.55 -4.39
CA GLU C 245 -4.88 -26.86 -3.10
C GLU C 245 -4.59 -28.35 -3.02
N ILE C 246 -5.47 -29.15 -3.58
CA ILE C 246 -5.31 -30.59 -3.59
C ILE C 246 -4.17 -30.99 -4.53
N PHE C 247 -4.11 -30.38 -5.72
CA PHE C 247 -3.05 -30.69 -6.68
C PHE C 247 -1.69 -30.11 -6.26
N SER C 248 -1.72 -28.94 -5.63
CA SER C 248 -0.51 -28.25 -5.19
C SER C 248 0.06 -28.66 -3.83
N ALA C 249 -0.78 -29.15 -2.92
CA ALA C 249 -0.29 -29.52 -1.60
C ALA C 249 -0.53 -30.97 -1.16
N VAL C 250 -1.79 -31.42 -1.21
CA VAL C 250 -2.06 -32.79 -0.77
C VAL C 250 -1.43 -33.83 -1.71
N LEU C 251 -1.35 -33.48 -3.00
CA LEU C 251 -0.80 -34.38 -4.01
C LEU C 251 0.71 -34.25 -4.21
N THR C 252 1.31 -33.26 -3.58
CA THR C 252 2.76 -33.05 -3.69
C THR C 252 3.48 -33.39 -2.39
N GLY C 253 2.73 -33.34 -1.28
CA GLY C 253 3.32 -33.62 0.02
C GLY C 253 3.74 -32.34 0.72
N MET C 254 3.67 -31.22 0.00
CA MET C 254 4.03 -29.92 0.54
C MET C 254 2.94 -29.36 1.46
N ARG C 255 3.29 -28.34 2.23
CA ARG C 255 2.36 -27.72 3.18
C ARG C 255 1.16 -27.03 2.53
N LEU C 256 0.01 -27.11 3.20
CA LEU C 256 -1.22 -26.46 2.74
C LEU C 256 -1.07 -24.96 3.00
N SER C 257 -1.88 -24.15 2.34
CA SER C 257 -1.84 -22.69 2.48
C SER C 257 -1.62 -22.14 3.90
N PHE C 258 -2.49 -22.55 4.81
CA PHE C 258 -2.45 -22.09 6.20
C PHE C 258 -1.24 -22.55 6.99
N ASP C 259 -0.50 -23.51 6.45
CA ASP C 259 0.70 -24.03 7.11
C ASP C 259 1.97 -23.40 6.54
N LEU C 260 1.85 -22.73 5.39
CA LEU C 260 2.99 -22.10 4.75
C LEU C 260 3.43 -20.83 5.45
N ALA C 261 4.73 -20.56 5.34
CA ALA C 261 5.33 -19.37 5.94
C ALA C 261 5.00 -18.19 5.02
N PRO C 262 5.09 -16.96 5.55
CA PRO C 262 4.81 -15.74 4.78
C PRO C 262 5.67 -15.57 3.53
N MET C 263 5.13 -14.87 2.54
CA MET C 263 5.84 -14.60 1.29
C MET C 263 6.79 -13.44 1.52
N GLY C 264 6.46 -12.60 2.49
CA GLY C 264 7.30 -11.46 2.81
C GLY C 264 8.31 -11.82 3.89
N GLY C 265 9.00 -10.81 4.42
CA GLY C 265 9.97 -11.05 5.46
C GLY C 265 9.33 -11.36 6.81
N PRO C 266 10.09 -11.28 7.91
CA PRO C 266 11.51 -10.91 8.00
C PRO C 266 12.43 -12.05 7.62
N ASP C 267 11.91 -13.27 7.68
CA ASP C 267 12.69 -14.46 7.34
C ASP C 267 12.83 -14.56 5.83
N PHE C 268 14.07 -14.49 5.37
CA PHE C 268 14.39 -14.61 3.95
C PHE C 268 15.46 -15.67 3.82
N SER C 269 15.59 -16.49 4.86
CA SER C 269 16.59 -17.55 4.90
C SER C 269 15.99 -18.94 4.94
N THR C 270 14.97 -19.16 5.77
CA THR C 270 14.34 -20.47 5.87
C THR C 270 13.42 -20.71 4.68
N PRO C 271 13.64 -21.80 3.94
CA PRO C 271 12.86 -22.18 2.77
C PRO C 271 11.41 -22.49 3.13
N ARG C 272 10.49 -22.08 2.27
CA ARG C 272 9.07 -22.29 2.49
C ARG C 272 8.52 -23.69 2.13
N GLY C 273 9.18 -24.36 1.18
CA GLY C 273 8.75 -25.69 0.76
C GLY C 273 7.41 -25.66 0.06
N LEU C 274 7.31 -24.81 -0.94
CA LEU C 274 6.08 -24.63 -1.70
C LEU C 274 5.87 -25.74 -2.73
N GLY C 275 4.62 -26.16 -2.89
CA GLY C 275 4.31 -27.19 -3.87
C GLY C 275 3.59 -26.59 -5.07
N ALA C 276 3.63 -27.30 -6.19
CA ALA C 276 2.98 -26.85 -7.41
C ALA C 276 2.63 -28.06 -8.27
N PHE C 277 1.85 -27.85 -9.32
CA PHE C 277 1.47 -28.95 -10.20
C PHE C 277 1.44 -28.50 -11.66
N VAL C 278 2.00 -29.32 -12.54
CA VAL C 278 2.04 -29.02 -13.97
C VAL C 278 1.37 -30.13 -14.81
N LEU C 279 0.69 -29.76 -15.88
CA LEU C 279 -0.01 -30.73 -16.73
C LEU C 279 0.07 -30.38 -18.22
N ALA C 280 0.25 -31.39 -19.07
CA ALA C 280 0.36 -31.17 -20.52
C ALA C 280 -0.48 -32.14 -21.36
N LEU C 281 -1.18 -31.59 -22.36
CA LEU C 281 -2.02 -32.39 -23.25
C LEU C 281 -1.53 -32.34 -24.69
N LYS C 282 -1.46 -33.50 -25.32
CA LYS C 282 -1.04 -33.60 -26.72
C LYS C 282 -2.32 -33.70 -27.54
N PRO C 283 -2.74 -32.59 -28.19
CA PRO C 283 -3.96 -32.57 -29.01
C PRO C 283 -4.02 -33.68 -30.06
N GLU C 284 -2.86 -34.00 -30.64
CA GLU C 284 -2.75 -35.02 -31.66
C GLU C 284 -3.03 -36.43 -31.15
N ALA C 285 -3.07 -36.59 -29.83
CA ALA C 285 -3.34 -37.89 -29.24
C ALA C 285 -4.84 -38.17 -29.15
N PHE C 286 -5.64 -37.13 -29.34
CA PHE C 286 -7.10 -37.26 -29.28
C PHE C 286 -7.73 -37.16 -30.66
N LEU C 287 -7.24 -36.21 -31.46
CA LEU C 287 -7.77 -36.01 -32.80
C LEU C 287 -6.80 -35.42 -33.80
N GLU C 288 -7.29 -35.27 -35.02
CA GLU C 288 -6.52 -34.68 -36.12
C GLU C 288 -6.27 -33.22 -35.73
N ARG C 289 -5.01 -32.81 -35.76
CA ARG C 289 -4.68 -31.43 -35.41
C ARG C 289 -5.38 -30.42 -36.31
N ASP C 290 -5.70 -30.84 -37.53
CA ASP C 290 -6.37 -29.96 -38.48
C ASP C 290 -7.80 -29.65 -38.05
N VAL C 291 -8.44 -30.59 -37.36
CA VAL C 291 -9.80 -30.40 -36.88
C VAL C 291 -9.81 -29.71 -35.50
N PHE C 292 -8.65 -29.69 -34.84
CA PHE C 292 -8.51 -29.05 -33.53
C PHE C 292 -8.32 -27.55 -33.72
N ASP C 293 -7.54 -27.17 -34.72
CA ASP C 293 -7.26 -25.78 -35.04
C ASP C 293 -8.44 -25.08 -35.68
N GLU C 294 -9.18 -25.79 -36.52
CA GLU C 294 -10.35 -25.22 -37.18
C GLU C 294 -11.46 -24.95 -36.17
N SER C 295 -11.55 -25.81 -35.15
CA SER C 295 -12.56 -25.67 -34.09
C SER C 295 -12.17 -24.52 -33.17
N MET C 296 -10.88 -24.43 -32.85
CA MET C 296 -10.38 -23.38 -32.00
C MET C 296 -10.51 -22.06 -32.74
N LYS C 297 -10.19 -22.08 -34.03
CA LYS C 297 -10.28 -20.89 -34.87
C LYS C 297 -11.70 -20.36 -34.91
N ARG C 298 -12.65 -21.27 -35.12
CA ARG C 298 -14.06 -20.91 -35.18
C ARG C 298 -14.54 -20.42 -33.82
N TYR C 299 -14.09 -21.11 -32.77
CA TYR C 299 -14.44 -20.78 -31.40
C TYR C 299 -14.08 -19.33 -31.06
N LEU C 300 -12.86 -18.93 -31.42
CA LEU C 300 -12.36 -17.57 -31.16
C LEU C 300 -12.94 -16.54 -32.12
N GLU C 301 -13.17 -16.95 -33.36
CA GLU C 301 -13.74 -16.05 -34.36
C GLU C 301 -15.10 -15.58 -33.90
N VAL C 302 -15.92 -16.53 -33.48
CA VAL C 302 -17.28 -16.26 -33.00
C VAL C 302 -17.29 -15.50 -31.69
N LEU C 303 -16.40 -15.87 -30.76
CA LEU C 303 -16.33 -15.23 -29.45
C LEU C 303 -16.07 -13.75 -29.58
N ARG C 304 -14.98 -13.40 -30.24
CA ARG C 304 -14.61 -12.01 -30.44
C ARG C 304 -15.65 -11.25 -31.26
N GLY C 305 -16.40 -11.97 -32.07
CA GLY C 305 -17.42 -11.33 -32.89
C GLY C 305 -18.78 -11.26 -32.23
N SER C 306 -18.88 -11.87 -31.05
CA SER C 306 -20.11 -11.92 -30.27
C SER C 306 -20.61 -10.50 -29.89
N PRO C 307 -21.93 -10.34 -29.76
CA PRO C 307 -22.54 -9.05 -29.39
C PRO C 307 -22.14 -8.66 -27.97
N ALA C 308 -21.89 -7.38 -27.76
CA ALA C 308 -21.49 -6.87 -26.45
C ALA C 308 -22.50 -5.89 -25.88
N ARG C 309 -22.28 -5.49 -24.63
CA ARG C 309 -23.14 -4.52 -23.95
C ARG C 309 -22.83 -3.12 -24.47
N GLU C 310 -23.44 -2.09 -23.89
CA GLU C 310 -23.20 -0.71 -24.33
C GLU C 310 -21.75 -0.26 -24.14
N ASP C 311 -21.11 0.10 -25.25
CA ASP C 311 -19.72 0.57 -25.24
C ASP C 311 -18.74 -0.40 -24.60
N CYS C 312 -19.09 -1.68 -24.64
CA CYS C 312 -18.23 -2.72 -24.07
C CYS C 312 -17.62 -3.55 -25.19
N LYS C 313 -16.76 -4.47 -24.82
CA LYS C 313 -16.11 -5.33 -25.78
C LYS C 313 -15.93 -6.70 -25.15
N VAL C 314 -16.11 -7.74 -25.96
CA VAL C 314 -15.95 -9.09 -25.48
C VAL C 314 -14.60 -9.59 -25.98
N MET C 315 -13.95 -10.43 -25.18
CA MET C 315 -12.66 -10.97 -25.56
C MET C 315 -12.40 -12.30 -24.88
N ALA C 316 -11.51 -13.09 -25.47
CA ALA C 316 -11.16 -14.40 -24.92
C ALA C 316 -10.05 -14.22 -23.89
N PRO C 317 -9.81 -15.24 -23.06
CA PRO C 317 -8.76 -15.15 -22.05
C PRO C 317 -7.38 -14.98 -22.70
N GLY C 318 -6.70 -13.90 -22.35
CA GLY C 318 -5.38 -13.66 -22.92
C GLY C 318 -5.42 -12.54 -23.95
N ASP C 319 -6.61 -12.22 -24.46
CA ASP C 319 -6.76 -11.17 -25.46
C ASP C 319 -6.30 -9.81 -24.96
N ARG C 320 -6.53 -9.54 -23.68
CA ARG C 320 -6.13 -8.26 -23.08
C ARG C 320 -4.62 -8.21 -22.91
N GLU C 321 -4.02 -9.37 -22.68
CA GLU C 321 -2.58 -9.52 -22.51
C GLU C 321 -1.82 -9.42 -23.83
N TRP C 322 -2.44 -9.84 -24.93
CA TRP C 322 -1.80 -9.78 -26.24
C TRP C 322 -1.89 -8.38 -26.84
N ALA C 323 -2.77 -7.55 -26.28
CA ALA C 323 -2.93 -6.17 -26.74
C ALA C 323 -1.87 -5.28 -26.11
N VAL C 324 -1.52 -5.56 -24.85
CA VAL C 324 -0.51 -4.77 -24.16
C VAL C 324 0.86 -5.34 -24.52
N ALA C 325 0.90 -6.63 -24.85
CA ALA C 325 2.14 -7.30 -25.22
C ALA C 325 2.67 -6.69 -26.50
N ALA C 326 1.76 -6.45 -27.45
CA ALA C 326 2.10 -5.85 -28.73
C ALA C 326 2.56 -4.42 -28.53
N LYS C 327 1.92 -3.73 -27.61
CA LYS C 327 2.27 -2.33 -27.32
C LYS C 327 3.64 -2.25 -26.67
N ARG C 328 3.95 -3.21 -25.81
CA ARG C 328 5.24 -3.22 -25.12
C ARG C 328 6.38 -3.77 -25.98
N GLU C 329 6.04 -4.26 -27.17
CA GLU C 329 7.04 -4.77 -28.10
C GLU C 329 7.71 -3.58 -28.77
N ARG C 330 6.89 -2.65 -29.25
CA ARG C 330 7.41 -1.47 -29.92
C ARG C 330 7.66 -0.28 -29.02
N GLU C 331 6.63 0.10 -28.25
CA GLU C 331 6.74 1.24 -27.34
C GLU C 331 7.63 0.96 -26.13
N GLY C 332 7.52 -0.23 -25.56
CA GLY C 332 8.32 -0.59 -24.39
C GLY C 332 7.51 -0.59 -23.11
N ALA C 333 8.03 -1.25 -22.08
CA ALA C 333 7.34 -1.34 -20.79
C ALA C 333 7.57 -0.12 -19.91
N PRO C 334 6.49 0.41 -19.30
CA PRO C 334 6.65 1.58 -18.44
C PRO C 334 7.25 1.18 -17.10
N VAL C 335 8.20 1.97 -16.62
CA VAL C 335 8.85 1.75 -15.34
C VAL C 335 8.69 3.06 -14.56
N ASP C 336 8.04 2.97 -13.40
CA ASP C 336 7.82 4.15 -12.57
C ASP C 336 9.13 4.60 -11.93
N PRO C 337 9.16 5.82 -11.39
CA PRO C 337 10.36 6.37 -10.75
C PRO C 337 10.96 5.54 -9.61
N VAL C 338 10.13 5.02 -8.71
CA VAL C 338 10.65 4.26 -7.59
C VAL C 338 11.20 2.86 -7.93
N THR C 339 10.68 2.25 -8.98
CA THR C 339 11.19 0.93 -9.38
C THR C 339 12.51 1.11 -10.15
N ARG C 340 12.58 2.23 -10.88
CA ARG C 340 13.77 2.56 -11.66
C ARG C 340 14.94 2.88 -10.73
N ALA C 341 14.63 3.50 -9.59
CA ALA C 341 15.62 3.86 -8.59
C ALA C 341 16.16 2.63 -7.89
N ALA C 342 15.36 1.58 -7.83
CA ALA C 342 15.77 0.34 -7.20
C ALA C 342 16.71 -0.37 -8.16
N PHE C 343 16.48 -0.16 -9.46
CA PHE C 343 17.31 -0.75 -10.50
C PHE C 343 18.71 -0.13 -10.47
N SER C 344 18.77 1.17 -10.20
CA SER C 344 20.03 1.91 -10.13
C SER C 344 20.93 1.46 -8.99
N GLU C 345 20.34 1.17 -7.82
CA GLU C 345 21.16 0.74 -6.69
C GLU C 345 21.51 -0.74 -6.79
N LEU C 346 20.72 -1.49 -7.55
CA LEU C 346 20.98 -2.91 -7.76
C LEU C 346 22.10 -3.00 -8.79
N ALA C 347 22.12 -2.01 -9.69
CA ALA C 347 23.13 -1.90 -10.72
C ALA C 347 24.45 -1.51 -10.07
N GLU C 348 24.36 -0.56 -9.13
CA GLU C 348 25.52 -0.05 -8.41
C GLU C 348 26.13 -1.16 -7.55
N LYS C 349 25.26 -1.86 -6.84
CA LYS C 349 25.62 -2.95 -5.95
C LYS C 349 26.32 -4.16 -6.60
N PHE C 350 25.73 -4.65 -7.69
CA PHE C 350 26.28 -5.82 -8.39
C PHE C 350 27.18 -5.54 -9.59
N SER C 351 27.41 -4.26 -9.86
CA SER C 351 28.27 -3.84 -10.98
C SER C 351 27.74 -4.25 -12.36
N VAL C 352 26.45 -4.06 -12.59
CA VAL C 352 25.84 -4.39 -13.87
C VAL C 352 25.22 -3.13 -14.48
N SER C 353 25.18 -3.07 -15.80
CA SER C 353 24.62 -1.91 -16.50
C SER C 353 23.11 -1.81 -16.31
N PRO C 354 22.61 -0.61 -15.94
CA PRO C 354 21.18 -0.39 -15.75
C PRO C 354 20.47 -0.31 -17.09
N PRO C 355 19.15 -0.53 -17.10
CA PRO C 355 18.41 -0.46 -18.37
C PRO C 355 18.43 0.95 -18.97
N THR C 356 18.67 1.05 -20.27
CA THR C 356 18.62 2.36 -20.93
C THR C 356 17.13 2.69 -20.99
N TYR C 357 16.78 3.97 -20.85
CA TYR C 357 15.39 4.43 -20.84
C TYR C 357 15.01 5.43 -21.94
N HIS C 358 13.75 5.87 -21.88
CA HIS C 358 13.15 6.88 -22.78
C HIS C 358 11.63 6.89 -22.70
N THR D 9 -47.38 -33.23 -1.69
CA THR D 9 -45.95 -33.67 -1.66
C THR D 9 -45.77 -34.79 -0.65
N VAL D 10 -44.84 -35.70 -0.92
CA VAL D 10 -44.62 -36.84 -0.04
C VAL D 10 -43.22 -37.43 -0.24
N LEU D 11 -42.85 -38.44 0.56
CA LEU D 11 -41.52 -39.05 0.47
C LEU D 11 -41.45 -40.39 -0.26
N ALA D 12 -40.26 -40.73 -0.75
CA ALA D 12 -40.05 -41.98 -1.48
C ALA D 12 -38.70 -42.60 -1.14
N ARG D 13 -38.66 -43.91 -1.00
CA ARG D 13 -37.43 -44.64 -0.70
C ARG D 13 -36.50 -44.58 -1.90
N LEU D 14 -35.21 -44.40 -1.63
CA LEU D 14 -34.20 -44.33 -2.69
C LEU D 14 -34.08 -45.62 -3.52
N ASP D 15 -34.52 -46.75 -2.96
CA ASP D 15 -34.46 -48.02 -3.68
C ASP D 15 -35.73 -48.15 -4.51
N GLU D 16 -36.81 -47.59 -3.97
CA GLU D 16 -38.11 -47.62 -4.60
C GLU D 16 -38.10 -46.77 -5.86
N LEU D 17 -37.38 -45.65 -5.80
CA LEU D 17 -37.23 -44.72 -6.93
C LEU D 17 -36.23 -45.28 -7.93
N GLU D 18 -35.19 -45.92 -7.39
CA GLU D 18 -34.12 -46.51 -8.17
C GLU D 18 -34.64 -47.65 -9.04
N ARG D 19 -35.25 -48.64 -8.39
CA ARG D 19 -35.79 -49.80 -9.09
C ARG D 19 -36.83 -49.38 -10.12
N PHE D 20 -37.55 -48.31 -9.82
CA PHE D 20 -38.57 -47.78 -10.71
C PHE D 20 -37.99 -47.20 -12.00
N CYS D 21 -36.99 -46.33 -11.86
CA CYS D 21 -36.35 -45.71 -13.01
C CYS D 21 -35.73 -46.77 -13.94
N ARG D 22 -35.08 -47.77 -13.34
CA ARG D 22 -34.45 -48.85 -14.11
C ARG D 22 -35.51 -49.67 -14.82
N ALA D 23 -36.61 -49.93 -14.14
CA ALA D 23 -37.70 -50.71 -14.72
C ALA D 23 -38.29 -50.01 -15.95
N VAL D 24 -38.47 -48.69 -15.86
CA VAL D 24 -39.02 -47.91 -16.96
C VAL D 24 -38.10 -47.89 -18.17
N PHE D 25 -36.81 -47.69 -17.94
CA PHE D 25 -35.84 -47.67 -19.03
C PHE D 25 -35.84 -48.99 -19.80
N LEU D 26 -35.86 -50.10 -19.06
CA LEU D 26 -35.89 -51.43 -19.64
C LEU D 26 -37.15 -51.60 -20.49
N ALA D 27 -38.25 -51.05 -19.99
CA ALA D 27 -39.54 -51.11 -20.65
C ALA D 27 -39.52 -50.35 -21.97
N VAL D 28 -38.69 -49.31 -22.04
CA VAL D 28 -38.55 -48.52 -23.25
C VAL D 28 -37.74 -49.32 -24.27
N GLY D 29 -37.24 -50.47 -23.84
CA GLY D 29 -36.45 -51.33 -24.71
C GLY D 29 -35.00 -50.90 -24.74
N THR D 30 -34.53 -50.41 -23.60
CA THR D 30 -33.16 -49.93 -23.44
C THR D 30 -32.21 -51.04 -22.96
N ASP D 31 -30.90 -50.81 -23.16
CA ASP D 31 -29.84 -51.72 -22.76
C ASP D 31 -29.93 -51.99 -21.27
N GLU D 32 -29.30 -53.06 -20.79
CA GLU D 32 -29.34 -53.30 -19.35
C GLU D 32 -28.31 -52.36 -18.67
N GLU D 33 -27.20 -52.12 -19.37
CA GLU D 33 -26.18 -51.24 -18.85
C GLU D 33 -26.58 -49.77 -19.00
N THR D 34 -27.37 -49.46 -20.03
CA THR D 34 -27.86 -48.08 -20.24
C THR D 34 -28.90 -47.73 -19.19
N ALA D 35 -29.62 -48.73 -18.72
CA ALA D 35 -30.65 -48.55 -17.72
C ALA D 35 -30.02 -48.36 -16.35
N ASP D 36 -28.95 -49.10 -16.08
CA ASP D 36 -28.24 -49.01 -14.81
C ASP D 36 -27.50 -47.68 -14.70
N ALA D 37 -26.83 -47.29 -15.77
CA ALA D 37 -26.08 -46.05 -15.82
C ALA D 37 -26.97 -44.82 -15.73
N ALA D 38 -28.09 -44.83 -16.45
CA ALA D 38 -29.01 -43.70 -16.46
C ALA D 38 -29.71 -43.48 -15.12
N THR D 39 -29.93 -44.56 -14.39
CA THR D 39 -30.59 -44.49 -13.09
C THR D 39 -29.60 -44.08 -11.99
N ARG D 40 -28.33 -44.41 -12.17
CA ARG D 40 -27.30 -44.04 -11.20
C ARG D 40 -27.08 -42.53 -11.18
N ALA D 41 -27.04 -41.92 -12.37
CA ALA D 41 -26.85 -40.48 -12.51
C ALA D 41 -28.00 -39.71 -11.88
N MET D 42 -29.23 -40.20 -12.05
CA MET D 42 -30.41 -39.56 -11.48
C MET D 42 -30.52 -39.84 -9.98
N MET D 43 -30.17 -41.05 -9.56
CA MET D 43 -30.22 -41.37 -8.14
C MET D 43 -29.15 -40.55 -7.42
N HIS D 44 -28.06 -40.27 -8.12
CA HIS D 44 -26.97 -39.48 -7.60
C HIS D 44 -27.50 -38.08 -7.31
N GLY D 45 -28.17 -37.49 -8.29
CA GLY D 45 -28.74 -36.16 -8.14
C GLY D 45 -29.79 -36.08 -7.05
N THR D 46 -30.67 -37.06 -7.02
CA THR D 46 -31.73 -37.13 -6.03
C THR D 46 -31.20 -37.38 -4.63
N ARG D 47 -30.19 -38.24 -4.50
CA ARG D 47 -29.62 -38.54 -3.20
C ARG D 47 -28.85 -37.36 -2.63
N LEU D 48 -28.18 -36.61 -3.50
CA LEU D 48 -27.40 -35.46 -3.08
C LEU D 48 -28.13 -34.13 -3.04
N GLY D 49 -29.44 -34.16 -3.25
CA GLY D 49 -30.21 -32.93 -3.19
C GLY D 49 -30.18 -32.03 -4.42
N VAL D 50 -29.44 -32.44 -5.45
CA VAL D 50 -29.40 -31.65 -6.69
C VAL D 50 -30.52 -32.22 -7.57
N ASP D 51 -31.75 -31.96 -7.10
CA ASP D 51 -32.96 -32.42 -7.76
C ASP D 51 -33.19 -31.90 -9.15
N SER D 52 -32.53 -30.81 -9.50
CA SER D 52 -32.65 -30.26 -10.85
C SER D 52 -32.22 -31.35 -11.83
N HIS D 53 -31.27 -32.18 -11.40
CA HIS D 53 -30.75 -33.28 -12.20
C HIS D 53 -30.97 -34.63 -11.52
N GLY D 54 -32.14 -34.76 -10.89
CA GLY D 54 -32.49 -35.99 -10.20
C GLY D 54 -33.42 -36.87 -11.03
N VAL D 55 -34.34 -37.56 -10.35
CA VAL D 55 -35.28 -38.45 -11.01
C VAL D 55 -36.39 -37.77 -11.79
N ARG D 56 -36.47 -36.45 -11.69
CA ARG D 56 -37.46 -35.70 -12.45
C ARG D 56 -37.03 -35.64 -13.92
N LEU D 57 -35.81 -36.08 -14.18
CA LEU D 57 -35.28 -36.09 -15.54
C LEU D 57 -35.71 -37.35 -16.30
N LEU D 58 -36.34 -38.28 -15.58
CA LEU D 58 -36.79 -39.55 -16.18
C LEU D 58 -37.74 -39.29 -17.32
N ALA D 59 -38.66 -38.36 -17.10
CA ALA D 59 -39.66 -38.00 -18.11
C ALA D 59 -39.01 -37.59 -19.42
N HIS D 60 -37.96 -36.79 -19.33
CA HIS D 60 -37.26 -36.33 -20.51
C HIS D 60 -36.51 -37.43 -21.26
N TYR D 61 -35.76 -38.23 -20.52
CA TYR D 61 -34.97 -39.32 -21.09
C TYR D 61 -35.80 -40.34 -21.85
N VAL D 62 -36.96 -40.71 -21.32
CA VAL D 62 -37.83 -41.66 -22.01
C VAL D 62 -38.37 -41.05 -23.31
N THR D 63 -38.55 -39.73 -23.30
CA THR D 63 -39.06 -39.01 -24.46
C THR D 63 -37.96 -38.90 -25.52
N ALA D 64 -36.74 -38.69 -25.07
CA ALA D 64 -35.60 -38.59 -25.97
C ALA D 64 -35.28 -39.98 -26.53
N LEU D 65 -35.48 -41.02 -25.72
CA LEU D 65 -35.26 -42.40 -26.14
C LEU D 65 -36.30 -42.83 -27.17
N GLU D 66 -37.57 -42.66 -26.83
CA GLU D 66 -38.67 -43.03 -27.71
C GLU D 66 -38.64 -42.19 -28.99
N GLY D 67 -38.22 -40.93 -28.85
CA GLY D 67 -38.15 -40.04 -29.99
C GLY D 67 -37.08 -40.45 -30.98
N GLY D 68 -36.01 -41.06 -30.46
CA GLY D 68 -34.93 -41.51 -31.32
C GLY D 68 -33.64 -40.75 -31.07
N ARG D 69 -33.72 -39.69 -30.27
CA ARG D 69 -32.55 -38.90 -29.96
C ARG D 69 -31.51 -39.74 -29.24
N LEU D 70 -31.94 -40.47 -28.22
CA LEU D 70 -31.03 -41.32 -27.47
C LEU D 70 -31.13 -42.78 -27.93
N ASN D 71 -29.98 -43.38 -28.26
CA ASN D 71 -29.91 -44.77 -28.72
C ASN D 71 -30.14 -45.69 -27.53
N ARG D 72 -31.08 -46.62 -27.68
CA ARG D 72 -31.38 -47.56 -26.62
C ARG D 72 -30.27 -48.60 -26.42
N ARG D 73 -29.58 -48.95 -27.51
CA ARG D 73 -28.51 -49.93 -27.42
C ARG D 73 -27.21 -49.43 -28.05
N PRO D 74 -26.57 -48.47 -27.38
CA PRO D 74 -25.31 -47.84 -27.81
C PRO D 74 -24.10 -48.76 -27.79
N GLN D 75 -23.32 -48.69 -28.86
CA GLN D 75 -22.11 -49.46 -28.99
C GLN D 75 -20.93 -48.51 -28.79
N ILE D 76 -20.51 -48.39 -27.53
CA ILE D 76 -19.41 -47.52 -27.16
C ILE D 76 -18.07 -48.09 -27.63
N SER D 77 -17.38 -47.34 -28.48
CA SER D 77 -16.10 -47.80 -28.99
C SER D 77 -15.03 -46.72 -29.09
N ARG D 78 -13.77 -47.14 -28.95
CA ARG D 78 -12.65 -46.21 -29.02
C ARG D 78 -12.12 -46.04 -30.43
N VAL D 79 -12.32 -44.86 -30.99
CA VAL D 79 -11.85 -44.53 -32.34
C VAL D 79 -10.32 -44.51 -32.41
N SER D 80 -9.68 -44.12 -31.32
CA SER D 80 -8.23 -44.05 -31.25
C SER D 80 -7.74 -44.02 -29.81
N GLY D 81 -6.43 -43.89 -29.64
CA GLY D 81 -5.88 -43.83 -28.30
C GLY D 81 -4.51 -44.45 -28.18
N PHE D 82 -3.58 -43.69 -27.59
CA PHE D 82 -2.23 -44.16 -27.38
C PHE D 82 -1.76 -43.64 -26.03
N GLY D 83 -1.02 -44.47 -25.31
CA GLY D 83 -0.54 -44.06 -24.01
C GLY D 83 -1.66 -44.05 -22.98
N ALA D 84 -1.81 -42.93 -22.28
CA ALA D 84 -2.85 -42.81 -21.27
C ALA D 84 -4.08 -42.04 -21.75
N VAL D 85 -4.20 -41.85 -23.05
CA VAL D 85 -5.35 -41.14 -23.61
C VAL D 85 -6.07 -41.96 -24.68
N GLU D 86 -7.30 -41.56 -24.97
CA GLU D 86 -8.13 -42.21 -25.99
C GLU D 86 -9.44 -41.47 -26.18
N THR D 87 -9.93 -41.47 -27.41
CA THR D 87 -11.20 -40.83 -27.71
C THR D 87 -12.22 -41.95 -27.92
N ILE D 88 -13.35 -41.85 -27.21
CA ILE D 88 -14.43 -42.84 -27.28
C ILE D 88 -15.67 -42.30 -28.00
N ASP D 89 -16.24 -43.11 -28.88
CA ASP D 89 -17.45 -42.71 -29.59
C ASP D 89 -18.58 -43.49 -28.92
N ALA D 90 -19.42 -42.77 -28.19
CA ALA D 90 -20.53 -43.35 -27.45
C ALA D 90 -21.68 -43.90 -28.28
N ASP D 91 -21.70 -43.61 -29.59
CA ASP D 91 -22.74 -44.11 -30.48
C ASP D 91 -24.13 -43.54 -30.12
N HIS D 92 -24.15 -42.24 -29.86
CA HIS D 92 -25.38 -41.52 -29.49
C HIS D 92 -26.03 -42.03 -28.21
N ALA D 93 -25.21 -42.64 -27.34
CA ALA D 93 -25.66 -43.19 -26.07
C ALA D 93 -26.26 -42.22 -25.08
N HIS D 94 -26.89 -42.70 -24.00
CA HIS D 94 -27.39 -41.74 -23.03
C HIS D 94 -26.16 -41.25 -22.29
N GLY D 95 -26.08 -39.95 -22.04
CA GLY D 95 -24.93 -39.35 -21.38
C GLY D 95 -24.31 -40.14 -20.25
N ALA D 96 -25.13 -40.59 -19.31
CA ALA D 96 -24.64 -41.36 -18.17
C ALA D 96 -23.93 -42.64 -18.58
N ARG D 97 -24.46 -43.30 -19.61
CA ARG D 97 -23.87 -44.54 -20.10
C ARG D 97 -22.53 -44.23 -20.75
N ALA D 98 -22.53 -43.20 -21.60
CA ALA D 98 -21.34 -42.78 -22.33
C ALA D 98 -20.22 -42.28 -21.43
N THR D 99 -20.59 -41.60 -20.36
CA THR D 99 -19.61 -41.03 -19.44
C THR D 99 -19.19 -41.97 -18.30
N TYR D 100 -20.05 -42.88 -17.89
CA TYR D 100 -19.71 -43.82 -16.82
C TYR D 100 -18.71 -44.82 -17.39
N ALA D 101 -18.85 -45.08 -18.68
CA ALA D 101 -17.99 -46.00 -19.41
C ALA D 101 -16.64 -45.34 -19.65
N ALA D 102 -16.69 -44.06 -20.01
CA ALA D 102 -15.46 -43.30 -20.27
C ALA D 102 -14.61 -43.20 -19.00
N MET D 103 -15.27 -43.08 -17.85
CA MET D 103 -14.57 -42.96 -16.59
C MET D 103 -13.94 -44.27 -16.12
N GLU D 104 -14.62 -45.39 -16.33
CA GLU D 104 -14.06 -46.68 -15.91
C GLU D 104 -12.79 -46.94 -16.75
N ASN D 105 -12.72 -46.32 -17.91
CA ASN D 105 -11.58 -46.45 -18.81
C ASN D 105 -10.47 -45.53 -18.36
N ALA D 106 -10.84 -44.30 -17.98
CA ALA D 106 -9.89 -43.32 -17.49
C ALA D 106 -9.25 -43.80 -16.19
N MET D 107 -9.98 -44.59 -15.42
CA MET D 107 -9.47 -45.14 -14.18
C MET D 107 -8.52 -46.30 -14.51
N ALA D 108 -8.89 -47.06 -15.54
CA ALA D 108 -8.10 -48.20 -16.00
C ALA D 108 -6.75 -47.72 -16.51
N LEU D 109 -6.76 -46.61 -17.24
CA LEU D 109 -5.54 -46.04 -17.77
C LEU D 109 -4.71 -45.41 -16.65
N ALA D 110 -5.39 -44.88 -15.63
CA ALA D 110 -4.73 -44.25 -14.49
C ALA D 110 -3.99 -45.29 -13.66
N GLU D 111 -4.53 -46.50 -13.64
CA GLU D 111 -3.93 -47.59 -12.90
C GLU D 111 -2.68 -48.06 -13.63
N LYS D 112 -2.62 -47.76 -14.93
CA LYS D 112 -1.48 -48.17 -15.74
C LYS D 112 -0.46 -47.06 -16.02
N PHE D 113 -0.90 -45.81 -16.03
CA PHE D 113 -0.01 -44.68 -16.33
C PHE D 113 -0.04 -43.54 -15.32
N GLY D 114 -0.73 -43.76 -14.19
CA GLY D 114 -0.83 -42.72 -13.18
C GLY D 114 -1.96 -41.75 -13.45
N ILE D 115 -2.30 -41.57 -14.73
CA ILE D 115 -3.39 -40.68 -15.17
C ILE D 115 -4.15 -41.30 -16.33
N GLY D 116 -5.34 -40.78 -16.59
CA GLY D 116 -6.15 -41.28 -17.69
C GLY D 116 -7.09 -40.18 -18.13
N ALA D 117 -7.01 -39.82 -19.40
CA ALA D 117 -7.87 -38.80 -19.98
C ALA D 117 -8.61 -39.44 -21.14
N VAL D 118 -9.92 -39.22 -21.23
CA VAL D 118 -10.72 -39.79 -22.31
C VAL D 118 -11.68 -38.78 -22.91
N ALA D 119 -11.54 -38.54 -24.21
CA ALA D 119 -12.42 -37.62 -24.92
C ALA D 119 -13.68 -38.44 -25.22
N ILE D 120 -14.84 -37.81 -25.10
CA ILE D 120 -16.12 -38.50 -25.37
C ILE D 120 -16.80 -37.91 -26.59
N ARG D 121 -17.14 -38.77 -27.56
CA ARG D 121 -17.80 -38.34 -28.79
C ARG D 121 -19.23 -38.88 -28.87
N ASN D 122 -20.05 -38.18 -29.65
CA ASN D 122 -21.44 -38.56 -29.88
C ASN D 122 -22.18 -39.00 -28.62
N SER D 123 -22.26 -38.09 -27.65
CA SER D 123 -22.93 -38.40 -26.39
C SER D 123 -24.16 -37.53 -26.23
N SER D 124 -24.67 -37.46 -25.01
CA SER D 124 -25.84 -36.67 -24.73
C SER D 124 -25.80 -36.13 -23.31
N HIS D 125 -26.87 -35.46 -22.91
CA HIS D 125 -26.98 -34.89 -21.57
C HIS D 125 -26.71 -35.99 -20.55
N PHE D 126 -25.78 -35.74 -19.63
CA PHE D 126 -25.45 -36.75 -18.65
C PHE D 126 -25.88 -36.47 -17.22
N GLY D 127 -26.86 -35.58 -17.04
CA GLY D 127 -27.31 -35.28 -15.70
C GLY D 127 -26.23 -34.56 -14.91
N PRO D 128 -26.08 -34.87 -13.61
CA PRO D 128 -25.06 -34.21 -12.79
C PRO D 128 -23.63 -34.63 -13.14
N ALA D 129 -22.76 -33.65 -13.37
CA ALA D 129 -21.37 -33.92 -13.72
C ALA D 129 -20.64 -34.66 -12.60
N GLY D 130 -21.03 -34.36 -11.36
CA GLY D 130 -20.40 -35.00 -10.21
C GLY D 130 -20.60 -36.49 -10.11
N ALA D 131 -21.55 -37.04 -10.85
CA ALA D 131 -21.83 -38.47 -10.81
C ALA D 131 -20.62 -39.30 -11.17
N TYR D 132 -19.93 -38.87 -12.22
CA TYR D 132 -18.75 -39.56 -12.73
C TYR D 132 -17.50 -39.20 -11.93
N ALA D 133 -17.43 -37.94 -11.49
CA ALA D 133 -16.32 -37.46 -10.70
C ALA D 133 -16.31 -38.20 -9.35
N LEU D 134 -17.50 -38.33 -8.77
CA LEU D 134 -17.69 -39.03 -7.49
C LEU D 134 -17.41 -40.53 -7.64
N GLU D 135 -17.55 -41.03 -8.86
CA GLU D 135 -17.31 -42.44 -9.13
C GLU D 135 -15.83 -42.75 -8.97
N ALA D 136 -14.99 -41.88 -9.55
CA ALA D 136 -13.55 -42.04 -9.48
C ALA D 136 -13.07 -41.93 -8.04
N ALA D 137 -13.65 -41.00 -7.29
CA ALA D 137 -13.30 -40.79 -5.90
C ALA D 137 -13.63 -42.02 -5.06
N ARG D 138 -14.77 -42.64 -5.34
CA ARG D 138 -15.19 -43.85 -4.62
C ARG D 138 -14.20 -44.96 -4.92
N GLN D 139 -13.59 -44.88 -6.09
CA GLN D 139 -12.61 -45.88 -6.53
C GLN D 139 -11.20 -45.57 -6.07
N GLY D 140 -10.98 -44.37 -5.51
CA GLY D 140 -9.65 -44.00 -5.04
C GLY D 140 -8.82 -43.17 -5.99
N TYR D 141 -9.47 -42.56 -6.97
CA TYR D 141 -8.78 -41.71 -7.93
C TYR D 141 -9.33 -40.30 -7.80
N ILE D 142 -8.72 -39.38 -8.53
CA ILE D 142 -9.20 -38.01 -8.55
C ILE D 142 -9.85 -37.82 -9.90
N GLY D 143 -11.18 -37.76 -9.92
CA GLY D 143 -11.91 -37.64 -11.17
C GLY D 143 -12.31 -36.25 -11.59
N LEU D 144 -12.26 -35.99 -12.90
CA LEU D 144 -12.63 -34.70 -13.47
C LEU D 144 -13.71 -34.98 -14.50
N ALA D 145 -14.59 -34.00 -14.72
CA ALA D 145 -15.65 -34.16 -15.69
C ALA D 145 -16.05 -32.82 -16.26
N PHE D 146 -15.92 -32.70 -17.57
CA PHE D 146 -16.26 -31.47 -18.28
C PHE D 146 -17.27 -31.79 -19.36
N CYS D 147 -18.07 -30.80 -19.73
CA CYS D 147 -19.04 -30.97 -20.80
C CYS D 147 -19.68 -29.62 -21.07
N ASN D 148 -20.32 -29.50 -22.24
CA ASN D 148 -21.01 -28.28 -22.62
C ASN D 148 -22.49 -28.57 -22.92
N SER D 149 -23.22 -27.55 -23.36
CA SER D 149 -24.60 -27.71 -23.70
C SER D 149 -24.98 -26.57 -24.62
N ASP D 150 -26.25 -26.47 -24.98
CA ASP D 150 -26.68 -25.40 -25.87
C ASP D 150 -26.49 -24.07 -25.13
N SER D 151 -26.12 -23.03 -25.87
CA SER D 151 -25.86 -21.71 -25.30
C SER D 151 -26.93 -21.15 -24.37
N PHE D 152 -26.47 -20.68 -23.21
CA PHE D 152 -27.32 -20.09 -22.19
C PHE D 152 -26.64 -18.92 -21.47
N VAL D 153 -25.35 -19.05 -21.22
CA VAL D 153 -24.60 -18.01 -20.50
C VAL D 153 -23.79 -17.08 -21.39
N ARG D 154 -23.86 -15.79 -21.09
CA ARG D 154 -23.13 -14.76 -21.82
C ARG D 154 -21.69 -14.67 -21.35
N LEU D 155 -20.90 -13.91 -22.09
CA LEU D 155 -19.49 -13.68 -21.74
C LEU D 155 -19.53 -12.47 -20.80
N HIS D 156 -18.41 -12.14 -20.19
CA HIS D 156 -18.40 -10.96 -19.33
C HIS D 156 -18.59 -9.79 -20.29
N ASP D 157 -19.58 -8.95 -20.01
CA ASP D 157 -19.91 -7.80 -20.86
C ASP D 157 -20.55 -8.21 -22.18
N GLY D 158 -21.15 -9.40 -22.23
CA GLY D 158 -21.78 -9.87 -23.44
C GLY D 158 -23.26 -9.53 -23.58
N ALA D 159 -23.80 -9.67 -24.79
CA ALA D 159 -25.21 -9.39 -25.06
C ALA D 159 -25.83 -10.51 -25.87
N MET D 160 -25.48 -11.75 -25.52
CA MET D 160 -26.01 -12.93 -26.19
C MET D 160 -25.64 -14.20 -25.42
N ARG D 161 -26.47 -15.23 -25.55
CA ARG D 161 -26.18 -16.51 -24.90
C ARG D 161 -24.93 -17.01 -25.57
N PHE D 162 -23.86 -17.35 -24.87
CA PHE D 162 -22.68 -17.84 -25.60
C PHE D 162 -22.30 -19.28 -25.23
N HIS D 163 -21.83 -19.47 -24.00
CA HIS D 163 -21.45 -20.80 -23.55
C HIS D 163 -22.62 -21.47 -22.86
N GLY D 164 -22.57 -22.80 -22.83
CA GLY D 164 -23.61 -23.55 -22.16
C GLY D 164 -23.36 -23.33 -20.68
N THR D 165 -24.04 -24.08 -19.81
CA THR D 165 -23.81 -23.91 -18.37
C THR D 165 -22.54 -24.67 -17.98
N ASN D 166 -21.85 -25.15 -19.01
CA ASN D 166 -20.57 -25.85 -18.92
C ASN D 166 -20.06 -26.14 -17.51
N PRO D 167 -20.51 -27.26 -16.90
CA PRO D 167 -20.11 -27.64 -15.55
C PRO D 167 -18.70 -28.18 -15.38
N ILE D 168 -18.22 -28.10 -14.13
CA ILE D 168 -16.91 -28.62 -13.74
C ILE D 168 -17.17 -29.49 -12.51
N ALA D 169 -16.67 -30.72 -12.54
CA ALA D 169 -16.83 -31.64 -11.43
C ALA D 169 -15.52 -32.30 -11.05
N VAL D 170 -15.11 -32.16 -9.79
CA VAL D 170 -13.87 -32.76 -9.32
C VAL D 170 -14.16 -33.59 -8.07
N GLY D 171 -13.75 -34.86 -8.09
CA GLY D 171 -13.99 -35.71 -6.95
C GLY D 171 -12.68 -36.26 -6.41
N VAL D 172 -12.44 -36.03 -5.12
CA VAL D 172 -11.21 -36.51 -4.50
C VAL D 172 -11.51 -37.46 -3.34
N PRO D 173 -10.82 -38.61 -3.29
CA PRO D 173 -11.03 -39.58 -2.22
C PRO D 173 -10.75 -38.95 -0.86
N ALA D 174 -11.51 -39.37 0.14
CA ALA D 174 -11.33 -38.85 1.49
C ALA D 174 -10.39 -39.80 2.24
N ALA D 175 -10.81 -40.22 3.44
CA ALA D 175 -10.03 -41.14 4.25
C ALA D 175 -10.99 -42.10 4.95
N ASP D 176 -11.75 -41.59 5.91
CA ASP D 176 -12.72 -42.40 6.62
C ASP D 176 -14.07 -41.71 6.59
N ASP D 177 -14.30 -40.98 5.50
CA ASP D 177 -15.56 -40.27 5.29
C ASP D 177 -15.83 -40.13 3.79
N MET D 178 -16.85 -39.35 3.46
CA MET D 178 -17.25 -39.13 2.08
C MET D 178 -16.24 -38.26 1.34
N PRO D 179 -15.99 -38.59 0.05
CA PRO D 179 -15.05 -37.88 -0.82
C PRO D 179 -15.33 -36.39 -0.99
N TRP D 180 -14.27 -35.65 -1.28
CA TRP D 180 -14.36 -34.22 -1.52
C TRP D 180 -15.08 -34.10 -2.85
N LEU D 181 -16.10 -33.28 -3.04
CA LEU D 181 -16.76 -33.29 -4.34
C LEU D 181 -17.24 -31.91 -4.81
N LEU D 182 -16.75 -31.47 -5.96
CA LEU D 182 -17.16 -30.19 -6.55
C LEU D 182 -17.96 -30.49 -7.81
N ASP D 183 -19.14 -29.92 -7.90
CA ASP D 183 -20.02 -30.09 -9.06
C ASP D 183 -20.70 -28.75 -9.20
N MET D 184 -20.26 -27.96 -10.16
CA MET D 184 -20.78 -26.61 -10.37
C MET D 184 -20.88 -26.18 -11.82
N ALA D 185 -21.89 -25.39 -12.13
CA ALA D 185 -22.04 -24.86 -13.47
C ALA D 185 -21.11 -23.65 -13.53
N THR D 186 -20.52 -23.33 -14.69
CA THR D 186 -19.67 -22.14 -14.63
C THR D 186 -20.43 -20.83 -14.51
N SER D 187 -21.72 -20.85 -14.80
CA SER D 187 -22.53 -19.66 -14.64
C SER D 187 -22.84 -19.56 -13.14
N ALA D 188 -23.20 -18.37 -12.69
CA ALA D 188 -23.49 -18.15 -11.28
C ALA D 188 -24.48 -19.20 -10.74
N VAL D 189 -25.59 -19.35 -11.42
CA VAL D 189 -26.61 -20.31 -11.02
C VAL D 189 -27.09 -21.05 -12.28
N PRO D 190 -27.58 -22.29 -12.13
CA PRO D 190 -28.05 -23.06 -13.29
C PRO D 190 -29.32 -22.45 -13.92
N TYR D 191 -29.66 -22.92 -15.13
CA TYR D 191 -30.82 -22.39 -15.85
C TYR D 191 -32.20 -22.68 -15.25
N ASN D 192 -32.38 -23.88 -14.70
CA ASN D 192 -33.67 -24.24 -14.11
C ASN D 192 -34.11 -23.26 -13.01
N ARG D 193 -33.14 -22.55 -12.45
CA ARG D 193 -33.40 -21.57 -11.41
C ARG D 193 -34.26 -20.41 -11.88
N VAL D 194 -34.09 -19.99 -13.14
CA VAL D 194 -34.90 -18.89 -13.67
C VAL D 194 -36.33 -19.36 -13.91
N LEU D 195 -36.46 -20.63 -14.31
CA LEU D 195 -37.76 -21.24 -14.58
C LEU D 195 -38.52 -21.36 -13.27
N LEU D 196 -37.80 -21.75 -12.22
CA LEU D 196 -38.38 -21.89 -10.89
C LEU D 196 -38.85 -20.53 -10.37
N TYR D 197 -37.99 -19.52 -10.43
CA TYR D 197 -38.35 -18.19 -9.97
C TYR D 197 -39.46 -17.57 -10.81
N ARG D 198 -39.48 -17.90 -12.10
CA ARG D 198 -40.50 -17.40 -13.00
C ARG D 198 -41.85 -18.03 -12.59
N SER D 199 -41.79 -19.31 -12.22
CA SER D 199 -42.93 -20.10 -11.77
C SER D 199 -43.52 -19.54 -10.47
N LEU D 200 -42.64 -19.18 -9.54
CA LEU D 200 -43.05 -18.64 -8.25
C LEU D 200 -43.34 -17.14 -8.31
N GLY D 201 -42.90 -16.49 -9.39
CA GLY D 201 -43.12 -15.06 -9.54
C GLY D 201 -42.21 -14.16 -8.72
N GLN D 202 -41.09 -14.72 -8.26
CA GLN D 202 -40.12 -14.01 -7.45
C GLN D 202 -38.91 -13.55 -8.24
N GLN D 203 -38.24 -12.49 -7.78
CA GLN D 203 -37.06 -11.99 -8.47
C GLN D 203 -35.80 -12.78 -8.13
N LEU D 204 -34.93 -12.95 -9.12
CA LEU D 204 -33.68 -13.68 -8.98
C LEU D 204 -32.64 -12.88 -8.21
N PRO D 205 -31.60 -13.56 -7.69
CA PRO D 205 -30.56 -12.86 -6.95
C PRO D 205 -29.85 -11.91 -7.92
N GLN D 206 -29.21 -10.89 -7.38
CA GLN D 206 -28.50 -9.92 -8.23
C GLN D 206 -27.32 -10.55 -8.94
N GLY D 207 -27.15 -10.20 -10.22
CA GLY D 207 -26.04 -10.70 -11.02
C GLY D 207 -26.09 -12.13 -11.51
N VAL D 208 -27.21 -12.85 -11.44
CA VAL D 208 -27.23 -14.19 -12.01
C VAL D 208 -27.71 -14.29 -13.46
N ALA D 209 -28.41 -13.27 -13.94
CA ALA D 209 -28.92 -13.27 -15.29
C ALA D 209 -28.99 -11.88 -15.88
N SER D 210 -29.19 -11.80 -17.19
CA SER D 210 -29.26 -10.53 -17.90
C SER D 210 -30.38 -10.55 -18.93
N ASP D 211 -30.81 -9.37 -19.35
CA ASP D 211 -31.86 -9.26 -20.35
C ASP D 211 -31.26 -9.45 -21.75
N GLY D 212 -31.99 -9.04 -22.78
CA GLY D 212 -31.49 -9.17 -24.13
C GLY D 212 -30.37 -8.20 -24.49
N ASP D 213 -30.25 -7.12 -23.73
CA ASP D 213 -29.21 -6.10 -23.97
C ASP D 213 -27.91 -6.38 -23.23
N GLY D 214 -27.86 -7.48 -22.49
CA GLY D 214 -26.65 -7.82 -21.74
C GLY D 214 -26.61 -7.20 -20.35
N VAL D 215 -27.59 -6.38 -20.02
CA VAL D 215 -27.66 -5.76 -18.71
C VAL D 215 -28.45 -6.64 -17.74
N ASP D 216 -27.85 -6.91 -16.58
CA ASP D 216 -28.45 -7.76 -15.56
C ASP D 216 -29.87 -7.37 -15.18
N THR D 217 -30.60 -8.35 -14.68
CA THR D 217 -31.98 -8.17 -14.28
C THR D 217 -32.34 -9.23 -13.25
N ARG D 218 -33.16 -8.85 -12.27
CA ARG D 218 -33.58 -9.79 -11.25
C ARG D 218 -34.97 -10.33 -11.57
N ASP D 219 -35.53 -9.88 -12.68
CA ASP D 219 -36.85 -10.32 -13.12
C ASP D 219 -36.71 -11.58 -14.00
N PRO D 220 -37.15 -12.74 -13.50
CA PRO D 220 -37.04 -13.99 -14.26
C PRO D 220 -37.76 -13.99 -15.61
N ASN D 221 -38.65 -13.03 -15.84
CA ASN D 221 -39.37 -12.96 -17.11
C ASN D 221 -38.60 -12.18 -18.16
N ALA D 222 -37.69 -11.32 -17.69
CA ALA D 222 -36.88 -10.51 -18.59
C ALA D 222 -35.55 -11.17 -18.97
N VAL D 223 -35.20 -12.23 -18.26
CA VAL D 223 -33.95 -12.95 -18.53
C VAL D 223 -33.89 -13.61 -19.90
N GLU D 224 -32.77 -13.41 -20.59
CA GLU D 224 -32.57 -13.99 -21.90
C GLU D 224 -31.22 -14.69 -21.97
N MET D 225 -30.51 -14.72 -20.84
CA MET D 225 -29.20 -15.35 -20.74
C MET D 225 -28.72 -15.32 -19.31
N LEU D 226 -27.95 -16.33 -18.92
CA LEU D 226 -27.39 -16.41 -17.58
C LEU D 226 -26.04 -15.68 -17.54
N ALA D 227 -25.69 -15.16 -16.38
CA ALA D 227 -24.42 -14.45 -16.21
C ALA D 227 -23.35 -15.39 -15.65
N PRO D 228 -22.09 -15.17 -16.05
CA PRO D 228 -20.94 -15.99 -15.60
C PRO D 228 -20.71 -15.80 -14.11
N VAL D 229 -20.07 -16.78 -13.48
CA VAL D 229 -19.77 -16.71 -12.06
C VAL D 229 -18.62 -15.72 -11.86
N GLY D 230 -18.76 -14.83 -10.87
CA GLY D 230 -17.72 -13.85 -10.59
C GLY D 230 -18.22 -12.42 -10.53
N GLY D 231 -19.40 -12.16 -11.11
CA GLY D 231 -19.97 -10.83 -11.11
C GLY D 231 -19.16 -9.81 -11.91
N GLU D 232 -18.64 -8.81 -11.22
CA GLU D 232 -17.82 -7.77 -11.86
C GLU D 232 -16.59 -8.44 -12.47
N PHE D 233 -16.20 -9.56 -11.87
CA PHE D 233 -15.05 -10.33 -12.32
C PHE D 233 -15.60 -11.60 -12.96
N GLY D 234 -16.74 -11.45 -13.63
CA GLY D 234 -17.38 -12.58 -14.28
C GLY D 234 -16.55 -13.13 -15.43
N PHE D 235 -15.59 -12.34 -15.89
CA PHE D 235 -14.72 -12.78 -16.96
C PHE D 235 -13.94 -14.01 -16.55
N LYS D 236 -13.78 -14.22 -15.24
CA LYS D 236 -13.07 -15.38 -14.74
C LYS D 236 -13.96 -16.62 -14.89
N GLY D 237 -15.24 -16.41 -14.66
CA GLY D 237 -16.20 -17.49 -14.79
C GLY D 237 -16.39 -17.84 -16.25
N ALA D 238 -16.32 -16.82 -17.11
CA ALA D 238 -16.47 -17.02 -18.54
C ALA D 238 -15.24 -17.73 -19.10
N ALA D 239 -14.11 -17.48 -18.48
CA ALA D 239 -12.85 -18.10 -18.88
C ALA D 239 -12.85 -19.57 -18.49
N LEU D 240 -13.50 -19.88 -17.37
CA LEU D 240 -13.59 -21.26 -16.90
C LEU D 240 -14.52 -22.04 -17.80
N ALA D 241 -15.55 -21.37 -18.30
CA ALA D 241 -16.50 -22.02 -19.20
C ALA D 241 -15.79 -22.25 -20.53
N GLY D 242 -14.67 -21.56 -20.71
CA GLY D 242 -13.89 -21.71 -21.92
C GLY D 242 -13.03 -22.94 -21.87
N VAL D 243 -12.42 -23.21 -20.71
CA VAL D 243 -11.55 -24.37 -20.57
C VAL D 243 -12.34 -25.66 -20.77
N VAL D 244 -13.57 -25.67 -20.25
CA VAL D 244 -14.43 -26.84 -20.38
C VAL D 244 -14.88 -27.00 -21.83
N GLU D 245 -15.09 -25.87 -22.50
CA GLU D 245 -15.52 -25.84 -23.90
C GLU D 245 -14.44 -26.45 -24.78
N ILE D 246 -13.19 -26.17 -24.43
CA ILE D 246 -12.04 -26.65 -25.17
C ILE D 246 -11.87 -28.16 -24.98
N PHE D 247 -12.03 -28.62 -23.74
CA PHE D 247 -11.91 -30.04 -23.44
C PHE D 247 -13.12 -30.84 -23.90
N SER D 248 -14.27 -30.17 -23.98
CA SER D 248 -15.52 -30.81 -24.36
C SER D 248 -15.93 -30.73 -25.83
N ALA D 249 -15.45 -29.72 -26.55
CA ALA D 249 -15.81 -29.56 -27.96
C ALA D 249 -14.65 -29.51 -28.95
N VAL D 250 -13.68 -28.63 -28.71
CA VAL D 250 -12.55 -28.54 -29.63
C VAL D 250 -11.65 -29.78 -29.54
N LEU D 251 -11.51 -30.36 -28.35
CA LEU D 251 -10.67 -31.54 -28.17
C LEU D 251 -11.36 -32.88 -28.44
N THR D 252 -12.67 -32.84 -28.68
CA THR D 252 -13.43 -34.06 -28.94
C THR D 252 -13.95 -34.10 -30.38
N GLY D 253 -14.05 -32.94 -31.01
CA GLY D 253 -14.53 -32.87 -32.38
C GLY D 253 -16.01 -32.54 -32.46
N MET D 254 -16.68 -32.54 -31.32
CA MET D 254 -18.11 -32.23 -31.28
C MET D 254 -18.37 -30.73 -31.40
N ARG D 255 -19.63 -30.38 -31.61
CA ARG D 255 -20.03 -28.98 -31.77
C ARG D 255 -19.89 -28.13 -30.51
N LEU D 256 -19.57 -26.86 -30.72
CA LEU D 256 -19.41 -25.91 -29.63
C LEU D 256 -20.81 -25.53 -29.14
N SER D 257 -20.89 -24.95 -27.95
CA SER D 257 -22.17 -24.55 -27.35
C SER D 257 -23.18 -23.91 -28.29
N PHE D 258 -22.79 -22.83 -28.94
CA PHE D 258 -23.66 -22.11 -29.85
C PHE D 258 -24.01 -22.87 -31.14
N ASP D 259 -23.37 -24.02 -31.35
CA ASP D 259 -23.63 -24.84 -32.51
C ASP D 259 -24.52 -26.03 -32.16
N LEU D 260 -24.66 -26.32 -30.87
CA LEU D 260 -25.48 -27.43 -30.42
C LEU D 260 -26.97 -27.17 -30.51
N ALA D 261 -27.73 -28.23 -30.72
CA ALA D 261 -29.19 -28.14 -30.80
C ALA D 261 -29.75 -28.03 -29.38
N PRO D 262 -30.99 -27.52 -29.26
CA PRO D 262 -31.65 -27.36 -27.96
C PRO D 262 -31.73 -28.65 -27.16
N MET D 263 -31.78 -28.50 -25.83
CA MET D 263 -31.89 -29.65 -24.95
C MET D 263 -33.36 -30.04 -24.88
N GLY D 264 -34.24 -29.07 -25.12
CA GLY D 264 -35.66 -29.35 -25.10
C GLY D 264 -36.15 -29.76 -26.47
N GLY D 265 -37.47 -29.81 -26.62
CA GLY D 265 -38.05 -30.19 -27.90
C GLY D 265 -37.97 -29.06 -28.91
N PRO D 266 -38.75 -29.12 -30.01
CA PRO D 266 -39.69 -30.19 -30.34
C PRO D 266 -39.01 -31.45 -30.89
N ASP D 267 -37.80 -31.29 -31.40
CA ASP D 267 -37.05 -32.40 -31.96
C ASP D 267 -36.51 -33.31 -30.84
N PHE D 268 -36.97 -34.55 -30.85
CA PHE D 268 -36.52 -35.53 -29.87
C PHE D 268 -36.05 -36.75 -30.63
N SER D 269 -35.76 -36.55 -31.92
CA SER D 269 -35.33 -37.61 -32.80
C SER D 269 -33.90 -37.45 -33.34
N THR D 270 -33.56 -36.25 -33.77
CA THR D 270 -32.22 -35.98 -34.31
C THR D 270 -31.22 -35.85 -33.16
N PRO D 271 -30.18 -36.69 -33.15
CA PRO D 271 -29.13 -36.69 -32.12
C PRO D 271 -28.37 -35.35 -32.08
N ARG D 272 -28.03 -34.90 -30.88
CA ARG D 272 -27.32 -33.64 -30.68
C ARG D 272 -25.81 -33.69 -30.87
N GLY D 273 -25.21 -34.87 -30.70
CA GLY D 273 -23.77 -35.03 -30.86
C GLY D 273 -22.98 -34.24 -29.84
N LEU D 274 -23.31 -34.44 -28.58
CA LEU D 274 -22.67 -33.75 -27.46
C LEU D 274 -21.32 -34.36 -27.11
N GLY D 275 -20.36 -33.51 -26.76
CA GLY D 275 -19.04 -33.98 -26.38
C GLY D 275 -18.80 -33.78 -24.90
N ALA D 276 -17.86 -34.52 -24.34
CA ALA D 276 -17.52 -34.42 -22.93
C ALA D 276 -16.06 -34.84 -22.73
N PHE D 277 -15.58 -34.73 -21.50
CA PHE D 277 -14.20 -35.11 -21.20
C PHE D 277 -14.12 -35.68 -19.80
N VAL D 278 -13.34 -36.74 -19.64
CA VAL D 278 -13.15 -37.40 -18.35
C VAL D 278 -11.66 -37.50 -18.01
N LEU D 279 -11.31 -37.40 -16.74
CA LEU D 279 -9.91 -37.45 -16.30
C LEU D 279 -9.76 -38.15 -14.93
N ALA D 280 -8.73 -38.97 -14.79
CA ALA D 280 -8.48 -39.70 -13.53
C ALA D 280 -7.02 -39.63 -13.09
N LEU D 281 -6.81 -39.41 -11.80
CA LEU D 281 -5.47 -39.35 -11.21
C LEU D 281 -5.29 -40.48 -10.21
N LYS D 282 -4.14 -41.12 -10.26
CA LYS D 282 -3.82 -42.20 -9.32
C LYS D 282 -2.87 -41.59 -8.28
N PRO D 283 -3.39 -41.23 -7.10
CA PRO D 283 -2.61 -40.62 -6.01
C PRO D 283 -1.32 -41.36 -5.68
N GLU D 284 -1.37 -42.68 -5.78
CA GLU D 284 -0.23 -43.53 -5.47
C GLU D 284 0.92 -43.42 -6.47
N ALA D 285 0.66 -42.80 -7.61
CA ALA D 285 1.68 -42.63 -8.62
C ALA D 285 2.53 -41.38 -8.36
N PHE D 286 2.07 -40.53 -7.44
CA PHE D 286 2.79 -39.32 -7.09
C PHE D 286 3.42 -39.42 -5.70
N LEU D 287 2.67 -39.97 -4.76
CA LEU D 287 3.15 -40.11 -3.39
C LEU D 287 2.57 -41.27 -2.60
N GLU D 288 3.09 -41.44 -1.39
CA GLU D 288 2.64 -42.46 -0.46
C GLU D 288 1.18 -42.14 -0.13
N ARG D 289 0.30 -43.13 -0.29
CA ARG D 289 -1.12 -42.91 -0.01
C ARG D 289 -1.39 -42.48 1.44
N ASP D 290 -0.51 -42.90 2.35
CA ASP D 290 -0.65 -42.55 3.75
C ASP D 290 -0.43 -41.07 3.99
N VAL D 291 0.44 -40.46 3.18
CA VAL D 291 0.72 -39.03 3.31
C VAL D 291 -0.30 -38.18 2.54
N PHE D 292 -1.07 -38.83 1.66
CA PHE D 292 -2.09 -38.17 0.88
C PHE D 292 -3.35 -38.01 1.73
N ASP D 293 -3.68 -39.08 2.45
CA ASP D 293 -4.86 -39.10 3.31
C ASP D 293 -4.74 -38.24 4.55
N GLU D 294 -3.53 -38.17 5.11
CA GLU D 294 -3.29 -37.38 6.29
C GLU D 294 -3.36 -35.89 5.94
N SER D 295 -2.93 -35.57 4.72
CA SER D 295 -2.95 -34.18 4.24
C SER D 295 -4.40 -33.78 3.98
N MET D 296 -5.13 -34.67 3.33
CA MET D 296 -6.52 -34.44 3.00
C MET D 296 -7.30 -34.35 4.31
N LYS D 297 -7.02 -35.26 5.23
CA LYS D 297 -7.67 -35.30 6.53
C LYS D 297 -7.47 -33.98 7.28
N ARG D 298 -6.23 -33.51 7.31
CA ARG D 298 -5.89 -32.27 7.97
C ARG D 298 -6.55 -31.10 7.25
N TYR D 299 -6.52 -31.14 5.92
CA TYR D 299 -7.12 -30.11 5.09
C TYR D 299 -8.59 -29.90 5.42
N LEU D 300 -9.32 -31.01 5.54
CA LEU D 300 -10.74 -30.97 5.83
C LEU D 300 -11.08 -30.66 7.29
N GLU D 301 -10.27 -31.19 8.19
CA GLU D 301 -10.43 -30.97 9.63
C GLU D 301 -10.39 -29.47 9.89
N VAL D 302 -9.37 -28.83 9.31
CA VAL D 302 -9.14 -27.39 9.46
C VAL D 302 -10.19 -26.52 8.77
N LEU D 303 -10.59 -26.93 7.57
CA LEU D 303 -11.57 -26.20 6.79
C LEU D 303 -12.89 -26.07 7.54
N ARG D 304 -13.44 -27.21 7.94
CA ARG D 304 -14.70 -27.27 8.66
C ARG D 304 -14.63 -26.60 10.03
N GLY D 305 -13.43 -26.60 10.63
CA GLY D 305 -13.23 -25.99 11.93
C GLY D 305 -12.87 -24.51 11.86
N SER D 306 -12.74 -23.98 10.65
CA SER D 306 -12.43 -22.58 10.39
C SER D 306 -13.51 -21.65 10.94
N PRO D 307 -13.10 -20.43 11.36
CA PRO D 307 -14.04 -19.42 11.89
C PRO D 307 -15.01 -19.00 10.79
N ALA D 308 -16.26 -18.77 11.19
CA ALA D 308 -17.29 -18.35 10.23
C ALA D 308 -17.84 -16.97 10.59
N ARG D 309 -18.68 -16.43 9.71
CA ARG D 309 -19.30 -15.14 9.90
C ARG D 309 -20.44 -15.29 10.90
N GLU D 310 -21.22 -14.24 11.09
CA GLU D 310 -22.34 -14.28 12.04
C GLU D 310 -23.42 -15.27 11.65
N ASP D 311 -23.62 -16.27 12.50
CA ASP D 311 -24.63 -17.30 12.28
C ASP D 311 -24.47 -18.04 10.96
N CYS D 312 -23.22 -18.15 10.51
CA CYS D 312 -22.91 -18.83 9.27
C CYS D 312 -22.10 -20.10 9.55
N LYS D 313 -21.87 -20.87 8.50
CA LYS D 313 -21.12 -22.10 8.62
C LYS D 313 -20.26 -22.29 7.38
N VAL D 314 -19.04 -22.76 7.62
CA VAL D 314 -18.10 -23.03 6.53
C VAL D 314 -18.10 -24.53 6.26
N MET D 315 -17.95 -24.89 5.00
CA MET D 315 -17.92 -26.30 4.61
C MET D 315 -17.18 -26.52 3.32
N ALA D 316 -16.72 -27.76 3.13
CA ALA D 316 -15.99 -28.13 1.93
C ALA D 316 -16.97 -28.48 0.83
N PRO D 317 -16.49 -28.57 -0.43
CA PRO D 317 -17.37 -28.92 -1.54
C PRO D 317 -17.88 -30.34 -1.36
N GLY D 318 -19.20 -30.51 -1.40
CA GLY D 318 -19.78 -31.83 -1.20
C GLY D 318 -20.40 -32.00 0.17
N ASP D 319 -19.98 -31.19 1.14
CA ASP D 319 -20.49 -31.26 2.51
C ASP D 319 -22.00 -31.06 2.63
N ARG D 320 -22.54 -30.16 1.81
CA ARG D 320 -23.97 -29.90 1.82
C ARG D 320 -24.71 -31.09 1.23
N GLU D 321 -24.10 -31.73 0.24
CA GLU D 321 -24.68 -32.89 -0.43
C GLU D 321 -24.64 -34.14 0.44
N TRP D 322 -23.65 -34.26 1.30
CA TRP D 322 -23.54 -35.42 2.18
C TRP D 322 -24.49 -35.28 3.36
N ALA D 323 -24.92 -34.05 3.63
CA ALA D 323 -25.86 -33.78 4.72
C ALA D 323 -27.27 -34.19 4.29
N VAL D 324 -27.63 -33.86 3.05
CA VAL D 324 -28.95 -34.22 2.53
C VAL D 324 -28.97 -35.69 2.11
N ALA D 325 -27.81 -36.22 1.72
CA ALA D 325 -27.71 -37.61 1.31
C ALA D 325 -28.03 -38.50 2.48
N ALA D 326 -27.48 -38.17 3.65
CA ALA D 326 -27.69 -38.95 4.87
C ALA D 326 -29.16 -38.88 5.30
N LYS D 327 -29.79 -37.73 5.08
CA LYS D 327 -31.19 -37.51 5.42
C LYS D 327 -32.09 -38.31 4.48
N ARG D 328 -31.73 -38.37 3.20
CA ARG D 328 -32.51 -39.13 2.25
C ARG D 328 -32.25 -40.62 2.34
N GLU D 329 -31.27 -41.01 3.14
CA GLU D 329 -30.96 -42.43 3.32
C GLU D 329 -32.03 -43.03 4.22
N ARG D 330 -32.30 -42.36 5.34
CA ARG D 330 -33.30 -42.83 6.28
C ARG D 330 -34.70 -42.29 6.05
N GLU D 331 -34.84 -40.97 5.92
CA GLU D 331 -36.13 -40.33 5.71
C GLU D 331 -36.72 -40.56 4.30
N GLY D 332 -35.88 -40.55 3.28
CA GLY D 332 -36.33 -40.73 1.92
C GLY D 332 -36.37 -39.42 1.14
N ALA D 333 -36.43 -39.52 -0.18
CA ALA D 333 -36.43 -38.33 -1.03
C ALA D 333 -37.83 -37.77 -1.26
N PRO D 334 -37.98 -36.45 -1.14
CA PRO D 334 -39.29 -35.85 -1.37
C PRO D 334 -39.64 -35.82 -2.84
N VAL D 335 -40.89 -36.17 -3.13
CA VAL D 335 -41.42 -36.18 -4.49
C VAL D 335 -42.70 -35.36 -4.45
N ASP D 336 -42.69 -34.23 -5.15
CA ASP D 336 -43.87 -33.37 -5.17
C ASP D 336 -45.03 -34.06 -5.88
N PRO D 337 -46.25 -33.51 -5.76
CA PRO D 337 -47.43 -34.08 -6.40
C PRO D 337 -47.40 -34.25 -7.92
N VAL D 338 -46.92 -33.24 -8.65
CA VAL D 338 -46.88 -33.34 -10.12
C VAL D 338 -45.86 -34.30 -10.71
N THR D 339 -44.75 -34.52 -10.02
CA THR D 339 -43.74 -35.46 -10.51
C THR D 339 -44.22 -36.88 -10.19
N ARG D 340 -44.95 -37.00 -9.08
CA ARG D 340 -45.50 -38.29 -8.64
C ARG D 340 -46.57 -38.75 -9.64
N ALA D 341 -47.32 -37.79 -10.15
CA ALA D 341 -48.39 -38.04 -11.12
C ALA D 341 -47.80 -38.51 -12.44
N ALA D 342 -46.60 -38.01 -12.75
CA ALA D 342 -45.92 -38.39 -13.98
C ALA D 342 -45.42 -39.82 -13.82
N PHE D 343 -45.08 -40.20 -12.59
CA PHE D 343 -44.60 -41.54 -12.30
C PHE D 343 -45.74 -42.56 -12.42
N SER D 344 -46.96 -42.13 -12.12
CA SER D 344 -48.14 -42.98 -12.21
C SER D 344 -48.57 -43.30 -13.65
N GLU D 345 -48.46 -42.32 -14.55
CA GLU D 345 -48.85 -42.55 -15.93
C GLU D 345 -47.73 -43.25 -16.70
N LEU D 346 -46.51 -43.15 -16.19
CA LEU D 346 -45.36 -43.82 -16.79
C LEU D 346 -45.46 -45.29 -16.38
N ALA D 347 -45.93 -45.51 -15.16
CA ALA D 347 -46.11 -46.84 -14.61
C ALA D 347 -47.26 -47.53 -15.34
N GLU D 348 -48.29 -46.75 -15.64
CA GLU D 348 -49.47 -47.25 -16.33
C GLU D 348 -49.11 -47.62 -17.76
N LYS D 349 -48.39 -46.72 -18.43
CA LYS D 349 -47.94 -46.88 -19.81
C LYS D 349 -47.00 -48.05 -20.06
N PHE D 350 -45.98 -48.20 -19.22
CA PHE D 350 -45.01 -49.28 -19.38
C PHE D 350 -45.25 -50.55 -18.59
N SER D 351 -46.34 -50.58 -17.82
CA SER D 351 -46.69 -51.76 -17.02
C SER D 351 -45.66 -52.08 -15.93
N VAL D 352 -45.22 -51.05 -15.23
CA VAL D 352 -44.26 -51.21 -14.15
C VAL D 352 -44.85 -50.67 -12.85
N SER D 353 -44.47 -51.28 -11.73
CA SER D 353 -44.97 -50.86 -10.43
C SER D 353 -44.42 -49.49 -10.05
N PRO D 354 -45.31 -48.58 -9.60
CA PRO D 354 -44.91 -47.23 -9.18
C PRO D 354 -44.24 -47.28 -7.82
N PRO D 355 -43.48 -46.22 -7.48
CA PRO D 355 -42.80 -46.21 -6.19
C PRO D 355 -43.78 -46.15 -5.02
N THR D 356 -43.56 -46.95 -3.99
CA THR D 356 -44.40 -46.92 -2.79
C THR D 356 -44.00 -45.62 -2.09
N TYR D 357 -44.98 -44.92 -1.51
CA TYR D 357 -44.78 -43.64 -0.84
C TYR D 357 -45.02 -43.63 0.68
N HIS D 358 -44.88 -42.46 1.29
CA HIS D 358 -45.14 -42.24 2.72
C HIS D 358 -44.89 -40.79 3.16
PA NAD E . 23.07 19.43 19.54
O1A NAD E . 22.99 18.98 18.14
O2A NAD E . 24.06 18.78 20.43
O5B NAD E . 21.62 19.31 20.23
C5B NAD E . 20.51 20.08 19.77
C4B NAD E . 19.28 19.37 20.29
O4B NAD E . 18.92 17.99 20.24
C3B NAD E . 19.31 19.85 21.73
O3B NAD E . 18.12 20.60 22.04
C2B NAD E . 19.44 18.53 22.50
O2B NAD E . 18.84 18.63 23.79
C1B NAD E . 18.72 17.53 21.60
N9A NAD E . 19.23 16.14 21.76
C8A NAD E . 20.51 15.77 21.71
N7A NAD E . 20.59 14.43 21.91
C5A NAD E . 19.37 13.98 22.08
C6A NAD E . 18.81 12.70 22.32
N6A NAD E . 19.59 11.63 22.41
N1A NAD E . 17.46 12.59 22.46
C2A NAD E . 16.66 13.66 22.36
N3A NAD E . 17.16 14.87 22.13
C4A NAD E . 18.49 15.07 22.00
O3 NAD E . 23.35 21.01 19.56
PN NAD E . 23.76 21.87 18.27
O1N NAD E . 22.70 21.88 17.24
O2N NAD E . 25.08 21.37 17.86
O5D NAD E . 23.94 23.36 18.86
C5D NAD E . 24.91 23.58 19.90
C4D NAD E . 24.96 25.05 20.31
O4D NAD E . 25.46 25.84 19.22
C3D NAD E . 23.59 25.61 20.66
O3D NAD E . 23.58 26.09 22.02
C2D NAD E . 23.40 26.71 19.65
O2D NAD E . 22.60 27.80 20.14
C1D NAD E . 24.82 27.13 19.36
N1N NAD E . 24.91 27.93 18.13
C2N NAD E . 25.04 29.32 18.18
C3N NAD E . 25.13 30.08 17.00
C7N NAD E . 25.27 31.60 17.02
O7N NAD E . 25.34 32.26 15.98
N7N NAD E . 25.30 32.15 18.24
C4N NAD E . 25.08 29.41 15.77
C5N NAD E . 24.96 28.02 15.70
C6N NAD E . 24.87 27.27 16.87
PA NAD F . 8.85 16.68 1.04
O1A NAD F . 9.73 15.98 2.01
O2A NAD F . 8.72 16.11 -0.31
O5B NAD F . 9.31 18.20 0.88
C5B NAD F . 9.18 19.14 1.95
C4B NAD F . 10.12 20.24 1.60
O4B NAD F . 11.45 20.20 1.11
C3B NAD F . 9.24 21.02 0.64
O3B NAD F . 9.01 22.35 1.11
C2B NAD F . 10.04 20.99 -0.66
O2B NAD F . 9.77 22.17 -1.43
C1B NAD F . 11.50 20.94 -0.15
N9A NAD F . 12.43 20.26 -1.09
C8A NAD F . 12.30 19.05 -1.61
N7A NAD F . 13.35 18.78 -2.41
C5A NAD F . 14.15 19.83 -2.40
C6A NAD F . 15.37 20.16 -3.03
N6A NAD F . 15.97 19.28 -3.84
N1A NAD F . 15.94 21.36 -2.79
C2A NAD F . 15.36 22.25 -1.97
N3A NAD F . 14.21 21.98 -1.37
C4A NAD F . 13.58 20.79 -1.55
O3 NAD F . 7.37 16.81 1.68
PN NAD F . 6.86 15.95 2.96
O1N NAD F . 7.61 16.30 4.18
O2N NAD F . 6.90 14.54 2.57
O5D NAD F . 5.34 16.44 3.13
C5D NAD F . 4.41 16.22 2.06
C4D NAD F . 3.00 16.71 2.41
O4D NAD F . 2.49 15.94 3.52
C3D NAD F . 2.96 18.17 2.84
O3D NAD F . 2.12 18.95 1.97
C2D NAD F . 2.41 18.10 4.26
O2D NAD F . 1.62 19.23 4.60
C1D NAD F . 1.59 16.83 4.20
N1N NAD F . 1.26 16.33 5.54
C2N NAD F . -0.01 16.59 6.10
C3N NAD F . -0.33 16.11 7.37
C7N NAD F . -1.70 16.37 8.01
O7N NAD F . -1.97 15.95 9.12
N7N NAD F . -2.56 17.08 7.25
C4N NAD F . 0.65 15.37 8.08
C5N NAD F . 1.90 15.11 7.53
C6N NAD F . 2.22 15.58 6.27
PA NAD G . -7.02 -10.82 -13.60
O1A NAD G . -8.13 -11.00 -12.64
O2A NAD G . -6.65 -9.43 -13.99
O5B NAD G . -7.33 -11.65 -14.95
C5B NAD G . -7.45 -13.08 -14.94
C4B NAD G . -8.21 -13.42 -16.19
O4B NAD G . -9.43 -12.88 -16.72
C3B NAD G . -7.09 -13.28 -17.21
O3B NAD G . -6.85 -14.54 -17.87
C2B NAD G . -7.64 -12.18 -18.12
O2B NAD G . -7.13 -12.33 -19.46
C1B NAD G . -9.16 -12.40 -18.06
N9A NAD G . -9.91 -11.12 -18.31
C8A NAD G . -9.70 -9.96 -17.72
N7A NAD G . -10.57 -9.04 -18.20
C5A NAD G . -11.32 -9.65 -19.10
C6A NAD G . -12.38 -9.25 -19.94
N6A NAD G . -12.83 -7.99 -19.91
N1A NAD G . -12.94 -10.16 -20.77
C2A NAD G . -12.52 -11.42 -20.82
N3A NAD G . -11.51 -11.84 -20.04
C4A NAD G . -10.90 -10.98 -19.19
O3 NAD G . -5.71 -11.55 -13.03
PN NAD G . -5.57 -12.09 -11.53
O1N NAD G . -6.53 -13.18 -11.23
O2N NAD G . -5.64 -10.90 -10.66
O5D NAD G . -4.08 -12.68 -11.50
C5D NAD G . -2.98 -11.80 -11.77
C4D NAD G . -1.63 -12.52 -11.67
O4D NAD G . -1.41 -12.92 -10.31
C3D NAD G . -1.58 -13.78 -12.52
O3D NAD G . -0.53 -13.71 -13.48
C2D NAD G . -1.36 -14.87 -11.48
O2D NAD G . -0.61 -15.98 -11.98
C1D NAD G . -0.62 -14.12 -10.40
N1N NAD G . -0.62 -14.86 -9.13
C2N NAD G . 0.52 -15.58 -8.71
C3N NAD G . 0.50 -16.29 -7.50
C7N NAD G . 1.72 -17.07 -7.02
O7N NAD G . 1.70 -17.70 -5.96
N7N NAD G . 2.78 -17.04 -7.83
C4N NAD G . -0.66 -16.26 -6.72
C5N NAD G . -1.79 -15.56 -7.12
C6N NAD G . -1.79 -14.86 -8.31
PA NAD H . -24.42 -25.06 -6.83
O1A NAD H . -24.10 -23.72 -7.35
O2A NAD H . -25.62 -25.19 -5.96
O5B NAD H . -23.16 -25.65 -6.03
C5B NAD H . -21.97 -26.03 -6.70
C4B NAD H . -20.95 -26.06 -5.62
O4B NAD H . -20.69 -25.17 -4.54
C3B NAD H . -21.21 -27.46 -5.07
O3B NAD H . -20.05 -28.29 -5.20
C2B NAD H . -21.59 -27.18 -3.63
O2B NAD H . -21.21 -28.30 -2.80
C1B NAD H . -20.77 -25.92 -3.30
N9A NAD H . -21.39 -25.07 -2.24
C8A NAD H . -22.64 -24.61 -2.23
N7A NAD H . -22.84 -23.88 -1.12
C5A NAD H . -21.73 -23.90 -0.42
C6A NAD H . -21.31 -23.33 0.82
N6A NAD H . -22.16 -22.59 1.54
N1A NAD H . -20.06 -23.55 1.26
C2A NAD H . -19.19 -24.28 0.55
N3A NAD H . -19.54 -24.83 -0.61
C4A NAD H . -20.79 -24.66 -1.12
O3 NAD H . -24.60 -26.08 -8.07
PN NAD H . -24.79 -25.60 -9.60
O1N NAD H . -23.61 -24.89 -10.10
O2N NAD H . -26.05 -24.85 -9.65
O5D NAD H . -24.94 -26.99 -10.41
C5D NAD H . -26.03 -27.86 -10.07
C4D NAD H . -26.06 -29.11 -10.96
O4D NAD H . -26.26 -28.73 -12.33
C3D NAD H . -24.75 -29.90 -10.93
O3D NAD H . -24.97 -31.23 -10.44
C2D NAD H . -24.29 -29.89 -12.37
O2D NAD H . -23.57 -31.07 -12.73
C1D NAD H . -25.60 -29.75 -13.11
N1N NAD H . -25.41 -29.32 -14.50
C2N NAD H . -25.44 -30.27 -15.54
C3N NAD H . -25.26 -29.87 -16.87
C7N NAD H . -25.29 -30.89 -18.02
O7N NAD H . -25.14 -30.54 -19.19
N7N NAD H . -25.49 -32.17 -17.66
C4N NAD H . -25.06 -28.51 -17.13
C5N NAD H . -25.02 -27.56 -16.11
C6N NAD H . -25.20 -27.94 -14.78
#